data_7DGU
# 
_entry.id   7DGU 
# 
_audit_conform.dict_name       mmcif_pdbx.dic 
_audit_conform.dict_version    5.392 
_audit_conform.dict_location   http://mmcif.pdb.org/dictionaries/ascii/mmcif_pdbx.dic 
# 
loop_
_database_2.database_id 
_database_2.database_code 
_database_2.pdbx_database_accession 
_database_2.pdbx_DOI 
PDB   7DGU         pdb_00007dgu 10.2210/pdb7dgu/pdb 
WWPDB D_1300019343 ?            ?                   
# 
loop_
_pdbx_audit_revision_history.ordinal 
_pdbx_audit_revision_history.data_content_type 
_pdbx_audit_revision_history.major_revision 
_pdbx_audit_revision_history.minor_revision 
_pdbx_audit_revision_history.revision_date 
1 'Structure model' 1 0 2021-11-24 
2 'Structure model' 1 1 2022-02-16 
3 'Structure model' 1 2 2022-02-23 
4 'Structure model' 1 3 2022-03-02 
5 'Structure model' 1 4 2024-05-29 
# 
_pdbx_audit_revision_details.ordinal             1 
_pdbx_audit_revision_details.revision_ordinal    1 
_pdbx_audit_revision_details.data_content_type   'Structure model' 
_pdbx_audit_revision_details.provider            repository 
_pdbx_audit_revision_details.type                'Initial release' 
_pdbx_audit_revision_details.description         ? 
_pdbx_audit_revision_details.details             ? 
# 
loop_
_pdbx_audit_revision_group.ordinal 
_pdbx_audit_revision_group.revision_ordinal 
_pdbx_audit_revision_group.data_content_type 
_pdbx_audit_revision_group.group 
1 2 'Structure model' 'Database references' 
2 3 'Structure model' 'Database references' 
3 3 'Structure model' 'Structure summary'   
4 4 'Structure model' 'Database references' 
5 5 'Structure model' 'Data collection'     
# 
loop_
_pdbx_audit_revision_category.ordinal 
_pdbx_audit_revision_category.revision_ordinal 
_pdbx_audit_revision_category.data_content_type 
_pdbx_audit_revision_category.category 
1 2 'Structure model' citation        
2 2 'Structure model' citation_author 
3 3 'Structure model' citation        
4 3 'Structure model' citation_author 
5 3 'Structure model' entity          
6 3 'Structure model' struct          
7 4 'Structure model' citation        
8 5 'Structure model' chem_comp_atom  
9 5 'Structure model' chem_comp_bond  
# 
loop_
_pdbx_audit_revision_item.ordinal 
_pdbx_audit_revision_item.revision_ordinal 
_pdbx_audit_revision_item.data_content_type 
_pdbx_audit_revision_item.item 
1  2 'Structure model' '_citation.country'                 
2  2 'Structure model' '_citation.journal_abbrev'          
3  2 'Structure model' '_citation.journal_id_ASTM'         
4  2 'Structure model' '_citation.journal_id_CSD'          
5  2 'Structure model' '_citation.journal_id_ISSN'         
6  2 'Structure model' '_citation.pdbx_database_id_DOI'    
7  2 'Structure model' '_citation.title'                   
8  2 'Structure model' '_citation.year'                    
9  3 'Structure model' '_citation.pdbx_database_id_PubMed' 
10 3 'Structure model' '_citation.title'                   
11 3 'Structure model' '_citation_author.identifier_ORCID' 
12 3 'Structure model' '_entity.pdbx_description'          
13 3 'Structure model' '_struct.title'                     
14 4 'Structure model' '_citation.journal_volume'          
15 4 'Structure model' '_citation.page_first'              
16 4 'Structure model' '_citation.page_last'               
# 
_pdbx_database_status.status_code                     REL 
_pdbx_database_status.status_code_sf                  REL 
_pdbx_database_status.status_code_mr                  ? 
_pdbx_database_status.entry_id                        7DGU 
_pdbx_database_status.recvd_initial_deposition_date   2020-11-12 
_pdbx_database_status.SG_entry                        N 
_pdbx_database_status.deposit_site                    PDBJ 
_pdbx_database_status.process_site                    PDBJ 
_pdbx_database_status.status_code_cs                  ? 
_pdbx_database_status.status_code_nmr_data            ? 
_pdbx_database_status.methods_development_category    ? 
_pdbx_database_status.pdb_format_compatible           Y 
# 
loop_
_audit_author.name 
_audit_author.pdbx_ordinal 
_audit_author.identifier_ORCID 
'Xu, Y.'   1 0000-0003-3335-3278 
'Liao, S.' 2 0000-0002-5083-667X 
'Chen, Q.' 3 0000-0002-3301-3065 
'Liu, H.'  4 0000-0002-5926-820X 
# 
_citation.abstract                  ? 
_citation.abstract_id_CAS           ? 
_citation.book_id_ISBN              ? 
_citation.book_publisher            ? 
_citation.book_publisher_city       ? 
_citation.book_title                ? 
_citation.coordinate_linkage        ? 
_citation.country                   UK 
_citation.database_id_Medline       ? 
_citation.details                   ? 
_citation.id                        primary 
_citation.journal_abbrev            Nature 
_citation.journal_id_ASTM           NATUAS 
_citation.journal_id_CSD            0006 
_citation.journal_id_ISSN           1476-4687 
_citation.journal_full              ? 
_citation.journal_issue             ? 
_citation.journal_volume            602 
_citation.language                  ? 
_citation.page_first                523 
_citation.page_last                 528 
_citation.title                     'A backbone-centred energy function of neural networks for protein design.' 
_citation.year                      2022 
_citation.database_id_CSD           ? 
_citation.pdbx_database_id_DOI      10.1038/s41586-021-04383-5 
_citation.pdbx_database_id_PubMed   35140398 
_citation.unpublished_flag          ? 
# 
loop_
_citation_author.citation_id 
_citation_author.name 
_citation_author.ordinal 
_citation_author.identifier_ORCID 
primary 'Huang, B.' 1  ? 
primary 'Xu, Y.'    2  ? 
primary 'Hu, X.'    3  ? 
primary 'Liu, Y.'   4  ? 
primary 'Liao, S.'  5  ? 
primary 'Zhang, J.' 6  ? 
primary 'Huang, C.' 7  ? 
primary 'Hong, J.'  8  ? 
primary 'Chen, Q.'  9  ? 
primary 'Liu, H.'   10 ? 
# 
loop_
_entity.id 
_entity.type 
_entity.src_method 
_entity.pdbx_description 
_entity.formula_weight 
_entity.pdbx_number_of_molecules 
_entity.pdbx_ec 
_entity.pdbx_mutation 
_entity.pdbx_fragment 
_entity.details 
1 polymer man 'de novo designed protein H4A1R' 12029.239 1  ? ? ? ? 
2 water   nat water                            18.015    66 ? ? ? ? 
# 
_entity_poly.entity_id                      1 
_entity_poly.type                           'polypeptide(L)' 
_entity_poly.nstd_linkage                   no 
_entity_poly.nstd_monomer                   no 
_entity_poly.pdbx_seq_one_letter_code       
;MGDEYKKYYQQAIQLIQQLKKALEGNPEMKKLADKVLALLKQAYAAFKAGRSPEEIRALLRKAIEAAKKLAKLGASLGGF
DLAKRIIELLKKMYELGGLEHHHHHH
;
_entity_poly.pdbx_seq_one_letter_code_can   
;MGDEYKKYYQQAIQLIQQLKKALEGNPEMKKLADKVLALLKQAYAAFKAGRSPEEIRALLRKAIEAAKKLAKLGASLGGF
DLAKRIIELLKKMYELGGLEHHHHHH
;
_entity_poly.pdbx_strand_id                 A 
_entity_poly.pdbx_target_identifier         ? 
# 
_pdbx_entity_nonpoly.entity_id   2 
_pdbx_entity_nonpoly.name        water 
_pdbx_entity_nonpoly.comp_id     HOH 
# 
loop_
_entity_poly_seq.entity_id 
_entity_poly_seq.num 
_entity_poly_seq.mon_id 
_entity_poly_seq.hetero 
1 1   MET n 
1 2   GLY n 
1 3   ASP n 
1 4   GLU n 
1 5   TYR n 
1 6   LYS n 
1 7   LYS n 
1 8   TYR n 
1 9   TYR n 
1 10  GLN n 
1 11  GLN n 
1 12  ALA n 
1 13  ILE n 
1 14  GLN n 
1 15  LEU n 
1 16  ILE n 
1 17  GLN n 
1 18  GLN n 
1 19  LEU n 
1 20  LYS n 
1 21  LYS n 
1 22  ALA n 
1 23  LEU n 
1 24  GLU n 
1 25  GLY n 
1 26  ASN n 
1 27  PRO n 
1 28  GLU n 
1 29  MET n 
1 30  LYS n 
1 31  LYS n 
1 32  LEU n 
1 33  ALA n 
1 34  ASP n 
1 35  LYS n 
1 36  VAL n 
1 37  LEU n 
1 38  ALA n 
1 39  LEU n 
1 40  LEU n 
1 41  LYS n 
1 42  GLN n 
1 43  ALA n 
1 44  TYR n 
1 45  ALA n 
1 46  ALA n 
1 47  PHE n 
1 48  LYS n 
1 49  ALA n 
1 50  GLY n 
1 51  ARG n 
1 52  SER n 
1 53  PRO n 
1 54  GLU n 
1 55  GLU n 
1 56  ILE n 
1 57  ARG n 
1 58  ALA n 
1 59  LEU n 
1 60  LEU n 
1 61  ARG n 
1 62  LYS n 
1 63  ALA n 
1 64  ILE n 
1 65  GLU n 
1 66  ALA n 
1 67  ALA n 
1 68  LYS n 
1 69  LYS n 
1 70  LEU n 
1 71  ALA n 
1 72  LYS n 
1 73  LEU n 
1 74  GLY n 
1 75  ALA n 
1 76  SER n 
1 77  LEU n 
1 78  GLY n 
1 79  GLY n 
1 80  PHE n 
1 81  ASP n 
1 82  LEU n 
1 83  ALA n 
1 84  LYS n 
1 85  ARG n 
1 86  ILE n 
1 87  ILE n 
1 88  GLU n 
1 89  LEU n 
1 90  LEU n 
1 91  LYS n 
1 92  LYS n 
1 93  MET n 
1 94  TYR n 
1 95  GLU n 
1 96  LEU n 
1 97  GLY n 
1 98  GLY n 
1 99  LEU n 
1 100 GLU n 
1 101 HIS n 
1 102 HIS n 
1 103 HIS n 
1 104 HIS n 
1 105 HIS n 
1 106 HIS n 
# 
_entity_src_gen.entity_id                          1 
_entity_src_gen.pdbx_src_id                        1 
_entity_src_gen.pdbx_alt_source_flag               sample 
_entity_src_gen.pdbx_seq_type                      'Biological sequence' 
_entity_src_gen.pdbx_beg_seq_num                   1 
_entity_src_gen.pdbx_end_seq_num                   106 
_entity_src_gen.gene_src_common_name               ? 
_entity_src_gen.gene_src_genus                     ? 
_entity_src_gen.pdbx_gene_src_gene                 ? 
_entity_src_gen.gene_src_species                   ? 
_entity_src_gen.gene_src_strain                    ? 
_entity_src_gen.gene_src_tissue                    ? 
_entity_src_gen.gene_src_tissue_fraction           ? 
_entity_src_gen.gene_src_details                   ? 
_entity_src_gen.pdbx_gene_src_fragment             ? 
_entity_src_gen.pdbx_gene_src_scientific_name      
;Escherichia coli 'BL21-Gold(DE3)pLysS AG'
;
_entity_src_gen.pdbx_gene_src_ncbi_taxonomy_id     866768 
_entity_src_gen.pdbx_gene_src_variant              ? 
_entity_src_gen.pdbx_gene_src_cell_line            ? 
_entity_src_gen.pdbx_gene_src_atcc                 ? 
_entity_src_gen.pdbx_gene_src_organ                ? 
_entity_src_gen.pdbx_gene_src_organelle            ? 
_entity_src_gen.pdbx_gene_src_cell                 ? 
_entity_src_gen.pdbx_gene_src_cellular_location    ? 
_entity_src_gen.host_org_common_name               ? 
_entity_src_gen.pdbx_host_org_scientific_name      
;Escherichia coli 'BL21-Gold(DE3)pLysS AG'
;
_entity_src_gen.pdbx_host_org_ncbi_taxonomy_id     866768 
_entity_src_gen.host_org_genus                     ? 
_entity_src_gen.pdbx_host_org_gene                 ? 
_entity_src_gen.pdbx_host_org_organ                ? 
_entity_src_gen.host_org_species                   ? 
_entity_src_gen.pdbx_host_org_tissue               ? 
_entity_src_gen.pdbx_host_org_tissue_fraction      ? 
_entity_src_gen.pdbx_host_org_strain               ? 
_entity_src_gen.pdbx_host_org_variant              ? 
_entity_src_gen.pdbx_host_org_cell_line            ? 
_entity_src_gen.pdbx_host_org_atcc                 ? 
_entity_src_gen.pdbx_host_org_culture_collection   ? 
_entity_src_gen.pdbx_host_org_cell                 ? 
_entity_src_gen.pdbx_host_org_organelle            ? 
_entity_src_gen.pdbx_host_org_cellular_location    ? 
_entity_src_gen.pdbx_host_org_vector_type          ? 
_entity_src_gen.pdbx_host_org_vector               ? 
_entity_src_gen.host_org_details                   ? 
_entity_src_gen.expression_system_id               ? 
_entity_src_gen.plasmid_name                       ? 
_entity_src_gen.plasmid_details                    ? 
_entity_src_gen.pdbx_description                   ? 
# 
loop_
_chem_comp.id 
_chem_comp.type 
_chem_comp.mon_nstd_flag 
_chem_comp.name 
_chem_comp.pdbx_synonyms 
_chem_comp.formula 
_chem_comp.formula_weight 
ALA 'L-peptide linking' y ALANINE         ? 'C3 H7 N O2'     89.093  
ARG 'L-peptide linking' y ARGININE        ? 'C6 H15 N4 O2 1' 175.209 
ASN 'L-peptide linking' y ASPARAGINE      ? 'C4 H8 N2 O3'    132.118 
ASP 'L-peptide linking' y 'ASPARTIC ACID' ? 'C4 H7 N O4'     133.103 
GLN 'L-peptide linking' y GLUTAMINE       ? 'C5 H10 N2 O3'   146.144 
GLU 'L-peptide linking' y 'GLUTAMIC ACID' ? 'C5 H9 N O4'     147.129 
GLY 'peptide linking'   y GLYCINE         ? 'C2 H5 N O2'     75.067  
HIS 'L-peptide linking' y HISTIDINE       ? 'C6 H10 N3 O2 1' 156.162 
HOH non-polymer         . WATER           ? 'H2 O'           18.015  
ILE 'L-peptide linking' y ISOLEUCINE      ? 'C6 H13 N O2'    131.173 
LEU 'L-peptide linking' y LEUCINE         ? 'C6 H13 N O2'    131.173 
LYS 'L-peptide linking' y LYSINE          ? 'C6 H15 N2 O2 1' 147.195 
MET 'L-peptide linking' y METHIONINE      ? 'C5 H11 N O2 S'  149.211 
PHE 'L-peptide linking' y PHENYLALANINE   ? 'C9 H11 N O2'    165.189 
PRO 'L-peptide linking' y PROLINE         ? 'C5 H9 N O2'     115.130 
SER 'L-peptide linking' y SERINE          ? 'C3 H7 N O3'     105.093 
TYR 'L-peptide linking' y TYROSINE        ? 'C9 H11 N O3'    181.189 
VAL 'L-peptide linking' y VALINE          ? 'C5 H11 N O2'    117.146 
# 
loop_
_pdbx_poly_seq_scheme.asym_id 
_pdbx_poly_seq_scheme.entity_id 
_pdbx_poly_seq_scheme.seq_id 
_pdbx_poly_seq_scheme.mon_id 
_pdbx_poly_seq_scheme.ndb_seq_num 
_pdbx_poly_seq_scheme.pdb_seq_num 
_pdbx_poly_seq_scheme.auth_seq_num 
_pdbx_poly_seq_scheme.pdb_mon_id 
_pdbx_poly_seq_scheme.auth_mon_id 
_pdbx_poly_seq_scheme.pdb_strand_id 
_pdbx_poly_seq_scheme.pdb_ins_code 
_pdbx_poly_seq_scheme.hetero 
A 1 1   MET 1   1   ?  ?   ?   A . n 
A 1 2   GLY 2   2   ?  ?   ?   A . n 
A 1 3   ASP 3   3   3  ASP ASP A . n 
A 1 4   GLU 4   4   4  GLU GLU A . n 
A 1 5   TYR 5   5   5  TYR TYR A . n 
A 1 6   LYS 6   6   6  LYS LYS A . n 
A 1 7   LYS 7   7   7  LYS LYS A . n 
A 1 8   TYR 8   8   8  TYR TYR A . n 
A 1 9   TYR 9   9   9  TYR TYR A . n 
A 1 10  GLN 10  10  10 GLN GLN A . n 
A 1 11  GLN 11  11  11 GLN GLN A . n 
A 1 12  ALA 12  12  12 ALA ALA A . n 
A 1 13  ILE 13  13  13 ILE ILE A . n 
A 1 14  GLN 14  14  14 GLN GLN A . n 
A 1 15  LEU 15  15  15 LEU LEU A . n 
A 1 16  ILE 16  16  16 ILE ILE A . n 
A 1 17  GLN 17  17  17 GLN GLN A . n 
A 1 18  GLN 18  18  18 GLN GLN A . n 
A 1 19  LEU 19  19  19 LEU LEU A . n 
A 1 20  LYS 20  20  20 LYS LYS A . n 
A 1 21  LYS 21  21  21 LYS LYS A . n 
A 1 22  ALA 22  22  22 ALA ALA A . n 
A 1 23  LEU 23  23  23 LEU LEU A . n 
A 1 24  GLU 24  24  24 GLU GLU A . n 
A 1 25  GLY 25  25  25 GLY GLY A . n 
A 1 26  ASN 26  26  26 ASN ASN A . n 
A 1 27  PRO 27  27  27 PRO PRO A . n 
A 1 28  GLU 28  28  28 GLU GLU A . n 
A 1 29  MET 29  29  29 MET MET A . n 
A 1 30  LYS 30  30  30 LYS LYS A . n 
A 1 31  LYS 31  31  31 LYS LYS A . n 
A 1 32  LEU 32  32  32 LEU LEU A . n 
A 1 33  ALA 33  33  33 ALA ALA A . n 
A 1 34  ASP 34  34  34 ASP ASP A . n 
A 1 35  LYS 35  35  35 LYS LYS A . n 
A 1 36  VAL 36  36  36 VAL VAL A . n 
A 1 37  LEU 37  37  37 LEU LEU A . n 
A 1 38  ALA 38  38  38 ALA ALA A . n 
A 1 39  LEU 39  39  39 LEU LEU A . n 
A 1 40  LEU 40  40  40 LEU LEU A . n 
A 1 41  LYS 41  41  41 LYS LYS A . n 
A 1 42  GLN 42  42  42 GLN GLN A . n 
A 1 43  ALA 43  43  43 ALA ALA A . n 
A 1 44  TYR 44  44  44 TYR TYR A . n 
A 1 45  ALA 45  45  45 ALA ALA A . n 
A 1 46  ALA 46  46  46 ALA ALA A . n 
A 1 47  PHE 47  47  47 PHE PHE A . n 
A 1 48  LYS 48  48  48 LYS LYS A . n 
A 1 49  ALA 49  49  49 ALA ALA A . n 
A 1 50  GLY 50  50  50 GLY GLY A . n 
A 1 51  ARG 51  51  51 ARG ARG A . n 
A 1 52  SER 52  52  52 SER SER A . n 
A 1 53  PRO 53  53  53 PRO PRO A . n 
A 1 54  GLU 54  54  54 GLU GLU A . n 
A 1 55  GLU 55  55  55 GLU GLU A . n 
A 1 56  ILE 56  56  56 ILE ILE A . n 
A 1 57  ARG 57  57  57 ARG ARG A . n 
A 1 58  ALA 58  58  58 ALA ALA A . n 
A 1 59  LEU 59  59  59 LEU LEU A . n 
A 1 60  LEU 60  60  60 LEU LEU A . n 
A 1 61  ARG 61  61  61 ARG ARG A . n 
A 1 62  LYS 62  62  62 LYS LYS A . n 
A 1 63  ALA 63  63  63 ALA ALA A . n 
A 1 64  ILE 64  64  64 ILE ILE A . n 
A 1 65  GLU 65  65  65 GLU GLU A . n 
A 1 66  ALA 66  66  66 ALA ALA A . n 
A 1 67  ALA 67  67  67 ALA ALA A . n 
A 1 68  LYS 68  68  68 LYS LYS A . n 
A 1 69  LYS 69  69  69 LYS LYS A . n 
A 1 70  LEU 70  70  70 LEU LEU A . n 
A 1 71  ALA 71  71  71 ALA ALA A . n 
A 1 72  LYS 72  72  72 LYS LYS A . n 
A 1 73  LEU 73  73  73 LEU LEU A . n 
A 1 74  GLY 74  74  74 GLY GLY A . n 
A 1 75  ALA 75  75  75 ALA ALA A . n 
A 1 76  SER 76  76  76 SER SER A . n 
A 1 77  LEU 77  77  77 LEU LEU A . n 
A 1 78  GLY 78  78  78 GLY GLY A . n 
A 1 79  GLY 79  79  79 GLY GLY A . n 
A 1 80  PHE 80  80  80 PHE PHE A . n 
A 1 81  ASP 81  81  81 ASP ASP A . n 
A 1 82  LEU 82  82  82 LEU LEU A . n 
A 1 83  ALA 83  83  83 ALA ALA A . n 
A 1 84  LYS 84  84  84 LYS LYS A . n 
A 1 85  ARG 85  85  85 ARG ARG A . n 
A 1 86  ILE 86  86  86 ILE ILE A . n 
A 1 87  ILE 87  87  87 ILE ILE A . n 
A 1 88  GLU 88  88  88 GLU GLU A . n 
A 1 89  LEU 89  89  89 LEU LEU A . n 
A 1 90  LEU 90  90  90 LEU LEU A . n 
A 1 91  LYS 91  91  91 LYS LYS A . n 
A 1 92  LYS 92  92  92 LYS LYS A . n 
A 1 93  MET 93  93  93 MET MET A . n 
A 1 94  TYR 94  94  94 TYR TYR A . n 
A 1 95  GLU 95  95  95 GLU GLU A . n 
A 1 96  LEU 96  96  96 LEU LEU A . n 
A 1 97  GLY 97  97  97 GLY GLY A . n 
A 1 98  GLY 98  98  98 GLY GLY A . n 
A 1 99  LEU 99  99  99 LEU LEU A . n 
A 1 100 GLU 100 100 ?  ?   ?   A . n 
A 1 101 HIS 101 101 ?  ?   ?   A . n 
A 1 102 HIS 102 102 ?  ?   ?   A . n 
A 1 103 HIS 103 103 ?  ?   ?   A . n 
A 1 104 HIS 104 104 ?  ?   ?   A . n 
A 1 105 HIS 105 105 ?  ?   ?   A . n 
A 1 106 HIS 106 106 ?  ?   ?   A . n 
# 
loop_
_pdbx_nonpoly_scheme.asym_id 
_pdbx_nonpoly_scheme.entity_id 
_pdbx_nonpoly_scheme.mon_id 
_pdbx_nonpoly_scheme.ndb_seq_num 
_pdbx_nonpoly_scheme.pdb_seq_num 
_pdbx_nonpoly_scheme.auth_seq_num 
_pdbx_nonpoly_scheme.pdb_mon_id 
_pdbx_nonpoly_scheme.auth_mon_id 
_pdbx_nonpoly_scheme.pdb_strand_id 
_pdbx_nonpoly_scheme.pdb_ins_code 
B 2 HOH 1  201 46 HOH HOH A . 
B 2 HOH 2  202 5  HOH HOH A . 
B 2 HOH 3  203 9  HOH HOH A . 
B 2 HOH 4  204 7  HOH HOH A . 
B 2 HOH 5  205 17 HOH HOH A . 
B 2 HOH 6  206 20 HOH HOH A . 
B 2 HOH 7  207 2  HOH HOH A . 
B 2 HOH 8  208 16 HOH HOH A . 
B 2 HOH 9  209 19 HOH HOH A . 
B 2 HOH 10 210 3  HOH HOH A . 
B 2 HOH 11 211 18 HOH HOH A . 
B 2 HOH 12 212 56 HOH HOH A . 
B 2 HOH 13 213 10 HOH HOH A . 
B 2 HOH 14 214 23 HOH HOH A . 
B 2 HOH 15 215 42 HOH HOH A . 
B 2 HOH 16 216 13 HOH HOH A . 
B 2 HOH 17 217 22 HOH HOH A . 
B 2 HOH 18 218 55 HOH HOH A . 
B 2 HOH 19 219 15 HOH HOH A . 
B 2 HOH 20 220 54 HOH HOH A . 
B 2 HOH 21 221 30 HOH HOH A . 
B 2 HOH 22 222 38 HOH HOH A . 
B 2 HOH 23 223 41 HOH HOH A . 
B 2 HOH 24 224 25 HOH HOH A . 
B 2 HOH 25 225 64 HOH HOH A . 
B 2 HOH 26 226 1  HOH HOH A . 
B 2 HOH 27 227 59 HOH HOH A . 
B 2 HOH 28 228 12 HOH HOH A . 
B 2 HOH 29 229 6  HOH HOH A . 
B 2 HOH 30 230 39 HOH HOH A . 
B 2 HOH 31 231 26 HOH HOH A . 
B 2 HOH 32 232 8  HOH HOH A . 
B 2 HOH 33 233 63 HOH HOH A . 
B 2 HOH 34 234 47 HOH HOH A . 
B 2 HOH 35 235 33 HOH HOH A . 
B 2 HOH 36 236 65 HOH HOH A . 
B 2 HOH 37 237 14 HOH HOH A . 
B 2 HOH 38 238 32 HOH HOH A . 
B 2 HOH 39 239 24 HOH HOH A . 
B 2 HOH 40 240 40 HOH HOH A . 
B 2 HOH 41 241 4  HOH HOH A . 
B 2 HOH 42 242 29 HOH HOH A . 
B 2 HOH 43 243 37 HOH HOH A . 
B 2 HOH 44 244 34 HOH HOH A . 
B 2 HOH 45 245 53 HOH HOH A . 
B 2 HOH 46 246 45 HOH HOH A . 
B 2 HOH 47 247 49 HOH HOH A . 
B 2 HOH 48 248 21 HOH HOH A . 
B 2 HOH 49 249 57 HOH HOH A . 
B 2 HOH 50 250 11 HOH HOH A . 
B 2 HOH 51 251 50 HOH HOH A . 
B 2 HOH 52 252 62 HOH HOH A . 
B 2 HOH 53 253 35 HOH HOH A . 
B 2 HOH 54 254 44 HOH HOH A . 
B 2 HOH 55 255 31 HOH HOH A . 
B 2 HOH 56 256 36 HOH HOH A . 
B 2 HOH 57 257 51 HOH HOH A . 
B 2 HOH 58 258 27 HOH HOH A . 
B 2 HOH 59 259 61 HOH HOH A . 
B 2 HOH 60 260 43 HOH HOH A . 
B 2 HOH 61 261 28 HOH HOH A . 
B 2 HOH 62 262 58 HOH HOH A . 
B 2 HOH 63 263 52 HOH HOH A . 
B 2 HOH 64 264 60 HOH HOH A . 
B 2 HOH 65 265 66 HOH HOH A . 
B 2 HOH 66 266 48 HOH HOH A . 
# 
loop_
_pdbx_unobs_or_zero_occ_atoms.id 
_pdbx_unobs_or_zero_occ_atoms.PDB_model_num 
_pdbx_unobs_or_zero_occ_atoms.polymer_flag 
_pdbx_unobs_or_zero_occ_atoms.occupancy_flag 
_pdbx_unobs_or_zero_occ_atoms.auth_asym_id 
_pdbx_unobs_or_zero_occ_atoms.auth_comp_id 
_pdbx_unobs_or_zero_occ_atoms.auth_seq_id 
_pdbx_unobs_or_zero_occ_atoms.PDB_ins_code 
_pdbx_unobs_or_zero_occ_atoms.auth_atom_id 
_pdbx_unobs_or_zero_occ_atoms.label_alt_id 
_pdbx_unobs_or_zero_occ_atoms.label_asym_id 
_pdbx_unobs_or_zero_occ_atoms.label_comp_id 
_pdbx_unobs_or_zero_occ_atoms.label_seq_id 
_pdbx_unobs_or_zero_occ_atoms.label_atom_id 
1 1 Y 1 A GLN 14 ? CG  ? A GLN 14 CG  
2 1 Y 1 A GLN 14 ? CD  ? A GLN 14 CD  
3 1 Y 1 A GLN 14 ? OE1 ? A GLN 14 OE1 
4 1 Y 1 A GLN 14 ? NE2 ? A GLN 14 NE2 
5 1 Y 1 A GLU 24 ? CG  ? A GLU 24 CG  
6 1 Y 1 A GLU 24 ? CD  ? A GLU 24 CD  
7 1 Y 1 A GLU 24 ? OE1 ? A GLU 24 OE1 
8 1 Y 1 A GLU 24 ? OE2 ? A GLU 24 OE2 
# 
loop_
_software.citation_id 
_software.classification 
_software.compiler_name 
_software.compiler_version 
_software.contact_author 
_software.contact_author_email 
_software.date 
_software.description 
_software.dependencies 
_software.hardware 
_software.language 
_software.location 
_software.mods 
_software.name 
_software.os 
_software.os_version 
_software.type 
_software.version 
_software.pdbx_ordinal 
? refinement        ? ? ? ? ? ? ? ? ? ? ? PHENIX      ? ? ? 1.17.1_3660 1 
? 'data extraction' ? ? ? ? ? ? ? ? ? ? ? PDB_EXTRACT ? ? ? 3.27        2 
? 'data reduction'  ? ? ? ? ? ? ? ? ? ? ? HKL-3000    ? ? ? .           3 
? 'data scaling'    ? ? ? ? ? ? ? ? ? ? ? HKL-3000    ? ? ? .           4 
? phasing           ? ? ? ? ? ? ? ? ? ? ? PHENIX      ? ? ? .           5 
# 
_cell.angle_alpha                  90.000 
_cell.angle_alpha_esd              ? 
_cell.angle_beta                   90.000 
_cell.angle_beta_esd               ? 
_cell.angle_gamma                  120.000 
_cell.angle_gamma_esd              ? 
_cell.entry_id                     7DGU 
_cell.details                      ? 
_cell.formula_units_Z              ? 
_cell.length_a                     33.407 
_cell.length_a_esd                 ? 
_cell.length_b                     33.407 
_cell.length_b_esd                 ? 
_cell.length_c                     159.787 
_cell.length_c_esd                 ? 
_cell.volume                       ? 
_cell.volume_esd                   ? 
_cell.Z_PDB                        6 
_cell.reciprocal_angle_alpha       ? 
_cell.reciprocal_angle_beta        ? 
_cell.reciprocal_angle_gamma       ? 
_cell.reciprocal_angle_alpha_esd   ? 
_cell.reciprocal_angle_beta_esd    ? 
_cell.reciprocal_angle_gamma_esd   ? 
_cell.reciprocal_length_a          ? 
_cell.reciprocal_length_b          ? 
_cell.reciprocal_length_c          ? 
_cell.reciprocal_length_a_esd      ? 
_cell.reciprocal_length_b_esd      ? 
_cell.reciprocal_length_c_esd      ? 
_cell.pdbx_unique_axis             ? 
# 
_symmetry.entry_id                         7DGU 
_symmetry.cell_setting                     ? 
_symmetry.Int_Tables_number                154 
_symmetry.space_group_name_Hall            ? 
_symmetry.space_group_name_H-M             'P 32 2 1' 
_symmetry.pdbx_full_space_group_name_H-M   ? 
# 
_exptl.absorpt_coefficient_mu     ? 
_exptl.absorpt_correction_T_max   ? 
_exptl.absorpt_correction_T_min   ? 
_exptl.absorpt_correction_type    ? 
_exptl.absorpt_process_details    ? 
_exptl.entry_id                   7DGU 
_exptl.crystals_number            1 
_exptl.details                    ? 
_exptl.method                     'X-RAY DIFFRACTION' 
_exptl.method_details             ? 
# 
_exptl_crystal.colour                      ? 
_exptl_crystal.density_diffrn              ? 
_exptl_crystal.density_Matthews            2.14 
_exptl_crystal.density_method              ? 
_exptl_crystal.density_percent_sol         42.52 
_exptl_crystal.description                 ? 
_exptl_crystal.F_000                       ? 
_exptl_crystal.id                          1 
_exptl_crystal.preparation                 ? 
_exptl_crystal.size_max                    ? 
_exptl_crystal.size_mid                    ? 
_exptl_crystal.size_min                    ? 
_exptl_crystal.size_rad                    ? 
_exptl_crystal.colour_lustre               ? 
_exptl_crystal.colour_modifier             ? 
_exptl_crystal.colour_primary              ? 
_exptl_crystal.density_meas                ? 
_exptl_crystal.density_meas_esd            ? 
_exptl_crystal.density_meas_gt             ? 
_exptl_crystal.density_meas_lt             ? 
_exptl_crystal.density_meas_temp           ? 
_exptl_crystal.density_meas_temp_esd       ? 
_exptl_crystal.density_meas_temp_gt        ? 
_exptl_crystal.density_meas_temp_lt        ? 
_exptl_crystal.pdbx_crystal_image_url      ? 
_exptl_crystal.pdbx_crystal_image_format   ? 
_exptl_crystal.pdbx_mosaicity              ? 
_exptl_crystal.pdbx_mosaicity_esd          ? 
# 
_exptl_crystal_grow.apparatus       ? 
_exptl_crystal_grow.atmosphere      ? 
_exptl_crystal_grow.crystal_id      1 
_exptl_crystal_grow.details         ? 
_exptl_crystal_grow.method          'VAPOR DIFFUSION, SITTING DROP' 
_exptl_crystal_grow.method_ref      ? 
_exptl_crystal_grow.pH              7.0 
_exptl_crystal_grow.pressure        ? 
_exptl_crystal_grow.pressure_esd    ? 
_exptl_crystal_grow.seeding         ? 
_exptl_crystal_grow.seeding_ref     ? 
_exptl_crystal_grow.temp            291 
_exptl_crystal_grow.temp_details    ? 
_exptl_crystal_grow.temp_esd        ? 
_exptl_crystal_grow.time            ? 
_exptl_crystal_grow.pdbx_details    '2.0 M Potassium/sodium phosphate pH 7.0' 
_exptl_crystal_grow.pdbx_pH_range   ? 
# 
_diffrn.ambient_environment              ? 
_diffrn.ambient_temp                     100 
_diffrn.ambient_temp_details             ? 
_diffrn.ambient_temp_esd                 ? 
_diffrn.crystal_id                       1 
_diffrn.crystal_support                  ? 
_diffrn.crystal_treatment                ? 
_diffrn.details                          ? 
_diffrn.id                               1 
_diffrn.ambient_pressure                 ? 
_diffrn.ambient_pressure_esd             ? 
_diffrn.ambient_pressure_gt              ? 
_diffrn.ambient_pressure_lt              ? 
_diffrn.ambient_temp_gt                  ? 
_diffrn.ambient_temp_lt                  ? 
_diffrn.pdbx_serial_crystal_experiment   N 
# 
_diffrn_detector.details                      ? 
_diffrn_detector.detector                     PIXEL 
_diffrn_detector.diffrn_id                    1 
_diffrn_detector.type                         'DECTRIS PILATUS 200K' 
_diffrn_detector.area_resol_mean              ? 
_diffrn_detector.dtime                        ? 
_diffrn_detector.pdbx_frames_total            ? 
_diffrn_detector.pdbx_collection_time_total   ? 
_diffrn_detector.pdbx_collection_date         2020-07-20 
_diffrn_detector.pdbx_frequency               ? 
# 
_diffrn_radiation.collimation                      ? 
_diffrn_radiation.diffrn_id                        1 
_diffrn_radiation.filter_edge                      ? 
_diffrn_radiation.inhomogeneity                    ? 
_diffrn_radiation.monochromator                    ? 
_diffrn_radiation.polarisn_norm                    ? 
_diffrn_radiation.polarisn_ratio                   ? 
_diffrn_radiation.probe                            ? 
_diffrn_radiation.type                             ? 
_diffrn_radiation.xray_symbol                      ? 
_diffrn_radiation.wavelength_id                    1 
_diffrn_radiation.pdbx_monochromatic_or_laue_m_l   M 
_diffrn_radiation.pdbx_wavelength_list             ? 
_diffrn_radiation.pdbx_wavelength                  ? 
_diffrn_radiation.pdbx_diffrn_protocol             'SINGLE WAVELENGTH' 
_diffrn_radiation.pdbx_analyzer                    ? 
_diffrn_radiation.pdbx_scattering_type             x-ray 
# 
_diffrn_radiation_wavelength.id           1 
_diffrn_radiation_wavelength.wavelength   1.5406 
_diffrn_radiation_wavelength.wt           1.0 
# 
_diffrn_source.current                     ? 
_diffrn_source.details                     ? 
_diffrn_source.diffrn_id                   1 
_diffrn_source.power                       ? 
_diffrn_source.size                        ? 
_diffrn_source.source                      'ROTATING ANODE' 
_diffrn_source.target                      ? 
_diffrn_source.type                        'RIGAKU MICROMAX-007 HF' 
_diffrn_source.voltage                     ? 
_diffrn_source.take-off_angle              ? 
_diffrn_source.pdbx_wavelength_list        1.5406 
_diffrn_source.pdbx_wavelength             ? 
_diffrn_source.pdbx_synchrotron_beamline   ? 
_diffrn_source.pdbx_synchrotron_site       ? 
# 
_reflns.B_iso_Wilson_estimate            ? 
_reflns.entry_id                         7DGU 
_reflns.data_reduction_details           ? 
_reflns.data_reduction_method            ? 
_reflns.d_resolution_high                1.75 
_reflns.d_resolution_low                 12.81 
_reflns.details                          ? 
_reflns.limit_h_max                      ? 
_reflns.limit_h_min                      ? 
_reflns.limit_k_max                      ? 
_reflns.limit_k_min                      ? 
_reflns.limit_l_max                      ? 
_reflns.limit_l_min                      ? 
_reflns.number_all                       ? 
_reflns.number_obs                       11152 
_reflns.observed_criterion               ? 
_reflns.observed_criterion_F_max         ? 
_reflns.observed_criterion_F_min         ? 
_reflns.observed_criterion_I_max         ? 
_reflns.observed_criterion_I_min         ? 
_reflns.observed_criterion_sigma_F       ? 
_reflns.observed_criterion_sigma_I       ? 
_reflns.percent_possible_obs             99.7 
_reflns.R_free_details                   ? 
_reflns.Rmerge_F_all                     ? 
_reflns.Rmerge_F_obs                     ? 
_reflns.Friedel_coverage                 ? 
_reflns.number_gt                        ? 
_reflns.threshold_expression             ? 
_reflns.pdbx_redundancy                  9.8 
_reflns.pdbx_Rmerge_I_obs                0.072 
_reflns.pdbx_Rmerge_I_all                ? 
_reflns.pdbx_Rsym_value                  ? 
_reflns.pdbx_netI_over_av_sigmaI         ? 
_reflns.pdbx_netI_over_sigmaI            18.4 
_reflns.pdbx_res_netI_over_av_sigmaI_2   ? 
_reflns.pdbx_res_netI_over_sigmaI_2      ? 
_reflns.pdbx_chi_squared                 ? 
_reflns.pdbx_scaling_rejects             ? 
_reflns.pdbx_d_res_high_opt              ? 
_reflns.pdbx_d_res_low_opt               ? 
_reflns.pdbx_d_res_opt_method            ? 
_reflns.phase_calculation_details        ? 
_reflns.pdbx_Rrim_I_all                  ? 
_reflns.pdbx_Rpim_I_all                  ? 
_reflns.pdbx_d_opt                       ? 
_reflns.pdbx_number_measured_all         ? 
_reflns.pdbx_diffrn_id                   1 
_reflns.pdbx_ordinal                     1 
_reflns.pdbx_CC_half                     0.999 
_reflns.pdbx_CC_star                     ? 
_reflns.pdbx_R_split                     ? 
# 
_reflns_shell.d_res_high                  1.75 
_reflns_shell.d_res_low                   1.81 
_reflns_shell.meanI_over_sigI_all         ? 
_reflns_shell.meanI_over_sigI_obs         ? 
_reflns_shell.number_measured_all         ? 
_reflns_shell.number_measured_obs         ? 
_reflns_shell.number_possible             ? 
_reflns_shell.number_unique_all           ? 
_reflns_shell.number_unique_obs           1073 
_reflns_shell.percent_possible_all        ? 
_reflns_shell.percent_possible_obs        ? 
_reflns_shell.Rmerge_F_all                ? 
_reflns_shell.Rmerge_F_obs                ? 
_reflns_shell.Rmerge_I_all                ? 
_reflns_shell.Rmerge_I_obs                1.008 
_reflns_shell.meanI_over_sigI_gt          ? 
_reflns_shell.meanI_over_uI_all           ? 
_reflns_shell.meanI_over_uI_gt            ? 
_reflns_shell.number_measured_gt          ? 
_reflns_shell.number_unique_gt            ? 
_reflns_shell.percent_possible_gt         ? 
_reflns_shell.Rmerge_F_gt                 ? 
_reflns_shell.Rmerge_I_gt                 ? 
_reflns_shell.pdbx_redundancy             ? 
_reflns_shell.pdbx_Rsym_value             ? 
_reflns_shell.pdbx_chi_squared            ? 
_reflns_shell.pdbx_netI_over_sigmaI_all   ? 
_reflns_shell.pdbx_netI_over_sigmaI_obs   ? 
_reflns_shell.pdbx_Rrim_I_all             ? 
_reflns_shell.pdbx_Rpim_I_all             ? 
_reflns_shell.pdbx_rejects                ? 
_reflns_shell.pdbx_ordinal                1 
_reflns_shell.pdbx_diffrn_id              1 
_reflns_shell.pdbx_CC_half                0.588 
_reflns_shell.pdbx_CC_star                ? 
_reflns_shell.pdbx_R_split                ? 
# 
_refine.aniso_B[1][1]                            ? 
_refine.aniso_B[1][2]                            ? 
_refine.aniso_B[1][3]                            ? 
_refine.aniso_B[2][2]                            ? 
_refine.aniso_B[2][3]                            ? 
_refine.aniso_B[3][3]                            ? 
_refine.B_iso_max                                78.560 
_refine.B_iso_mean                               28.1289 
_refine.B_iso_min                                13.410 
_refine.correlation_coeff_Fo_to_Fc               ? 
_refine.correlation_coeff_Fo_to_Fc_free          ? 
_refine.details                                  ? 
_refine.diff_density_max                         ? 
_refine.diff_density_max_esd                     ? 
_refine.diff_density_min                         ? 
_refine.diff_density_min_esd                     ? 
_refine.diff_density_rms                         ? 
_refine.diff_density_rms_esd                     ? 
_refine.entry_id                                 7DGU 
_refine.pdbx_refine_id                           'X-RAY DIFFRACTION' 
_refine.ls_abs_structure_details                 ? 
_refine.ls_abs_structure_Flack                   ? 
_refine.ls_abs_structure_Flack_esd               ? 
_refine.ls_abs_structure_Rogers                  ? 
_refine.ls_abs_structure_Rogers_esd              ? 
_refine.ls_d_res_high                            1.7500 
_refine.ls_d_res_low                             12.8100 
_refine.ls_extinction_coef                       ? 
_refine.ls_extinction_coef_esd                   ? 
_refine.ls_extinction_expression                 ? 
_refine.ls_extinction_method                     ? 
_refine.ls_goodness_of_fit_all                   ? 
_refine.ls_goodness_of_fit_all_esd               ? 
_refine.ls_goodness_of_fit_obs                   ? 
_refine.ls_goodness_of_fit_obs_esd               ? 
_refine.ls_hydrogen_treatment                    ? 
_refine.ls_matrix_type                           ? 
_refine.ls_number_constraints                    ? 
_refine.ls_number_parameters                     ? 
_refine.ls_number_reflns_all                     ? 
_refine.ls_number_reflns_obs                     11152 
_refine.ls_number_reflns_R_free                  1118 
_refine.ls_number_reflns_R_work                  10034 
_refine.ls_number_restraints                     ? 
_refine.ls_percent_reflns_obs                    99.8900 
_refine.ls_percent_reflns_R_free                 10.0300 
_refine.ls_R_factor_all                          ? 
_refine.ls_R_factor_obs                          0.2017 
_refine.ls_R_factor_R_free                       0.2311 
_refine.ls_R_factor_R_free_error                 ? 
_refine.ls_R_factor_R_free_error_details         ? 
_refine.ls_R_factor_R_work                       0.1984 
_refine.ls_R_Fsqd_factor_obs                     ? 
_refine.ls_R_I_factor_obs                        ? 
_refine.ls_redundancy_reflns_all                 ? 
_refine.ls_redundancy_reflns_obs                 ? 
_refine.ls_restrained_S_all                      ? 
_refine.ls_restrained_S_obs                      ? 
_refine.ls_shift_over_esd_max                    ? 
_refine.ls_shift_over_esd_mean                   ? 
_refine.ls_structure_factor_coef                 ? 
_refine.ls_weighting_details                     ? 
_refine.ls_weighting_scheme                      ? 
_refine.ls_wR_factor_all                         ? 
_refine.ls_wR_factor_obs                         ? 
_refine.ls_wR_factor_R_free                      ? 
_refine.ls_wR_factor_R_work                      ? 
_refine.occupancy_max                            ? 
_refine.occupancy_min                            ? 
_refine.solvent_model_details                    'FLAT BULK SOLVENT MODEL' 
_refine.solvent_model_param_bsol                 ? 
_refine.solvent_model_param_ksol                 ? 
_refine.pdbx_R_complete                          ? 
_refine.ls_R_factor_gt                           ? 
_refine.ls_goodness_of_fit_gt                    ? 
_refine.ls_goodness_of_fit_ref                   ? 
_refine.ls_shift_over_su_max                     ? 
_refine.ls_shift_over_su_max_lt                  ? 
_refine.ls_shift_over_su_mean                    ? 
_refine.ls_shift_over_su_mean_lt                 ? 
_refine.pdbx_ls_sigma_I                          ? 
_refine.pdbx_ls_sigma_F                          1.330 
_refine.pdbx_ls_sigma_Fsqd                       ? 
_refine.pdbx_data_cutoff_high_absF               ? 
_refine.pdbx_data_cutoff_high_rms_absF           ? 
_refine.pdbx_data_cutoff_low_absF                ? 
_refine.pdbx_isotropic_thermal_model             ? 
_refine.pdbx_ls_cross_valid_method               THROUGHOUT 
_refine.pdbx_method_to_determine_struct          'MOLECULAR REPLACEMENT' 
_refine.pdbx_starting_model                      ? 
_refine.pdbx_stereochemistry_target_values       ML 
_refine.pdbx_R_Free_selection_details            ? 
_refine.pdbx_stereochem_target_val_spec_case     ? 
_refine.pdbx_overall_ESU_R                       ? 
_refine.pdbx_overall_ESU_R_Free                  ? 
_refine.pdbx_solvent_vdw_probe_radii             1.1100 
_refine.pdbx_solvent_ion_probe_radii             ? 
_refine.pdbx_solvent_shrinkage_radii             0.9000 
_refine.pdbx_real_space_R                        ? 
_refine.pdbx_density_correlation                 ? 
_refine.pdbx_pd_number_of_powder_patterns        ? 
_refine.pdbx_pd_number_of_points                 ? 
_refine.pdbx_pd_meas_number_of_points            ? 
_refine.pdbx_pd_proc_ls_prof_R_factor            ? 
_refine.pdbx_pd_proc_ls_prof_wR_factor           ? 
_refine.pdbx_pd_Marquardt_correlation_coeff      ? 
_refine.pdbx_pd_Fsqrd_R_factor                   ? 
_refine.pdbx_pd_ls_matrix_band_width             ? 
_refine.pdbx_overall_phase_error                 20.9400 
_refine.pdbx_overall_SU_R_free_Cruickshank_DPI   ? 
_refine.pdbx_overall_SU_R_free_Blow_DPI          ? 
_refine.pdbx_overall_SU_R_Blow_DPI               ? 
_refine.pdbx_TLS_residual_ADP_flag               ? 
_refine.pdbx_diffrn_id                           1 
_refine.overall_SU_B                             ? 
_refine.overall_SU_ML                            0.1700 
_refine.overall_SU_R_Cruickshank_DPI             ? 
_refine.overall_SU_R_free                        ? 
_refine.overall_FOM_free_R_set                   ? 
_refine.overall_FOM_work_R_set                   ? 
_refine.pdbx_average_fsc_overall                 ? 
_refine.pdbx_average_fsc_work                    ? 
_refine.pdbx_average_fsc_free                    ? 
# 
_refine_hist.pdbx_refine_id                   'X-RAY DIFFRACTION' 
_refine_hist.cycle_id                         final 
_refine_hist.details                          ? 
_refine_hist.d_res_high                       1.7500 
_refine_hist.d_res_low                        12.8100 
_refine_hist.number_atoms_solvent             66 
_refine_hist.number_atoms_total               822 
_refine_hist.number_reflns_all                ? 
_refine_hist.number_reflns_obs                ? 
_refine_hist.number_reflns_R_free             ? 
_refine_hist.number_reflns_R_work             ? 
_refine_hist.R_factor_all                     ? 
_refine_hist.R_factor_obs                     ? 
_refine_hist.R_factor_R_free                  ? 
_refine_hist.R_factor_R_work                  ? 
_refine_hist.pdbx_number_residues_total       97 
_refine_hist.pdbx_B_iso_mean_ligand           ? 
_refine_hist.pdbx_B_iso_mean_solvent          40.66 
_refine_hist.pdbx_number_atoms_protein        756 
_refine_hist.pdbx_number_atoms_nucleic_acid   0 
_refine_hist.pdbx_number_atoms_ligand         0 
_refine_hist.pdbx_number_atoms_lipid          ? 
_refine_hist.pdbx_number_atoms_carb           ? 
_refine_hist.pdbx_pseudo_atom_details         ? 
# 
loop_
_refine_ls_shell.pdbx_refine_id 
_refine_ls_shell.d_res_high 
_refine_ls_shell.d_res_low 
_refine_ls_shell.number_reflns_all 
_refine_ls_shell.number_reflns_obs 
_refine_ls_shell.number_reflns_R_free 
_refine_ls_shell.number_reflns_R_work 
_refine_ls_shell.percent_reflns_obs 
_refine_ls_shell.percent_reflns_R_free 
_refine_ls_shell.R_factor_all 
_refine_ls_shell.R_factor_obs 
_refine_ls_shell.R_factor_R_free 
_refine_ls_shell.R_factor_R_free_error 
_refine_ls_shell.R_factor_R_work 
_refine_ls_shell.redundancy_reflns_all 
_refine_ls_shell.redundancy_reflns_obs 
_refine_ls_shell.wR_factor_all 
_refine_ls_shell.wR_factor_obs 
_refine_ls_shell.wR_factor_R_free 
_refine_ls_shell.wR_factor_R_work 
_refine_ls_shell.pdbx_R_complete 
_refine_ls_shell.pdbx_total_number_of_bins_used 
_refine_ls_shell.pdbx_phase_error 
_refine_ls_shell.pdbx_fsc_work 
_refine_ls_shell.pdbx_fsc_free 
'X-RAY DIFFRACTION' 1.7500 1.8300  1354 . 137 1217 100.0000 . . . 0.3084 0.0000 0.2597 . . . . . . . 8 . . . 
'X-RAY DIFFRACTION' 1.8300 1.9300  1343 . 134 1209 100.0000 . . . 0.2799 0.0000 0.2641 . . . . . . . 8 . . . 
'X-RAY DIFFRACTION' 1.9300 2.0500  1352 . 135 1217 100.0000 . . . 0.2626 0.0000 0.2156 . . . . . . . 8 . . . 
'X-RAY DIFFRACTION' 2.0500 2.2000  1389 . 136 1253 100.0000 . . . 0.2230 0.0000 0.1887 . . . . . . . 8 . . . 
'X-RAY DIFFRACTION' 2.2000 2.4200  1377 . 136 1241 100.0000 . . . 0.1961 0.0000 0.1783 . . . . . . . 8 . . . 
'X-RAY DIFFRACTION' 2.4200 2.7700  1407 . 145 1262 100.0000 . . . 0.2110 0.0000 0.1960 . . . . . . . 8 . . . 
'X-RAY DIFFRACTION' 2.7700 3.4700  1405 . 141 1264 100.0000 . . . 0.2308 0.0000 0.1906 . . . . . . . 8 . . . 
'X-RAY DIFFRACTION' 3.4800 12.8100 1525 . 154 1371 100.0000 . . . 0.2311 0.0000 0.1940 . . . . . . . 8 . . . 
# 
_struct.entry_id                     7DGU 
_struct.title                        'De novo designed protein H4A1R' 
_struct.pdbx_model_details           ? 
_struct.pdbx_formula_weight          ? 
_struct.pdbx_formula_weight_method   ? 
_struct.pdbx_model_type_details      ? 
_struct.pdbx_CASP_flag               N 
# 
_struct_keywords.entry_id        7DGU 
_struct_keywords.text            'Designed protein, DE NOVO PROTEIN' 
_struct_keywords.pdbx_keywords   'DE NOVO PROTEIN' 
# 
loop_
_struct_asym.id 
_struct_asym.pdbx_blank_PDB_chainid_flag 
_struct_asym.pdbx_modified 
_struct_asym.entity_id 
_struct_asym.details 
A N N 1 ? 
B N N 2 ? 
# 
_struct_ref.id                         1 
_struct_ref.db_name                    PDB 
_struct_ref.db_code                    7DGU 
_struct_ref.pdbx_db_accession          7DGU 
_struct_ref.pdbx_db_isoform            ? 
_struct_ref.entity_id                  1 
_struct_ref.pdbx_seq_one_letter_code   ? 
_struct_ref.pdbx_align_begin           1 
# 
_struct_ref_seq.align_id                      1 
_struct_ref_seq.ref_id                        1 
_struct_ref_seq.pdbx_PDB_id_code              7DGU 
_struct_ref_seq.pdbx_strand_id                A 
_struct_ref_seq.seq_align_beg                 1 
_struct_ref_seq.pdbx_seq_align_beg_ins_code   ? 
_struct_ref_seq.seq_align_end                 106 
_struct_ref_seq.pdbx_seq_align_end_ins_code   ? 
_struct_ref_seq.pdbx_db_accession             7DGU 
_struct_ref_seq.db_align_beg                  1 
_struct_ref_seq.pdbx_db_align_beg_ins_code    ? 
_struct_ref_seq.db_align_end                  106 
_struct_ref_seq.pdbx_db_align_end_ins_code    ? 
_struct_ref_seq.pdbx_auth_seq_align_beg       1 
_struct_ref_seq.pdbx_auth_seq_align_end       106 
# 
_pdbx_struct_assembly.id                   1 
_pdbx_struct_assembly.details              author_defined_assembly 
_pdbx_struct_assembly.method_details       ? 
_pdbx_struct_assembly.oligomeric_details   monomeric 
_pdbx_struct_assembly.oligomeric_count     1 
# 
loop_
_pdbx_struct_assembly_prop.biol_id 
_pdbx_struct_assembly_prop.type 
_pdbx_struct_assembly_prop.value 
_pdbx_struct_assembly_prop.details 
1 'ABSA (A^2)' 0    ? 
1 MORE         0    ? 
1 'SSA (A^2)'  5640 ? 
# 
_pdbx_struct_assembly_gen.assembly_id       1 
_pdbx_struct_assembly_gen.oper_expression   1 
_pdbx_struct_assembly_gen.asym_id_list      A,B 
# 
_pdbx_struct_assembly_auth_evidence.id                     1 
_pdbx_struct_assembly_auth_evidence.assembly_id            1 
_pdbx_struct_assembly_auth_evidence.experimental_support   'gel filtration' 
_pdbx_struct_assembly_auth_evidence.details                ? 
# 
_pdbx_struct_oper_list.id                   1 
_pdbx_struct_oper_list.type                 'identity operation' 
_pdbx_struct_oper_list.name                 1_555 
_pdbx_struct_oper_list.symmetry_operation   x,y,z 
_pdbx_struct_oper_list.matrix[1][1]         1.0000000000 
_pdbx_struct_oper_list.matrix[1][2]         0.0000000000 
_pdbx_struct_oper_list.matrix[1][3]         0.0000000000 
_pdbx_struct_oper_list.vector[1]            0.0000000000 
_pdbx_struct_oper_list.matrix[2][1]         0.0000000000 
_pdbx_struct_oper_list.matrix[2][2]         1.0000000000 
_pdbx_struct_oper_list.matrix[2][3]         0.0000000000 
_pdbx_struct_oper_list.vector[2]            0.0000000000 
_pdbx_struct_oper_list.matrix[3][1]         0.0000000000 
_pdbx_struct_oper_list.matrix[3][2]         0.0000000000 
_pdbx_struct_oper_list.matrix[3][3]         1.0000000000 
_pdbx_struct_oper_list.vector[3]            0.0000000000 
# 
loop_
_struct_conf.conf_type_id 
_struct_conf.id 
_struct_conf.pdbx_PDB_helix_id 
_struct_conf.beg_label_comp_id 
_struct_conf.beg_label_asym_id 
_struct_conf.beg_label_seq_id 
_struct_conf.pdbx_beg_PDB_ins_code 
_struct_conf.end_label_comp_id 
_struct_conf.end_label_asym_id 
_struct_conf.end_label_seq_id 
_struct_conf.pdbx_end_PDB_ins_code 
_struct_conf.beg_auth_comp_id 
_struct_conf.beg_auth_asym_id 
_struct_conf.beg_auth_seq_id 
_struct_conf.end_auth_comp_id 
_struct_conf.end_auth_asym_id 
_struct_conf.end_auth_seq_id 
_struct_conf.pdbx_PDB_helix_class 
_struct_conf.details 
_struct_conf.pdbx_PDB_helix_length 
HELX_P HELX_P1 AA1 ASP A 3  ? ALA A 22 ? ASP A 3  ALA A 22 1 ? 20 
HELX_P HELX_P2 AA2 ASN A 26 ? ALA A 49 ? ASN A 26 ALA A 49 1 ? 24 
HELX_P HELX_P3 AA3 SER A 52 ? GLY A 78 ? SER A 52 GLY A 78 1 ? 27 
HELX_P HELX_P4 AA4 GLY A 79 ? GLY A 97 ? GLY A 79 GLY A 97 1 ? 19 
# 
_struct_conf_type.id          HELX_P 
_struct_conf_type.criteria    ? 
_struct_conf_type.reference   ? 
# 
loop_
_pdbx_validate_close_contact.id 
_pdbx_validate_close_contact.PDB_model_num 
_pdbx_validate_close_contact.auth_atom_id_1 
_pdbx_validate_close_contact.auth_asym_id_1 
_pdbx_validate_close_contact.auth_comp_id_1 
_pdbx_validate_close_contact.auth_seq_id_1 
_pdbx_validate_close_contact.PDB_ins_code_1 
_pdbx_validate_close_contact.label_alt_id_1 
_pdbx_validate_close_contact.auth_atom_id_2 
_pdbx_validate_close_contact.auth_asym_id_2 
_pdbx_validate_close_contact.auth_comp_id_2 
_pdbx_validate_close_contact.auth_seq_id_2 
_pdbx_validate_close_contact.PDB_ins_code_2 
_pdbx_validate_close_contact.label_alt_id_2 
_pdbx_validate_close_contact.dist 
1 1 O   A HOH 220 ? ? O A HOH 249 ? ? 1.98 
2 1 N   A ASP 3   ? ? O A HOH 201 ? ? 2.06 
3 1 OE1 A GLU 55  ? ? O A HOH 202 ? ? 2.10 
# 
_pdbx_validate_rmsd_bond.id                        1 
_pdbx_validate_rmsd_bond.PDB_model_num             1 
_pdbx_validate_rmsd_bond.auth_atom_id_1            C 
_pdbx_validate_rmsd_bond.auth_asym_id_1            A 
_pdbx_validate_rmsd_bond.auth_comp_id_1            ASN 
_pdbx_validate_rmsd_bond.auth_seq_id_1             26 
_pdbx_validate_rmsd_bond.PDB_ins_code_1            ? 
_pdbx_validate_rmsd_bond.label_alt_id_1            ? 
_pdbx_validate_rmsd_bond.auth_atom_id_2            N 
_pdbx_validate_rmsd_bond.auth_asym_id_2            A 
_pdbx_validate_rmsd_bond.auth_comp_id_2            PRO 
_pdbx_validate_rmsd_bond.auth_seq_id_2             27 
_pdbx_validate_rmsd_bond.PDB_ins_code_2            ? 
_pdbx_validate_rmsd_bond.label_alt_id_2            ? 
_pdbx_validate_rmsd_bond.bond_value                1.479 
_pdbx_validate_rmsd_bond.bond_target_value         1.338 
_pdbx_validate_rmsd_bond.bond_deviation            0.141 
_pdbx_validate_rmsd_bond.bond_standard_deviation   0.019 
_pdbx_validate_rmsd_bond.linker_flag               Y 
# 
_pdbx_validate_rmsd_angle.id                         1 
_pdbx_validate_rmsd_angle.PDB_model_num              1 
_pdbx_validate_rmsd_angle.auth_atom_id_1             C 
_pdbx_validate_rmsd_angle.auth_asym_id_1             A 
_pdbx_validate_rmsd_angle.auth_comp_id_1             ASN 
_pdbx_validate_rmsd_angle.auth_seq_id_1              26 
_pdbx_validate_rmsd_angle.PDB_ins_code_1             ? 
_pdbx_validate_rmsd_angle.label_alt_id_1             ? 
_pdbx_validate_rmsd_angle.auth_atom_id_2             N 
_pdbx_validate_rmsd_angle.auth_asym_id_2             A 
_pdbx_validate_rmsd_angle.auth_comp_id_2             PRO 
_pdbx_validate_rmsd_angle.auth_seq_id_2              27 
_pdbx_validate_rmsd_angle.PDB_ins_code_2             ? 
_pdbx_validate_rmsd_angle.label_alt_id_2             ? 
_pdbx_validate_rmsd_angle.auth_atom_id_3             CA 
_pdbx_validate_rmsd_angle.auth_asym_id_3             A 
_pdbx_validate_rmsd_angle.auth_comp_id_3             PRO 
_pdbx_validate_rmsd_angle.auth_seq_id_3              27 
_pdbx_validate_rmsd_angle.PDB_ins_code_3             ? 
_pdbx_validate_rmsd_angle.label_alt_id_3             ? 
_pdbx_validate_rmsd_angle.angle_value                128.38 
_pdbx_validate_rmsd_angle.angle_target_value         119.30 
_pdbx_validate_rmsd_angle.angle_deviation            9.08 
_pdbx_validate_rmsd_angle.angle_standard_deviation   1.50 
_pdbx_validate_rmsd_angle.linker_flag                Y 
# 
loop_
_pdbx_struct_special_symmetry.id 
_pdbx_struct_special_symmetry.PDB_model_num 
_pdbx_struct_special_symmetry.auth_asym_id 
_pdbx_struct_special_symmetry.auth_comp_id 
_pdbx_struct_special_symmetry.auth_seq_id 
_pdbx_struct_special_symmetry.PDB_ins_code 
_pdbx_struct_special_symmetry.label_asym_id 
_pdbx_struct_special_symmetry.label_comp_id 
_pdbx_struct_special_symmetry.label_seq_id 
1 1 A HOH 206 ? B HOH . 
2 1 A HOH 242 ? B HOH . 
# 
_pdbx_refine_tls.id               1 
_pdbx_refine_tls.pdbx_refine_id   'X-RAY DIFFRACTION' 
_pdbx_refine_tls.details          ? 
_pdbx_refine_tls.method           refined 
_pdbx_refine_tls.origin_x         0.6766 
_pdbx_refine_tls.origin_y         0.1612 
_pdbx_refine_tls.origin_z         -0.0466 
_pdbx_refine_tls.T[1][1]          0.1365 
_pdbx_refine_tls.T[1][1]_esd      ? 
_pdbx_refine_tls.T[1][2]          0.0178 
_pdbx_refine_tls.T[1][2]_esd      ? 
_pdbx_refine_tls.T[1][3]          -0.0070 
_pdbx_refine_tls.T[1][3]_esd      ? 
_pdbx_refine_tls.T[2][2]          0.1046 
_pdbx_refine_tls.T[2][2]_esd      ? 
_pdbx_refine_tls.T[2][3]          0.0121 
_pdbx_refine_tls.T[2][3]_esd      ? 
_pdbx_refine_tls.T[3][3]          0.1351 
_pdbx_refine_tls.T[3][3]_esd      ? 
_pdbx_refine_tls.L[1][1]          1.9998 
_pdbx_refine_tls.L[1][1]_esd      ? 
_pdbx_refine_tls.L[1][2]          -0.0654 
_pdbx_refine_tls.L[1][2]_esd      ? 
_pdbx_refine_tls.L[1][3]          -0.3808 
_pdbx_refine_tls.L[1][3]_esd      ? 
_pdbx_refine_tls.L[2][2]          1.4007 
_pdbx_refine_tls.L[2][2]_esd      ? 
_pdbx_refine_tls.L[2][3]          -0.5495 
_pdbx_refine_tls.L[2][3]_esd      ? 
_pdbx_refine_tls.L[3][3]          1.9922 
_pdbx_refine_tls.L[3][3]_esd      ? 
_pdbx_refine_tls.S[1][1]          -0.0157 
_pdbx_refine_tls.S[1][1]_esd      ? 
_pdbx_refine_tls.S[1][2]          -0.0240 
_pdbx_refine_tls.S[1][2]_esd      ? 
_pdbx_refine_tls.S[1][3]          -0.1280 
_pdbx_refine_tls.S[1][3]_esd      ? 
_pdbx_refine_tls.S[2][1]          -0.0586 
_pdbx_refine_tls.S[2][1]_esd      ? 
_pdbx_refine_tls.S[2][2]          -0.0729 
_pdbx_refine_tls.S[2][2]_esd      ? 
_pdbx_refine_tls.S[2][3]          -0.1121 
_pdbx_refine_tls.S[2][3]_esd      ? 
_pdbx_refine_tls.S[3][1]          0.1419 
_pdbx_refine_tls.S[3][1]_esd      ? 
_pdbx_refine_tls.S[3][2]          0.1091 
_pdbx_refine_tls.S[3][2]_esd      ? 
_pdbx_refine_tls.S[3][3]          0.0516 
_pdbx_refine_tls.S[3][3]_esd      ? 
# 
_pdbx_refine_tls_group.id                  1 
_pdbx_refine_tls_group.pdbx_refine_id      'X-RAY DIFFRACTION' 
_pdbx_refine_tls_group.refine_tls_id       1 
_pdbx_refine_tls_group.beg_label_asym_id   ? 
_pdbx_refine_tls_group.beg_label_seq_id    ? 
_pdbx_refine_tls_group.beg_auth_asym_id    ? 
_pdbx_refine_tls_group.beg_auth_seq_id     ? 
_pdbx_refine_tls_group.beg_PDB_ins_code    ? 
_pdbx_refine_tls_group.end_label_asym_id   ? 
_pdbx_refine_tls_group.end_label_seq_id    ? 
_pdbx_refine_tls_group.end_auth_asym_id    ? 
_pdbx_refine_tls_group.end_auth_seq_id     ? 
_pdbx_refine_tls_group.end_PDB_ins_code    ? 
_pdbx_refine_tls_group.selection           ? 
_pdbx_refine_tls_group.selection_details   all 
# 
loop_
_pdbx_unobs_or_zero_occ_residues.id 
_pdbx_unobs_or_zero_occ_residues.PDB_model_num 
_pdbx_unobs_or_zero_occ_residues.polymer_flag 
_pdbx_unobs_or_zero_occ_residues.occupancy_flag 
_pdbx_unobs_or_zero_occ_residues.auth_asym_id 
_pdbx_unobs_or_zero_occ_residues.auth_comp_id 
_pdbx_unobs_or_zero_occ_residues.auth_seq_id 
_pdbx_unobs_or_zero_occ_residues.PDB_ins_code 
_pdbx_unobs_or_zero_occ_residues.label_asym_id 
_pdbx_unobs_or_zero_occ_residues.label_comp_id 
_pdbx_unobs_or_zero_occ_residues.label_seq_id 
1 1 Y 1 A MET 1   ? A MET 1   
2 1 Y 1 A GLY 2   ? A GLY 2   
3 1 Y 1 A GLU 100 ? A GLU 100 
4 1 Y 1 A HIS 101 ? A HIS 101 
5 1 Y 1 A HIS 102 ? A HIS 102 
6 1 Y 1 A HIS 103 ? A HIS 103 
7 1 Y 1 A HIS 104 ? A HIS 104 
8 1 Y 1 A HIS 105 ? A HIS 105 
9 1 Y 1 A HIS 106 ? A HIS 106 
# 
loop_
_chem_comp_atom.comp_id 
_chem_comp_atom.atom_id 
_chem_comp_atom.type_symbol 
_chem_comp_atom.pdbx_aromatic_flag 
_chem_comp_atom.pdbx_stereo_config 
_chem_comp_atom.pdbx_ordinal 
ALA N    N N N 1   
ALA CA   C N S 2   
ALA C    C N N 3   
ALA O    O N N 4   
ALA CB   C N N 5   
ALA OXT  O N N 6   
ALA H    H N N 7   
ALA H2   H N N 8   
ALA HA   H N N 9   
ALA HB1  H N N 10  
ALA HB2  H N N 11  
ALA HB3  H N N 12  
ALA HXT  H N N 13  
ARG N    N N N 14  
ARG CA   C N S 15  
ARG C    C N N 16  
ARG O    O N N 17  
ARG CB   C N N 18  
ARG CG   C N N 19  
ARG CD   C N N 20  
ARG NE   N N N 21  
ARG CZ   C N N 22  
ARG NH1  N N N 23  
ARG NH2  N N N 24  
ARG OXT  O N N 25  
ARG H    H N N 26  
ARG H2   H N N 27  
ARG HA   H N N 28  
ARG HB2  H N N 29  
ARG HB3  H N N 30  
ARG HG2  H N N 31  
ARG HG3  H N N 32  
ARG HD2  H N N 33  
ARG HD3  H N N 34  
ARG HE   H N N 35  
ARG HH11 H N N 36  
ARG HH12 H N N 37  
ARG HH21 H N N 38  
ARG HH22 H N N 39  
ARG HXT  H N N 40  
ASN N    N N N 41  
ASN CA   C N S 42  
ASN C    C N N 43  
ASN O    O N N 44  
ASN CB   C N N 45  
ASN CG   C N N 46  
ASN OD1  O N N 47  
ASN ND2  N N N 48  
ASN OXT  O N N 49  
ASN H    H N N 50  
ASN H2   H N N 51  
ASN HA   H N N 52  
ASN HB2  H N N 53  
ASN HB3  H N N 54  
ASN HD21 H N N 55  
ASN HD22 H N N 56  
ASN HXT  H N N 57  
ASP N    N N N 58  
ASP CA   C N S 59  
ASP C    C N N 60  
ASP O    O N N 61  
ASP CB   C N N 62  
ASP CG   C N N 63  
ASP OD1  O N N 64  
ASP OD2  O N N 65  
ASP OXT  O N N 66  
ASP H    H N N 67  
ASP H2   H N N 68  
ASP HA   H N N 69  
ASP HB2  H N N 70  
ASP HB3  H N N 71  
ASP HD2  H N N 72  
ASP HXT  H N N 73  
GLN N    N N N 74  
GLN CA   C N S 75  
GLN C    C N N 76  
GLN O    O N N 77  
GLN CB   C N N 78  
GLN CG   C N N 79  
GLN CD   C N N 80  
GLN OE1  O N N 81  
GLN NE2  N N N 82  
GLN OXT  O N N 83  
GLN H    H N N 84  
GLN H2   H N N 85  
GLN HA   H N N 86  
GLN HB2  H N N 87  
GLN HB3  H N N 88  
GLN HG2  H N N 89  
GLN HG3  H N N 90  
GLN HE21 H N N 91  
GLN HE22 H N N 92  
GLN HXT  H N N 93  
GLU N    N N N 94  
GLU CA   C N S 95  
GLU C    C N N 96  
GLU O    O N N 97  
GLU CB   C N N 98  
GLU CG   C N N 99  
GLU CD   C N N 100 
GLU OE1  O N N 101 
GLU OE2  O N N 102 
GLU OXT  O N N 103 
GLU H    H N N 104 
GLU H2   H N N 105 
GLU HA   H N N 106 
GLU HB2  H N N 107 
GLU HB3  H N N 108 
GLU HG2  H N N 109 
GLU HG3  H N N 110 
GLU HE2  H N N 111 
GLU HXT  H N N 112 
GLY N    N N N 113 
GLY CA   C N N 114 
GLY C    C N N 115 
GLY O    O N N 116 
GLY OXT  O N N 117 
GLY H    H N N 118 
GLY H2   H N N 119 
GLY HA2  H N N 120 
GLY HA3  H N N 121 
GLY HXT  H N N 122 
HIS N    N N N 123 
HIS CA   C N S 124 
HIS C    C N N 125 
HIS O    O N N 126 
HIS CB   C N N 127 
HIS CG   C Y N 128 
HIS ND1  N Y N 129 
HIS CD2  C Y N 130 
HIS CE1  C Y N 131 
HIS NE2  N Y N 132 
HIS OXT  O N N 133 
HIS H    H N N 134 
HIS H2   H N N 135 
HIS HA   H N N 136 
HIS HB2  H N N 137 
HIS HB3  H N N 138 
HIS HD1  H N N 139 
HIS HD2  H N N 140 
HIS HE1  H N N 141 
HIS HE2  H N N 142 
HIS HXT  H N N 143 
HOH O    O N N 144 
HOH H1   H N N 145 
HOH H2   H N N 146 
ILE N    N N N 147 
ILE CA   C N S 148 
ILE C    C N N 149 
ILE O    O N N 150 
ILE CB   C N S 151 
ILE CG1  C N N 152 
ILE CG2  C N N 153 
ILE CD1  C N N 154 
ILE OXT  O N N 155 
ILE H    H N N 156 
ILE H2   H N N 157 
ILE HA   H N N 158 
ILE HB   H N N 159 
ILE HG12 H N N 160 
ILE HG13 H N N 161 
ILE HG21 H N N 162 
ILE HG22 H N N 163 
ILE HG23 H N N 164 
ILE HD11 H N N 165 
ILE HD12 H N N 166 
ILE HD13 H N N 167 
ILE HXT  H N N 168 
LEU N    N N N 169 
LEU CA   C N S 170 
LEU C    C N N 171 
LEU O    O N N 172 
LEU CB   C N N 173 
LEU CG   C N N 174 
LEU CD1  C N N 175 
LEU CD2  C N N 176 
LEU OXT  O N N 177 
LEU H    H N N 178 
LEU H2   H N N 179 
LEU HA   H N N 180 
LEU HB2  H N N 181 
LEU HB3  H N N 182 
LEU HG   H N N 183 
LEU HD11 H N N 184 
LEU HD12 H N N 185 
LEU HD13 H N N 186 
LEU HD21 H N N 187 
LEU HD22 H N N 188 
LEU HD23 H N N 189 
LEU HXT  H N N 190 
LYS N    N N N 191 
LYS CA   C N S 192 
LYS C    C N N 193 
LYS O    O N N 194 
LYS CB   C N N 195 
LYS CG   C N N 196 
LYS CD   C N N 197 
LYS CE   C N N 198 
LYS NZ   N N N 199 
LYS OXT  O N N 200 
LYS H    H N N 201 
LYS H2   H N N 202 
LYS HA   H N N 203 
LYS HB2  H N N 204 
LYS HB3  H N N 205 
LYS HG2  H N N 206 
LYS HG3  H N N 207 
LYS HD2  H N N 208 
LYS HD3  H N N 209 
LYS HE2  H N N 210 
LYS HE3  H N N 211 
LYS HZ1  H N N 212 
LYS HZ2  H N N 213 
LYS HZ3  H N N 214 
LYS HXT  H N N 215 
MET N    N N N 216 
MET CA   C N S 217 
MET C    C N N 218 
MET O    O N N 219 
MET CB   C N N 220 
MET CG   C N N 221 
MET SD   S N N 222 
MET CE   C N N 223 
MET OXT  O N N 224 
MET H    H N N 225 
MET H2   H N N 226 
MET HA   H N N 227 
MET HB2  H N N 228 
MET HB3  H N N 229 
MET HG2  H N N 230 
MET HG3  H N N 231 
MET HE1  H N N 232 
MET HE2  H N N 233 
MET HE3  H N N 234 
MET HXT  H N N 235 
PHE N    N N N 236 
PHE CA   C N S 237 
PHE C    C N N 238 
PHE O    O N N 239 
PHE CB   C N N 240 
PHE CG   C Y N 241 
PHE CD1  C Y N 242 
PHE CD2  C Y N 243 
PHE CE1  C Y N 244 
PHE CE2  C Y N 245 
PHE CZ   C Y N 246 
PHE OXT  O N N 247 
PHE H    H N N 248 
PHE H2   H N N 249 
PHE HA   H N N 250 
PHE HB2  H N N 251 
PHE HB3  H N N 252 
PHE HD1  H N N 253 
PHE HD2  H N N 254 
PHE HE1  H N N 255 
PHE HE2  H N N 256 
PHE HZ   H N N 257 
PHE HXT  H N N 258 
PRO N    N N N 259 
PRO CA   C N S 260 
PRO C    C N N 261 
PRO O    O N N 262 
PRO CB   C N N 263 
PRO CG   C N N 264 
PRO CD   C N N 265 
PRO OXT  O N N 266 
PRO H    H N N 267 
PRO HA   H N N 268 
PRO HB2  H N N 269 
PRO HB3  H N N 270 
PRO HG2  H N N 271 
PRO HG3  H N N 272 
PRO HD2  H N N 273 
PRO HD3  H N N 274 
PRO HXT  H N N 275 
SER N    N N N 276 
SER CA   C N S 277 
SER C    C N N 278 
SER O    O N N 279 
SER CB   C N N 280 
SER OG   O N N 281 
SER OXT  O N N 282 
SER H    H N N 283 
SER H2   H N N 284 
SER HA   H N N 285 
SER HB2  H N N 286 
SER HB3  H N N 287 
SER HG   H N N 288 
SER HXT  H N N 289 
TYR N    N N N 290 
TYR CA   C N S 291 
TYR C    C N N 292 
TYR O    O N N 293 
TYR CB   C N N 294 
TYR CG   C Y N 295 
TYR CD1  C Y N 296 
TYR CD2  C Y N 297 
TYR CE1  C Y N 298 
TYR CE2  C Y N 299 
TYR CZ   C Y N 300 
TYR OH   O N N 301 
TYR OXT  O N N 302 
TYR H    H N N 303 
TYR H2   H N N 304 
TYR HA   H N N 305 
TYR HB2  H N N 306 
TYR HB3  H N N 307 
TYR HD1  H N N 308 
TYR HD2  H N N 309 
TYR HE1  H N N 310 
TYR HE2  H N N 311 
TYR HH   H N N 312 
TYR HXT  H N N 313 
VAL N    N N N 314 
VAL CA   C N S 315 
VAL C    C N N 316 
VAL O    O N N 317 
VAL CB   C N N 318 
VAL CG1  C N N 319 
VAL CG2  C N N 320 
VAL OXT  O N N 321 
VAL H    H N N 322 
VAL H2   H N N 323 
VAL HA   H N N 324 
VAL HB   H N N 325 
VAL HG11 H N N 326 
VAL HG12 H N N 327 
VAL HG13 H N N 328 
VAL HG21 H N N 329 
VAL HG22 H N N 330 
VAL HG23 H N N 331 
VAL HXT  H N N 332 
# 
loop_
_chem_comp_bond.comp_id 
_chem_comp_bond.atom_id_1 
_chem_comp_bond.atom_id_2 
_chem_comp_bond.value_order 
_chem_comp_bond.pdbx_aromatic_flag 
_chem_comp_bond.pdbx_stereo_config 
_chem_comp_bond.pdbx_ordinal 
ALA N   CA   sing N N 1   
ALA N   H    sing N N 2   
ALA N   H2   sing N N 3   
ALA CA  C    sing N N 4   
ALA CA  CB   sing N N 5   
ALA CA  HA   sing N N 6   
ALA C   O    doub N N 7   
ALA C   OXT  sing N N 8   
ALA CB  HB1  sing N N 9   
ALA CB  HB2  sing N N 10  
ALA CB  HB3  sing N N 11  
ALA OXT HXT  sing N N 12  
ARG N   CA   sing N N 13  
ARG N   H    sing N N 14  
ARG N   H2   sing N N 15  
ARG CA  C    sing N N 16  
ARG CA  CB   sing N N 17  
ARG CA  HA   sing N N 18  
ARG C   O    doub N N 19  
ARG C   OXT  sing N N 20  
ARG CB  CG   sing N N 21  
ARG CB  HB2  sing N N 22  
ARG CB  HB3  sing N N 23  
ARG CG  CD   sing N N 24  
ARG CG  HG2  sing N N 25  
ARG CG  HG3  sing N N 26  
ARG CD  NE   sing N N 27  
ARG CD  HD2  sing N N 28  
ARG CD  HD3  sing N N 29  
ARG NE  CZ   sing N N 30  
ARG NE  HE   sing N N 31  
ARG CZ  NH1  sing N N 32  
ARG CZ  NH2  doub N N 33  
ARG NH1 HH11 sing N N 34  
ARG NH1 HH12 sing N N 35  
ARG NH2 HH21 sing N N 36  
ARG NH2 HH22 sing N N 37  
ARG OXT HXT  sing N N 38  
ASN N   CA   sing N N 39  
ASN N   H    sing N N 40  
ASN N   H2   sing N N 41  
ASN CA  C    sing N N 42  
ASN CA  CB   sing N N 43  
ASN CA  HA   sing N N 44  
ASN C   O    doub N N 45  
ASN C   OXT  sing N N 46  
ASN CB  CG   sing N N 47  
ASN CB  HB2  sing N N 48  
ASN CB  HB3  sing N N 49  
ASN CG  OD1  doub N N 50  
ASN CG  ND2  sing N N 51  
ASN ND2 HD21 sing N N 52  
ASN ND2 HD22 sing N N 53  
ASN OXT HXT  sing N N 54  
ASP N   CA   sing N N 55  
ASP N   H    sing N N 56  
ASP N   H2   sing N N 57  
ASP CA  C    sing N N 58  
ASP CA  CB   sing N N 59  
ASP CA  HA   sing N N 60  
ASP C   O    doub N N 61  
ASP C   OXT  sing N N 62  
ASP CB  CG   sing N N 63  
ASP CB  HB2  sing N N 64  
ASP CB  HB3  sing N N 65  
ASP CG  OD1  doub N N 66  
ASP CG  OD2  sing N N 67  
ASP OD2 HD2  sing N N 68  
ASP OXT HXT  sing N N 69  
GLN N   CA   sing N N 70  
GLN N   H    sing N N 71  
GLN N   H2   sing N N 72  
GLN CA  C    sing N N 73  
GLN CA  CB   sing N N 74  
GLN CA  HA   sing N N 75  
GLN C   O    doub N N 76  
GLN C   OXT  sing N N 77  
GLN CB  CG   sing N N 78  
GLN CB  HB2  sing N N 79  
GLN CB  HB3  sing N N 80  
GLN CG  CD   sing N N 81  
GLN CG  HG2  sing N N 82  
GLN CG  HG3  sing N N 83  
GLN CD  OE1  doub N N 84  
GLN CD  NE2  sing N N 85  
GLN NE2 HE21 sing N N 86  
GLN NE2 HE22 sing N N 87  
GLN OXT HXT  sing N N 88  
GLU N   CA   sing N N 89  
GLU N   H    sing N N 90  
GLU N   H2   sing N N 91  
GLU CA  C    sing N N 92  
GLU CA  CB   sing N N 93  
GLU CA  HA   sing N N 94  
GLU C   O    doub N N 95  
GLU C   OXT  sing N N 96  
GLU CB  CG   sing N N 97  
GLU CB  HB2  sing N N 98  
GLU CB  HB3  sing N N 99  
GLU CG  CD   sing N N 100 
GLU CG  HG2  sing N N 101 
GLU CG  HG3  sing N N 102 
GLU CD  OE1  doub N N 103 
GLU CD  OE2  sing N N 104 
GLU OE2 HE2  sing N N 105 
GLU OXT HXT  sing N N 106 
GLY N   CA   sing N N 107 
GLY N   H    sing N N 108 
GLY N   H2   sing N N 109 
GLY CA  C    sing N N 110 
GLY CA  HA2  sing N N 111 
GLY CA  HA3  sing N N 112 
GLY C   O    doub N N 113 
GLY C   OXT  sing N N 114 
GLY OXT HXT  sing N N 115 
HIS N   CA   sing N N 116 
HIS N   H    sing N N 117 
HIS N   H2   sing N N 118 
HIS CA  C    sing N N 119 
HIS CA  CB   sing N N 120 
HIS CA  HA   sing N N 121 
HIS C   O    doub N N 122 
HIS C   OXT  sing N N 123 
HIS CB  CG   sing N N 124 
HIS CB  HB2  sing N N 125 
HIS CB  HB3  sing N N 126 
HIS CG  ND1  sing Y N 127 
HIS CG  CD2  doub Y N 128 
HIS ND1 CE1  doub Y N 129 
HIS ND1 HD1  sing N N 130 
HIS CD2 NE2  sing Y N 131 
HIS CD2 HD2  sing N N 132 
HIS CE1 NE2  sing Y N 133 
HIS CE1 HE1  sing N N 134 
HIS NE2 HE2  sing N N 135 
HIS OXT HXT  sing N N 136 
HOH O   H1   sing N N 137 
HOH O   H2   sing N N 138 
ILE N   CA   sing N N 139 
ILE N   H    sing N N 140 
ILE N   H2   sing N N 141 
ILE CA  C    sing N N 142 
ILE CA  CB   sing N N 143 
ILE CA  HA   sing N N 144 
ILE C   O    doub N N 145 
ILE C   OXT  sing N N 146 
ILE CB  CG1  sing N N 147 
ILE CB  CG2  sing N N 148 
ILE CB  HB   sing N N 149 
ILE CG1 CD1  sing N N 150 
ILE CG1 HG12 sing N N 151 
ILE CG1 HG13 sing N N 152 
ILE CG2 HG21 sing N N 153 
ILE CG2 HG22 sing N N 154 
ILE CG2 HG23 sing N N 155 
ILE CD1 HD11 sing N N 156 
ILE CD1 HD12 sing N N 157 
ILE CD1 HD13 sing N N 158 
ILE OXT HXT  sing N N 159 
LEU N   CA   sing N N 160 
LEU N   H    sing N N 161 
LEU N   H2   sing N N 162 
LEU CA  C    sing N N 163 
LEU CA  CB   sing N N 164 
LEU CA  HA   sing N N 165 
LEU C   O    doub N N 166 
LEU C   OXT  sing N N 167 
LEU CB  CG   sing N N 168 
LEU CB  HB2  sing N N 169 
LEU CB  HB3  sing N N 170 
LEU CG  CD1  sing N N 171 
LEU CG  CD2  sing N N 172 
LEU CG  HG   sing N N 173 
LEU CD1 HD11 sing N N 174 
LEU CD1 HD12 sing N N 175 
LEU CD1 HD13 sing N N 176 
LEU CD2 HD21 sing N N 177 
LEU CD2 HD22 sing N N 178 
LEU CD2 HD23 sing N N 179 
LEU OXT HXT  sing N N 180 
LYS N   CA   sing N N 181 
LYS N   H    sing N N 182 
LYS N   H2   sing N N 183 
LYS CA  C    sing N N 184 
LYS CA  CB   sing N N 185 
LYS CA  HA   sing N N 186 
LYS C   O    doub N N 187 
LYS C   OXT  sing N N 188 
LYS CB  CG   sing N N 189 
LYS CB  HB2  sing N N 190 
LYS CB  HB3  sing N N 191 
LYS CG  CD   sing N N 192 
LYS CG  HG2  sing N N 193 
LYS CG  HG3  sing N N 194 
LYS CD  CE   sing N N 195 
LYS CD  HD2  sing N N 196 
LYS CD  HD3  sing N N 197 
LYS CE  NZ   sing N N 198 
LYS CE  HE2  sing N N 199 
LYS CE  HE3  sing N N 200 
LYS NZ  HZ1  sing N N 201 
LYS NZ  HZ2  sing N N 202 
LYS NZ  HZ3  sing N N 203 
LYS OXT HXT  sing N N 204 
MET N   CA   sing N N 205 
MET N   H    sing N N 206 
MET N   H2   sing N N 207 
MET CA  C    sing N N 208 
MET CA  CB   sing N N 209 
MET CA  HA   sing N N 210 
MET C   O    doub N N 211 
MET C   OXT  sing N N 212 
MET CB  CG   sing N N 213 
MET CB  HB2  sing N N 214 
MET CB  HB3  sing N N 215 
MET CG  SD   sing N N 216 
MET CG  HG2  sing N N 217 
MET CG  HG3  sing N N 218 
MET SD  CE   sing N N 219 
MET CE  HE1  sing N N 220 
MET CE  HE2  sing N N 221 
MET CE  HE3  sing N N 222 
MET OXT HXT  sing N N 223 
PHE N   CA   sing N N 224 
PHE N   H    sing N N 225 
PHE N   H2   sing N N 226 
PHE CA  C    sing N N 227 
PHE CA  CB   sing N N 228 
PHE CA  HA   sing N N 229 
PHE C   O    doub N N 230 
PHE C   OXT  sing N N 231 
PHE CB  CG   sing N N 232 
PHE CB  HB2  sing N N 233 
PHE CB  HB3  sing N N 234 
PHE CG  CD1  doub Y N 235 
PHE CG  CD2  sing Y N 236 
PHE CD1 CE1  sing Y N 237 
PHE CD1 HD1  sing N N 238 
PHE CD2 CE2  doub Y N 239 
PHE CD2 HD2  sing N N 240 
PHE CE1 CZ   doub Y N 241 
PHE CE1 HE1  sing N N 242 
PHE CE2 CZ   sing Y N 243 
PHE CE2 HE2  sing N N 244 
PHE CZ  HZ   sing N N 245 
PHE OXT HXT  sing N N 246 
PRO N   CA   sing N N 247 
PRO N   CD   sing N N 248 
PRO N   H    sing N N 249 
PRO CA  C    sing N N 250 
PRO CA  CB   sing N N 251 
PRO CA  HA   sing N N 252 
PRO C   O    doub N N 253 
PRO C   OXT  sing N N 254 
PRO CB  CG   sing N N 255 
PRO CB  HB2  sing N N 256 
PRO CB  HB3  sing N N 257 
PRO CG  CD   sing N N 258 
PRO CG  HG2  sing N N 259 
PRO CG  HG3  sing N N 260 
PRO CD  HD2  sing N N 261 
PRO CD  HD3  sing N N 262 
PRO OXT HXT  sing N N 263 
SER N   CA   sing N N 264 
SER N   H    sing N N 265 
SER N   H2   sing N N 266 
SER CA  C    sing N N 267 
SER CA  CB   sing N N 268 
SER CA  HA   sing N N 269 
SER C   O    doub N N 270 
SER C   OXT  sing N N 271 
SER CB  OG   sing N N 272 
SER CB  HB2  sing N N 273 
SER CB  HB3  sing N N 274 
SER OG  HG   sing N N 275 
SER OXT HXT  sing N N 276 
TYR N   CA   sing N N 277 
TYR N   H    sing N N 278 
TYR N   H2   sing N N 279 
TYR CA  C    sing N N 280 
TYR CA  CB   sing N N 281 
TYR CA  HA   sing N N 282 
TYR C   O    doub N N 283 
TYR C   OXT  sing N N 284 
TYR CB  CG   sing N N 285 
TYR CB  HB2  sing N N 286 
TYR CB  HB3  sing N N 287 
TYR CG  CD1  doub Y N 288 
TYR CG  CD2  sing Y N 289 
TYR CD1 CE1  sing Y N 290 
TYR CD1 HD1  sing N N 291 
TYR CD2 CE2  doub Y N 292 
TYR CD2 HD2  sing N N 293 
TYR CE1 CZ   doub Y N 294 
TYR CE1 HE1  sing N N 295 
TYR CE2 CZ   sing Y N 296 
TYR CE2 HE2  sing N N 297 
TYR CZ  OH   sing N N 298 
TYR OH  HH   sing N N 299 
TYR OXT HXT  sing N N 300 
VAL N   CA   sing N N 301 
VAL N   H    sing N N 302 
VAL N   H2   sing N N 303 
VAL CA  C    sing N N 304 
VAL CA  CB   sing N N 305 
VAL CA  HA   sing N N 306 
VAL C   O    doub N N 307 
VAL C   OXT  sing N N 308 
VAL CB  CG1  sing N N 309 
VAL CB  CG2  sing N N 310 
VAL CB  HB   sing N N 311 
VAL CG1 HG11 sing N N 312 
VAL CG1 HG12 sing N N 313 
VAL CG1 HG13 sing N N 314 
VAL CG2 HG21 sing N N 315 
VAL CG2 HG22 sing N N 316 
VAL CG2 HG23 sing N N 317 
VAL OXT HXT  sing N N 318 
# 
_atom_sites.entry_id                    7DGU 
_atom_sites.Cartn_transf_matrix[1][1]   ? 
_atom_sites.Cartn_transf_matrix[1][2]   ? 
_atom_sites.Cartn_transf_matrix[1][3]   ? 
_atom_sites.Cartn_transf_matrix[2][1]   ? 
_atom_sites.Cartn_transf_matrix[2][2]   ? 
_atom_sites.Cartn_transf_matrix[2][3]   ? 
_atom_sites.Cartn_transf_matrix[3][1]   ? 
_atom_sites.Cartn_transf_matrix[3][2]   ? 
_atom_sites.Cartn_transf_matrix[3][3]   ? 
_atom_sites.Cartn_transf_vector[1]      ? 
_atom_sites.Cartn_transf_vector[2]      ? 
_atom_sites.Cartn_transf_vector[3]      ? 
_atom_sites.fract_transf_matrix[1][1]   0.02472167 
_atom_sites.fract_transf_matrix[1][2]   0.00559825 
_atom_sites.fract_transf_matrix[1][3]   0.02349917 
_atom_sites.fract_transf_matrix[2][1]   0.00406369 
_atom_sites.fract_transf_matrix[2][2]   0.03149833 
_atom_sites.fract_transf_matrix[2][3]   0.01364115 
_atom_sites.fract_transf_matrix[3][1]   -0.00401498 
_atom_sites.fract_transf_matrix[3][2]   -0.00146211 
_atom_sites.fract_transf_matrix[3][3]   0.00457217 
_atom_sites.fract_transf_vector[1]      -0.181257 
_atom_sites.fract_transf_vector[2]      -0.497502 
_atom_sites.fract_transf_vector[3]      0.078472 
_atom_sites.solution_primary            ? 
_atom_sites.solution_secondary          ? 
_atom_sites.solution_hydrogens          ? 
_atom_sites.special_details             ? 
# 
loop_
_atom_type.symbol 
C 
N 
O 
S 
# 
loop_
_atom_site.group_PDB 
_atom_site.id 
_atom_site.type_symbol 
_atom_site.label_atom_id 
_atom_site.label_alt_id 
_atom_site.label_comp_id 
_atom_site.label_asym_id 
_atom_site.label_entity_id 
_atom_site.label_seq_id 
_atom_site.pdbx_PDB_ins_code 
_atom_site.Cartn_x 
_atom_site.Cartn_y 
_atom_site.Cartn_z 
_atom_site.occupancy 
_atom_site.B_iso_or_equiv 
_atom_site.pdbx_formal_charge 
_atom_site.auth_seq_id 
_atom_site.auth_comp_id 
_atom_site.auth_asym_id 
_atom_site.auth_atom_id 
_atom_site.pdbx_PDB_model_num 
ATOM   1   N N   . ASP A 1 3  ? 18.934  -3.148  0.848   1.00 36.14 ? 3   ASP A N   1 
ATOM   2   C CA  . ASP A 1 3  ? 17.828  -2.830  -0.055  1.00 32.74 ? 3   ASP A CA  1 
ATOM   3   C C   . ASP A 1 3  ? 16.592  -2.391  0.727   1.00 26.29 ? 3   ASP A C   1 
ATOM   4   O O   . ASP A 1 3  ? 15.699  -3.194  1.015   1.00 26.61 ? 3   ASP A O   1 
ATOM   5   C CB  . ASP A 1 3  ? 17.497  -4.029  -0.946  1.00 40.30 ? 3   ASP A CB  1 
ATOM   6   C CG  . ASP A 1 3  ? 16.760  -3.627  -2.214  1.00 48.66 ? 3   ASP A CG  1 
ATOM   7   O OD1 . ASP A 1 3  ? 16.101  -2.562  -2.219  1.00 49.42 ? 3   ASP A OD1 1 
ATOM   8   O OD2 . ASP A 1 3  ? 16.852  -4.374  -3.210  1.00 49.22 ? 3   ASP A OD2 1 
ATOM   9   N N   . GLU A 1 4  ? 16.545  -1.099  1.048   1.00 23.66 ? 4   GLU A N   1 
ATOM   10  C CA  . GLU A 1 4  ? 15.492  -0.581  1.919   1.00 28.19 ? 4   GLU A CA  1 
ATOM   11  C C   . GLU A 1 4  ? 14.127  -0.675  1.264   1.00 33.26 ? 4   GLU A C   1 
ATOM   12  O O   . GLU A 1 4  ? 13.144  -1.080  1.897   1.00 27.15 ? 4   GLU A O   1 
ATOM   13  C CB  . GLU A 1 4  ? 15.800  0.864   2.299   1.00 26.20 ? 4   GLU A CB  1 
ATOM   14  C CG  . GLU A 1 4  ? 17.038  0.956   3.135   1.00 29.82 ? 4   GLU A CG  1 
ATOM   15  C CD  . GLU A 1 4  ? 17.195  -0.268  4.011   1.00 44.31 ? 4   GLU A CD  1 
ATOM   16  O OE1 . GLU A 1 4  ? 16.265  -0.549  4.807   1.00 41.49 ? 4   GLU A OE1 1 
ATOM   17  O OE2 . GLU A 1 4  ? 18.246  -0.934  3.933   1.00 52.49 ? 4   GLU A OE2 1 
ATOM   18  N N   . TYR A 1 5  ? 14.044  -0.281  -0.005  1.00 21.62 ? 5   TYR A N   1 
ATOM   19  C CA  . TYR A 1 5  ? 12.758  -0.289  -0.688  1.00 24.77 ? 5   TYR A CA  1 
ATOM   20  C C   . TYR A 1 5  ? 12.187  -1.697  -0.745  1.00 21.32 ? 5   TYR A C   1 
ATOM   21  O O   . TYR A 1 5  ? 10.998  -1.911  -0.474  1.00 27.00 ? 5   TYR A O   1 
ATOM   22  C CB  . TYR A 1 5  ? 12.913  0.293   -2.092  1.00 28.34 ? 5   TYR A CB  1 
ATOM   23  C CG  . TYR A 1 5  ? 11.609  0.738   -2.699  1.00 26.69 ? 5   TYR A CG  1 
ATOM   24  C CD1 . TYR A 1 5  ? 10.672  -0.191  -3.132  1.00 29.18 ? 5   TYR A CD1 1 
ATOM   25  C CD2 . TYR A 1 5  ? 11.310  2.089   -2.839  1.00 27.39 ? 5   TYR A CD2 1 
ATOM   26  C CE1 . TYR A 1 5  ? 9.476   0.210   -3.686  1.00 26.79 ? 5   TYR A CE1 1 
ATOM   27  C CE2 . TYR A 1 5  ? 10.111  2.499   -3.395  1.00 27.89 ? 5   TYR A CE2 1 
ATOM   28  C CZ  . TYR A 1 5  ? 9.201   1.552   -3.820  1.00 23.51 ? 5   TYR A CZ  1 
ATOM   29  O OH  . TYR A 1 5  ? 8.004   1.936   -4.383  1.00 23.52 ? 5   TYR A OH  1 
ATOM   30  N N   . LYS A 1 6  ? 13.032  -2.648  -1.083  1.00 24.09 ? 6   LYS A N   1 
ATOM   31  C CA  . LYS A 1 6  ? 12.565  -4.042  -1.159  1.00 28.22 ? 6   LYS A CA  1 
ATOM   32  C C   . LYS A 1 6  ? 12.040  -4.498  0.208   1.00 25.18 ? 6   LYS A C   1 
ATOM   33  O O   . LYS A 1 6  ? 11.043  -5.152  0.230   1.00 25.37 ? 6   LYS A O   1 
ATOM   34  C CB  . LYS A 1 6  ? 13.686  -4.964  -1.630  1.00 29.43 ? 6   LYS A CB  1 
ATOM   35  C CG  . LYS A 1 6  ? 13.335  -6.433  -1.611  1.00 40.73 ? 6   LYS A CG  1 
ATOM   36  C CD  . LYS A 1 6  ? 14.452  -7.289  -2.101  1.00 45.55 ? 6   LYS A CD  1 
ATOM   37  C CE  . LYS A 1 6  ? 14.049  -8.701  -2.436  1.00 53.29 ? 6   LYS A CE  1 
ATOM   38  N NZ  . LYS A 1 6  ? 15.246  -9.555  -2.584  1.00 62.63 ? 6   LYS A NZ  1 
ATOM   39  N N   . LYS A 1 7  ? 12.745  -4.170  1.281   1.00 25.67 ? 7   LYS A N   1 
ATOM   40  C CA  . LYS A 1 7  ? 12.329  -4.595  2.616   1.00 23.53 ? 7   LYS A CA  1 
ATOM   41  C C   . LYS A 1 7  ? 10.929  -4.090  2.944   1.00 25.95 ? 7   LYS A C   1 
ATOM   42  O O   . LYS A 1 7  ? 10.069  -4.860  3.391   1.00 24.12 ? 7   LYS A O   1 
ATOM   43  C CB  . LYS A 1 7  ? 13.338  -4.103  3.654   1.00 24.17 ? 7   LYS A CB  1 
ATOM   44  C CG  . LYS A 1 7  ? 12.871  -4.208  5.099   1.00 35.00 ? 7   LYS A CG  1 
ATOM   45  C CD  . LYS A 1 7  ? 13.929  -3.666  6.054   1.00 41.65 ? 7   LYS A CD  1 
ATOM   46  C CE  . LYS A 1 7  ? 13.432  -3.662  7.493   1.00 48.64 ? 7   LYS A CE  1 
ATOM   47  N NZ  . LYS A 1 7  ? 14.556  -3.644  8.473   1.00 55.17 ? 7   LYS A NZ  1 
ATOM   48  N N   . TYR A 1 8  ? 10.679  -2.795  2.729   1.00 20.61 ? 8   TYR A N   1 
ATOM   49  C CA  . TYR A 1 8  ? 9.363   -2.242  3.034   1.00 15.49 ? 8   TYR A CA  1 
ATOM   50  C C   . TYR A 1 8  ? 8.305   -2.782  2.083   1.00 20.94 ? 8   TYR A C   1 
ATOM   51  O O   . TYR A 1 8  ? 7.158   -3.018  2.488   1.00 21.69 ? 8   TYR A O   1 
ATOM   52  C CB  . TYR A 1 8  ? 9.400   -0.715  2.959   1.00 21.48 ? 8   TYR A CB  1 
ATOM   53  C CG  . TYR A 1 8  ? 10.332  -0.060  3.954   1.00 25.87 ? 8   TYR A CG  1 
ATOM   54  C CD1 . TYR A 1 8  ? 10.326  -0.430  5.293   1.00 33.94 ? 8   TYR A CD1 1 
ATOM   55  C CD2 . TYR A 1 8  ? 11.212  0.933   3.552   1.00 34.45 ? 8   TYR A CD2 1 
ATOM   56  C CE1 . TYR A 1 8  ? 11.177  0.172   6.204   1.00 38.44 ? 8   TYR A CE1 1 
ATOM   57  C CE2 . TYR A 1 8  ? 12.063  1.540   4.451   1.00 34.95 ? 8   TYR A CE2 1 
ATOM   58  C CZ  . TYR A 1 8  ? 12.043  1.158   5.775   1.00 39.25 ? 8   TYR A CZ  1 
ATOM   59  O OH  . TYR A 1 8  ? 12.893  1.763   6.672   1.00 42.33 ? 8   TYR A OH  1 
ATOM   60  N N   . TYR A 1 9  ? 8.671   -2.964  0.811   1.00 24.55 ? 9   TYR A N   1 
ATOM   61  C CA  . TYR A 1 9  ? 7.750   -3.536  -0.166  1.00 23.57 ? 9   TYR A CA  1 
ATOM   62  C C   . TYR A 1 9  ? 7.283   -4.919  0.278   1.00 23.04 ? 9   TYR A C   1 
ATOM   63  O O   . TYR A 1 9  ? 6.082   -5.195  0.339   1.00 20.76 ? 9   TYR A O   1 
ATOM   64  C CB  . TYR A 1 9  ? 8.424   -3.603  -1.542  1.00 23.92 ? 9   TYR A CB  1 
ATOM   65  C CG  . TYR A 1 9  ? 7.625   -4.355  -2.591  1.00 21.25 ? 9   TYR A CG  1 
ATOM   66  C CD1 . TYR A 1 9  ? 6.577   -3.739  -3.262  1.00 21.71 ? 9   TYR A CD1 1 
ATOM   67  C CD2 . TYR A 1 9  ? 7.915   -5.682  -2.899  1.00 25.02 ? 9   TYR A CD2 1 
ATOM   68  C CE1 . TYR A 1 9  ? 5.839   -4.417  -4.218  1.00 21.24 ? 9   TYR A CE1 1 
ATOM   69  C CE2 . TYR A 1 9  ? 7.180   -6.368  -3.851  1.00 25.88 ? 9   TYR A CE2 1 
ATOM   70  C CZ  . TYR A 1 9  ? 6.142   -5.728  -4.508  1.00 30.87 ? 9   TYR A CZ  1 
ATOM   71  O OH  . TYR A 1 9  ? 5.402   -6.396  -5.460  1.00 35.57 ? 9   TYR A OH  1 
ATOM   72  N N   . GLN A 1 10 ? 8.229   -5.793  0.620   1.00 19.55 ? 10  GLN A N   1 
ATOM   73  C CA  . GLN A 1 10 ? 7.850   -7.144  1.023   1.00 23.66 ? 10  GLN A CA  1 
ATOM   74  C C   . GLN A 1 10 ? 7.033   -7.129  2.310   1.00 26.06 ? 10  GLN A C   1 
ATOM   75  O O   . GLN A 1 10 ? 6.063   -7.882  2.440   1.00 23.02 ? 10  GLN A O   1 
ATOM   76  C CB  . GLN A 1 10 ? 9.096   -8.019  1.155   1.00 27.07 ? 10  GLN A CB  1 
ATOM   77  C CG  . GLN A 1 10 ? 9.646   -8.439  -0.209  1.00 31.74 ? 10  GLN A CG  1 
ATOM   78  C CD  . GLN A 1 10 ? 10.814  -9.405  -0.121  1.00 42.07 ? 10  GLN A CD  1 
ATOM   79  O OE1 . GLN A 1 10 ? 11.102  -10.127 -1.075  1.00 50.88 ? 10  GLN A OE1 1 
ATOM   80  N NE2 . GLN A 1 10 ? 11.498  -9.413  1.017   1.00 42.11 ? 10  GLN A NE2 1 
ATOM   81  N N   . GLN A 1 11 ? 7.376   -6.246  3.254   1.00 23.67 ? 11  GLN A N   1 
ATOM   82  C CA  . GLN A 1 11 ? 6.595   -6.139  4.485   1.00 25.16 ? 11  GLN A CA  1 
ATOM   83  C C   . GLN A 1 11 ? 5.166   -5.688  4.200   1.00 25.08 ? 11  GLN A C   1 
ATOM   84  O O   . GLN A 1 11 ? 4.211   -6.196  4.805   1.00 22.14 ? 11  GLN A O   1 
ATOM   85  C CB  . GLN A 1 11 ? 7.272   -5.170  5.457   1.00 26.99 ? 11  GLN A CB  1 
ATOM   86  C CG  . GLN A 1 11 ? 8.525   -5.726  6.114   1.00 28.91 ? 11  GLN A CG  1 
ATOM   87  C CD  . GLN A 1 11 ? 9.207   -4.720  7.023   1.00 39.04 ? 11  GLN A CD  1 
ATOM   88  O OE1 . GLN A 1 11 ? 8.903   -3.528  6.989   1.00 38.47 ? 11  GLN A OE1 1 
ATOM   89  N NE2 . GLN A 1 11 ? 10.134  -5.197  7.842   1.00 42.76 ? 11  GLN A NE2 1 
ATOM   90  N N   . ALA A 1 12 ? 4.999   -4.735  3.283   1.00 16.70 ? 12  ALA A N   1 
ATOM   91  C CA  . ALA A 1 12 ? 3.663   -4.252  2.947   1.00 17.65 ? 12  ALA A CA  1 
ATOM   92  C C   . ALA A 1 12 ? 2.852   -5.321  2.228   1.00 21.03 ? 12  ALA A C   1 
ATOM   93  O O   . ALA A 1 12 ? 1.643   -5.446  2.454   1.00 18.25 ? 12  ALA A O   1 
ATOM   94  C CB  . ALA A 1 12 ? 3.765   -2.988  2.094   1.00 16.99 ? 12  ALA A CB  1 
ATOM   95  N N   . ILE A 1 13 ? 3.503   -6.097  1.357   1.00 18.65 ? 13  ILE A N   1 
ATOM   96  C CA  . ILE A 1 13 ? 2.825   -7.188  0.654   1.00 23.98 ? 13  ILE A CA  1 
ATOM   97  C C   . ILE A 1 13 ? 2.258   -8.195  1.646   1.00 24.55 ? 13  ILE A C   1 
ATOM   98  O O   . ILE A 1 13 ? 1.110   -8.645  1.518   1.00 26.46 ? 13  ILE A O   1 
ATOM   99  C CB  . ILE A 1 13 ? 3.790   -7.862  -0.339  1.00 28.41 ? 13  ILE A CB  1 
ATOM   100 C CG1 . ILE A 1 13 ? 4.141   -6.900  -1.478  1.00 26.97 ? 13  ILE A CG1 1 
ATOM   101 C CG2 . ILE A 1 13 ? 3.192   -9.158  -0.863  1.00 32.54 ? 13  ILE A CG2 1 
ATOM   102 C CD1 . ILE A 1 13 ? 3.272   -7.038  -2.705  1.00 35.59 ? 13  ILE A CD1 1 
ATOM   103 N N   . GLN A 1 14 ? 3.050   -8.579  2.652   1.00 21.66 ? 14  GLN A N   1 
ATOM   104 C CA  . GLN A 1 14 ? 2.556   -9.577  3.596   1.00 25.01 ? 14  GLN A CA  1 
ATOM   105 C C   . GLN A 1 14 ? 1.412   -9.024  4.440   1.00 22.04 ? 14  GLN A C   1 
ATOM   106 O O   . GLN A 1 14 ? 0.470   -9.753  4.775   1.00 21.72 ? 14  GLN A O   1 
ATOM   107 C CB  . GLN A 1 14 ? 3.683   -10.096 4.497   1.00 38.45 ? 14  GLN A CB  1 
ATOM   108 N N   . LEU A 1 15 ? 1.464   -7.735  4.778   1.00 21.02 ? 15  LEU A N   1 
ATOM   109 C CA  . LEU A 1 15 ? 0.385   -7.143  5.566   1.00 20.82 ? 15  LEU A CA  1 
ATOM   110 C C   . LEU A 1 15 ? -0.902  -7.037  4.756   1.00 22.95 ? 15  LEU A C   1 
ATOM   111 O O   . LEU A 1 15 ? -1.996  -7.275  5.283   1.00 20.93 ? 15  LEU A O   1 
ATOM   112 C CB  . LEU A 1 15 ? 0.805   -5.769  6.084   1.00 18.32 ? 15  LEU A CB  1 
ATOM   113 C CG  . LEU A 1 15 ? 1.869   -5.818  7.180   1.00 24.99 ? 15  LEU A CG  1 
ATOM   114 C CD1 . LEU A 1 15 ? 2.252   -4.419  7.595   1.00 23.29 ? 15  LEU A CD1 1 
ATOM   115 C CD2 . LEU A 1 15 ? 1.380   -6.634  8.383   1.00 21.96 ? 15  LEU A CD2 1 
ATOM   116 N N   . ILE A 1 16 ? -0.789  -6.669  3.475   1.00 17.96 ? 16  ILE A N   1 
ATOM   117 C CA  . ILE A 1 16 ? -1.969  -6.591  2.608   1.00 18.26 ? 16  ILE A CA  1 
ATOM   118 C C   . ILE A 1 16 ? -2.610  -7.962  2.458   1.00 21.56 ? 16  ILE A C   1 
ATOM   119 O O   . ILE A 1 16 ? -3.836  -8.113  2.560   1.00 23.71 ? 16  ILE A O   1 
ATOM   120 C CB  . ILE A 1 16 ? -1.591  -6.003  1.235   1.00 18.79 ? 16  ILE A CB  1 
ATOM   121 C CG1 . ILE A 1 16 ? -1.244  -4.523  1.358   1.00 22.67 ? 16  ILE A CG1 1 
ATOM   122 C CG2 . ILE A 1 16 ? -2.731  -6.193  0.249   1.00 23.00 ? 16  ILE A CG2 1 
ATOM   123 C CD1 . ILE A 1 16 ? -0.465  -3.984  0.158   1.00 24.74 ? 16  ILE A CD1 1 
ATOM   124 N N   . GLN A 1 17 ? -1.793  -8.991  2.205   1.00 21.63 ? 17  GLN A N   1 
ATOM   125 C CA  . GLN A 1 17 ? -2.320  -10.344 2.063   1.00 23.83 ? 17  GLN A CA  1 
ATOM   126 C C   . GLN A 1 17 ? -2.957  -10.834 3.358   1.00 27.73 ? 17  GLN A C   1 
ATOM   127 O O   . GLN A 1 17 ? -3.983  -11.520 3.333   1.00 27.78 ? 17  GLN A O   1 
ATOM   128 C CB  . GLN A 1 17 ? -1.211  -11.292 1.609   1.00 32.39 ? 17  GLN A CB  1 
ATOM   129 C CG  . GLN A 1 17 ? -0.841  -11.120 0.142   1.00 41.65 ? 17  GLN A CG  1 
ATOM   130 C CD  . GLN A 1 17 ? -2.018  -11.391 -0.782  1.00 56.44 ? 17  GLN A CD  1 
ATOM   131 O OE1 . GLN A 1 17 ? -2.623  -12.464 -0.738  1.00 65.26 ? 17  GLN A OE1 1 
ATOM   132 N NE2 . GLN A 1 17 ? -2.358  -10.412 -1.611  1.00 54.18 ? 17  GLN A NE2 1 
ATOM   133 N N   . GLN A 1 18 ? -2.365  -10.489 4.503   1.00 24.12 ? 18  GLN A N   1 
ATOM   134 C CA  . GLN A 1 18 ? -2.967  -10.856 5.779   1.00 26.42 ? 18  GLN A CA  1 
ATOM   135 C C   . GLN A 1 18 ? -4.279  -10.111 5.999   1.00 22.32 ? 18  GLN A C   1 
ATOM   136 O O   . GLN A 1 18 ? -5.266  -10.690 6.469   1.00 26.21 ? 18  GLN A O   1 
ATOM   137 C CB  . GLN A 1 18 ? -1.993  -10.572 6.921   1.00 36.11 ? 18  GLN A CB  1 
ATOM   138 C CG  . GLN A 1 18 ? -2.434  -11.169 8.238   1.00 39.76 ? 18  GLN A CG  1 
ATOM   139 C CD  . GLN A 1 18 ? -2.550  -12.681 8.172   1.00 41.65 ? 18  GLN A CD  1 
ATOM   140 O OE1 . GLN A 1 18 ? -1.686  -13.362 7.612   1.00 40.33 ? 18  GLN A OE1 1 
ATOM   141 N NE2 . GLN A 1 18 ? -3.633  -13.212 8.725   1.00 43.88 ? 18  GLN A NE2 1 
ATOM   142 N N   . LEU A 1 19 ? -4.298  -8.817  5.676   1.00 21.96 ? 19  LEU A N   1 
ATOM   143 C CA  . LEU A 1 19 ? -5.523  -8.032  5.806   1.00 20.09 ? 19  LEU A CA  1 
ATOM   144 C C   . LEU A 1 19 ? -6.631  -8.594  4.925   1.00 25.90 ? 19  LEU A C   1 
ATOM   145 O O   . LEU A 1 19 ? -7.787  -8.705  5.356   1.00 23.85 ? 19  LEU A O   1 
ATOM   146 C CB  . LEU A 1 19 ? -5.242  -6.570  5.455   1.00 19.97 ? 19  LEU A CB  1 
ATOM   147 C CG  . LEU A 1 19 ? -6.418  -5.596  5.574   1.00 26.16 ? 19  LEU A CG  1 
ATOM   148 C CD1 . LEU A 1 19 ? -7.105  -5.742  6.921   1.00 29.62 ? 19  LEU A CD1 1 
ATOM   149 C CD2 . LEU A 1 19 ? -5.956  -4.161  5.349   1.00 28.84 ? 19  LEU A CD2 1 
ATOM   150 N N   . LYS A 1 20 ? -6.295  -8.956  3.679   1.00 21.90 ? 20  LYS A N   1 
ATOM   151 C CA  . LYS A 1 20 ? -7.297  -9.488  2.759   1.00 27.71 ? 20  LYS A CA  1 
ATOM   152 C C   . LYS A 1 20 ? -8.003  -10.705 3.336   1.00 28.16 ? 20  LYS A C   1 
ATOM   153 O O   . LYS A 1 20 ? -9.205  -10.884 3.115   1.00 33.35 ? 20  LYS A O   1 
ATOM   154 C CB  . LYS A 1 20 ? -6.655  -9.853  1.420   1.00 29.02 ? 20  LYS A CB  1 
ATOM   155 C CG  . LYS A 1 20 ? -6.364  -8.674  0.513   1.00 32.84 ? 20  LYS A CG  1 
ATOM   156 C CD  . LYS A 1 20 ? -5.205  -9.001  -0.415  1.00 40.94 ? 20  LYS A CD  1 
ATOM   157 C CE  . LYS A 1 20 ? -5.674  -9.234  -1.837  1.00 45.10 ? 20  LYS A CE  1 
ATOM   158 N NZ  . LYS A 1 20 ? -6.558  -10.423 -1.963  1.00 49.02 ? 20  LYS A NZ  1 
ATOM   159 N N   . LYS A 1 21 ? -7.277  -11.544 4.086   1.00 28.96 ? 21  LYS A N   1 
ATOM   160 C CA  . LYS A 1 21 ? -7.881  -12.735 4.677   1.00 34.60 ? 21  LYS A CA  1 
ATOM   161 C C   . LYS A 1 21 ? -9.067  -12.390 5.566   1.00 41.31 ? 21  LYS A C   1 
ATOM   162 O O   . LYS A 1 21 ? -10.023 -13.168 5.656   1.00 38.91 ? 21  LYS A O   1 
ATOM   163 C CB  . LYS A 1 21 ? -6.841  -13.509 5.487   1.00 31.98 ? 21  LYS A CB  1 
ATOM   164 C CG  . LYS A 1 21 ? -5.828  -14.281 4.656   1.00 34.98 ? 21  LYS A CG  1 
ATOM   165 C CD  . LYS A 1 21 ? -4.901  -15.081 5.559   1.00 43.21 ? 21  LYS A CD  1 
ATOM   166 C CE  . LYS A 1 21 ? -3.962  -15.963 4.758   1.00 52.08 ? 21  LYS A CE  1 
ATOM   167 N NZ  . LYS A 1 21 ? -3.333  -15.210 3.637   1.00 57.30 ? 21  LYS A NZ  1 
ATOM   168 N N   . ALA A 1 22 ? -9.011  -11.235 6.214   1.00 38.00 ? 22  ALA A N   1 
ATOM   169 C CA  . ALA A 1 22 ? -10.090 -10.788 7.124   1.00 44.48 ? 22  ALA A CA  1 
ATOM   170 C C   . ALA A 1 22 ? -11.140 -9.918  6.430   1.00 53.37 ? 22  ALA A C   1 
ATOM   171 O O   . ALA A 1 22 ? -11.921 -9.326  7.172   1.00 61.18 ? 22  ALA A O   1 
ATOM   172 C CB  . ALA A 1 22 ? -9.458  -10.021 8.243   1.00 37.58 ? 22  ALA A CB  1 
ATOM   173 N N   . LEU A 1 23 ? -11.244 -9.924  5.099   1.00 49.17 ? 23  LEU A N   1 
ATOM   174 C CA  . LEU A 1 23 ? -12.170 -9.010  4.360   1.00 46.86 ? 23  LEU A CA  1 
ATOM   175 C C   . LEU A 1 23 ? -13.127 -9.809  3.476   1.00 49.98 ? 23  LEU A C   1 
ATOM   176 O O   . LEU A 1 23 ? -13.601 -9.271  2.468   1.00 44.42 ? 23  LEU A O   1 
ATOM   177 C CB  . LEU A 1 23 ? -11.322 -8.093  3.472   1.00 41.06 ? 23  LEU A CB  1 
ATOM   178 C CG  . LEU A 1 23 ? -10.334 -7.207  4.224   1.00 38.14 ? 23  LEU A CG  1 
ATOM   179 C CD1 . LEU A 1 23 ? -9.572  -6.300  3.264   1.00 35.57 ? 23  LEU A CD1 1 
ATOM   180 C CD2 . LEU A 1 23 ? -11.068 -6.392  5.268   1.00 40.72 ? 23  LEU A CD2 1 
ATOM   181 N N   . GLU A 1 24 ? -13.373 -11.063 3.843   1.00 52.59 ? 24  GLU A N   1 
ATOM   182 C CA  . GLU A 1 24 ? -14.199 -11.940 2.982   1.00 54.81 ? 24  GLU A CA  1 
ATOM   183 C C   . GLU A 1 24 ? -15.588 -11.329 2.700   1.00 48.75 ? 24  GLU A C   1 
ATOM   184 O O   . GLU A 1 24 ? -16.025 -11.408 1.558   1.00 57.53 ? 24  GLU A O   1 
ATOM   185 C CB  . GLU A 1 24 ? -14.191 -13.367 3.546   1.00 52.73 ? 24  GLU A CB  1 
ATOM   186 N N   . GLY A 1 25 ? -16.253 -10.739 3.684   1.00 41.91 ? 25  GLY A N   1 
ATOM   187 C CA  . GLY A 1 25 ? -17.615 -10.233 3.424   1.00 39.09 ? 25  GLY A CA  1 
ATOM   188 C C   . GLY A 1 25 ? -17.693 -8.718  3.374   1.00 35.77 ? 25  GLY A C   1 
ATOM   189 O O   . GLY A 1 25 ? -18.761 -8.160  3.521   1.00 30.39 ? 25  GLY A O   1 
ATOM   190 N N   . ASN A 1 26 ? -16.566 -8.080  3.109   1.00 25.41 ? 26  ASN A N   1 
ATOM   191 C CA  . ASN A 1 26 ? -16.532 -6.610  3.079   1.00 22.86 ? 26  ASN A CA  1 
ATOM   192 C C   . ASN A 1 26 ? -16.017 -6.258  1.722   1.00 23.16 ? 26  ASN A C   1 
ATOM   193 O O   . ASN A 1 26 ? -14.831 -6.026  1.561   1.00 24.15 ? 26  ASN A O   1 
ATOM   194 C CB  . ASN A 1 26 ? -15.524 -6.101  4.086   1.00 20.46 ? 26  ASN A CB  1 
ATOM   195 C CG  . ASN A 1 26 ? -15.987 -6.473  5.461   1.00 29.72 ? 26  ASN A CG  1 
ATOM   196 O OD1 . ASN A 1 26 ? -17.162 -6.378  5.719   1.00 29.34 ? 26  ASN A OD1 1 
ATOM   197 N ND2 . ASN A 1 26 ? -15.078 -6.872  6.310   1.00 32.95 ? 26  ASN A ND2 1 
ATOM   198 N N   . PRO A 1 27 ? -16.851 -6.216  0.501   1.00 23.46 ? 27  PRO A N   1 
ATOM   199 C CA  . PRO A 1 27 ? -16.419 -6.018  -0.896  1.00 21.12 ? 27  PRO A CA  1 
ATOM   200 C C   . PRO A 1 27 ? -15.711 -4.699  -1.156  1.00 21.84 ? 27  PRO A C   1 
ATOM   201 O O   . PRO A 1 27 ? -14.738 -4.681  -1.919  1.00 22.48 ? 27  PRO A O   1 
ATOM   202 C CB  . PRO A 1 27 ? -17.732 -6.111  -1.691  1.00 28.63 ? 27  PRO A CB  1 
ATOM   203 C CG  . PRO A 1 27 ? -18.714 -6.735  -0.779  1.00 29.47 ? 27  PRO A CG  1 
ATOM   204 C CD  . PRO A 1 27 ? -18.302 -6.428  0.620   1.00 24.17 ? 27  PRO A CD  1 
ATOM   205 N N   . GLU A 1 28 ? -16.170 -3.592  -0.563  1.00 17.73 ? 28  GLU A N   1 
ATOM   206 C CA  . GLU A 1 28 ? -15.497 -2.315  -0.793  1.00 15.03 ? 28  GLU A CA  1 
ATOM   207 C C   . GLU A 1 28 ? -14.085 -2.331  -0.224  1.00 18.42 ? 28  GLU A C   1 
ATOM   208 O O   . GLU A 1 28 ? -13.141 -1.844  -0.861  1.00 20.90 ? 28  GLU A O   1 
ATOM   209 C CB  . GLU A 1 28 ? -16.308 -1.172  -0.182  1.00 15.78 ? 28  GLU A CB  1 
ATOM   210 C CG  . GLU A 1 28 ? -17.601 -0.883  -0.919  1.00 19.78 ? 28  GLU A CG  1 
ATOM   211 C CD  . GLU A 1 28 ? -18.426 0.207   -0.257  1.00 29.65 ? 28  GLU A CD  1 
ATOM   212 O OE1 . GLU A 1 28 ? -18.305 0.386   0.977   1.00 24.52 ? 28  GLU A OE1 1 
ATOM   213 O OE2 . GLU A 1 28 ? -19.199 0.880   -0.977  1.00 27.05 ? 28  GLU A OE2 1 
ATOM   214 N N   . MET A 1 29 ? -13.919 -2.898  0.971   1.00 19.28 ? 29  MET A N   1 
ATOM   215 C CA  . MET A 1 29 ? -12.587 -3.018  1.554   1.00 22.11 ? 29  MET A CA  1 
ATOM   216 C C   . MET A 1 29 ? -11.692 -3.919  0.710   1.00 20.56 ? 29  MET A C   1 
ATOM   217 O O   . MET A 1 29 ? -10.518 -3.600  0.481   1.00 16.93 ? 29  MET A O   1 
ATOM   218 C CB  . MET A 1 29 ? -12.693 -3.552  2.983   1.00 20.31 ? 29  MET A CB  1 
ATOM   219 C CG  . MET A 1 29 ? -13.274 -2.538  3.958   1.00 13.74 ? 29  MET A CG  1 
ATOM   220 S SD  . MET A 1 29 ? -13.295 -3.132  5.661   1.00 21.62 ? 29  MET A SD  1 
ATOM   221 C CE  . MET A 1 29 ? -11.597 -2.841  6.152   1.00 20.73 ? 29  MET A CE  1 
ATOM   222 N N   . LYS A 1 30 ? -12.231 -5.047  0.242   1.00 21.40 ? 30  LYS A N   1 
ATOM   223 C CA  . LYS A 1 30 ? -11.458 -5.940  -0.617  1.00 24.57 ? 30  LYS A CA  1 
ATOM   224 C C   . LYS A 1 30 ? -10.998 -5.223  -1.879  1.00 22.62 ? 30  LYS A C   1 
ATOM   225 O O   . LYS A 1 30 ? -9.839  -5.361  -2.291  1.00 20.60 ? 30  LYS A O   1 
ATOM   226 C CB  . LYS A 1 30 ? -12.291 -7.177  -0.973  1.00 32.34 ? 30  LYS A CB  1 
ATOM   227 C CG  . LYS A 1 30 ? -11.637 -8.159  -1.957  1.00 47.19 ? 30  LYS A CG  1 
ATOM   228 C CD  . LYS A 1 30 ? -11.965 -7.832  -3.417  1.00 59.69 ? 30  LYS A CD  1 
ATOM   229 C CE  . LYS A 1 30 ? -12.302 -9.068  -4.235  1.00 67.16 ? 30  LYS A CE  1 
ATOM   230 N NZ  . LYS A 1 30 ? -12.990 -8.692  -5.501  1.00 70.93 ? 30  LYS A NZ  1 
ATOM   231 N N   . LYS A 1 31 ? -11.896 -4.468  -2.518  1.00 20.79 ? 31  LYS A N   1 
ATOM   232 C CA  . LYS A 1 31 ? -11.514 -3.721  -3.712  1.00 23.36 ? 31  LYS A CA  1 
ATOM   233 C C   . LYS A 1 31 ? -10.411 -2.722  -3.404  1.00 22.61 ? 31  LYS A C   1 
ATOM   234 O O   . LYS A 1 31 ? -9.463  -2.572  -4.182  1.00 21.63 ? 31  LYS A O   1 
ATOM   235 C CB  . LYS A 1 31 ? -12.729 -3.003  -4.300  1.00 26.15 ? 31  LYS A CB  1 
ATOM   236 C CG  . LYS A 1 31 ? -13.693 -3.903  -5.061  1.00 43.82 ? 31  LYS A CG  1 
ATOM   237 C CD  . LYS A 1 31 ? -15.054 -3.235  -5.221  1.00 50.41 ? 31  LYS A CD  1 
ATOM   238 C CE  . LYS A 1 31 ? -15.956 -4.011  -6.171  1.00 55.92 ? 31  LYS A CE  1 
ATOM   239 N NZ  . LYS A 1 31 ? -16.650 -5.141  -5.490  1.00 55.72 ? 31  LYS A NZ  1 
ATOM   240 N N   . LEU A 1 32 ? -10.507 -2.032  -2.265  1.00 18.38 ? 32  LEU A N   1 
ATOM   241 C CA  . LEU A 1 32 ? -9.484  -1.050  -1.922  1.00 20.55 ? 32  LEU A CA  1 
ATOM   242 C C   . LEU A 1 32 ? -8.152  -1.728  -1.624  1.00 20.49 ? 32  LEU A C   1 
ATOM   243 O O   . LEU A 1 32 ? -7.091  -1.215  -1.997  1.00 16.97 ? 32  LEU A O   1 
ATOM   244 C CB  . LEU A 1 32 ? -9.936  -0.211  -0.728  1.00 20.32 ? 32  LEU A CB  1 
ATOM   245 C CG  . LEU A 1 32 ? -10.984 0.870   -0.992  1.00 19.54 ? 32  LEU A CG  1 
ATOM   246 C CD1 . LEU A 1 32 ? -11.609 1.317   0.328   1.00 18.32 ? 32  LEU A CD1 1 
ATOM   247 C CD2 . LEU A 1 32 ? -10.361 2.051   -1.743  1.00 18.61 ? 32  LEU A CD2 1 
ATOM   248 N N   . ALA A 1 33 ? -8.188  -2.877  -0.946  1.00 18.56 ? 33  ALA A N   1 
ATOM   249 C CA  . ALA A 1 33 ? -6.953  -3.609  -0.677  1.00 21.16 ? 33  ALA A CA  1 
ATOM   250 C C   . ALA A 1 33 ? -6.311  -4.087  -1.972  1.00 20.13 ? 33  ALA A C   1 
ATOM   251 O O   . ALA A 1 33 ? -5.090  -3.981  -2.145  1.00 18.96 ? 33  ALA A O   1 
ATOM   252 C CB  . ALA A 1 33 ? -7.230  -4.787  0.262   1.00 15.11 ? 33  ALA A CB  1 
ATOM   253 N N   . ASP A 1 34 ? -7.123  -4.597  -2.904  1.00 20.10 ? 34  ASP A N   1 
ATOM   254 C CA  . ASP A 1 34 ? -6.614  -4.987  -4.217  1.00 23.77 ? 34  ASP A CA  1 
ATOM   255 C C   . ASP A 1 34 ? -6.010  -3.795  -4.949  1.00 20.56 ? 34  ASP A C   1 
ATOM   256 O O   . ASP A 1 34 ? -5.002  -3.931  -5.655  1.00 17.71 ? 34  ASP A O   1 
ATOM   257 C CB  . ASP A 1 34 ? -7.735  -5.606  -5.057  1.00 24.08 ? 34  ASP A CB  1 
ATOM   258 C CG  . ASP A 1 34 ? -8.083  -7.019  -4.621  1.00 35.03 ? 34  ASP A CG  1 
ATOM   259 O OD1 . ASP A 1 34 ? -7.263  -7.647  -3.921  1.00 33.06 ? 34  ASP A OD1 1 
ATOM   260 O OD2 . ASP A 1 34 ? -9.176  -7.501  -4.987  1.00 38.78 ? 34  ASP A OD2 1 
ATOM   261 N N   . LYS A 1 35 ? -6.622  -2.618  -4.798  1.00 18.16 ? 35  LYS A N   1 
ATOM   262 C CA  . LYS A 1 35 ? -6.099  -1.409  -5.431  1.00 22.02 ? 35  LYS A CA  1 
ATOM   263 C C   . LYS A 1 35 ? -4.768  -0.997  -4.817  1.00 22.35 ? 35  LYS A C   1 
ATOM   264 O O   . LYS A 1 35 ? -3.834  -0.617  -5.536  1.00 16.66 ? 35  LYS A O   1 
ATOM   265 C CB  . LYS A 1 35 ? -7.125  -0.284  -5.305  1.00 22.70 ? 35  LYS A CB  1 
ATOM   266 C CG  . LYS A 1 35 ? -6.864  0.925   -6.174  1.00 34.54 ? 35  LYS A CG  1 
ATOM   267 C CD  . LYS A 1 35 ? -8.051  1.881   -6.118  1.00 45.52 ? 35  LYS A CD  1 
ATOM   268 C CE  . LYS A 1 35 ? -8.005  2.899   -7.249  1.00 57.45 ? 35  LYS A CE  1 
ATOM   269 N NZ  . LYS A 1 35 ? -6.887  3.869   -7.081  1.00 63.67 ? 35  LYS A NZ  1 
ATOM   270 N N   . VAL A 1 36 ? -4.656  -1.067  -3.490  1.00 16.58 ? 36  VAL A N   1 
ATOM   271 C CA  . VAL A 1 36 ? -3.381  -0.772  -2.836  1.00 17.72 ? 36  VAL A CA  1 
ATOM   272 C C   . VAL A 1 36 ? -2.301  -1.727  -3.335  1.00 18.42 ? 36  VAL A C   1 
ATOM   273 O O   . VAL A 1 36 ? -1.179  -1.316  -3.653  1.00 18.24 ? 36  VAL A O   1 
ATOM   274 C CB  . VAL A 1 36 ? -3.534  -0.843  -1.306  1.00 18.73 ? 36  VAL A CB  1 
ATOM   275 C CG1 . VAL A 1 36 ? -2.166  -0.837  -0.626  1.00 15.39 ? 36  VAL A CG1 1 
ATOM   276 C CG2 . VAL A 1 36 ? -4.396  0.320   -0.810  1.00 15.51 ? 36  VAL A CG2 1 
ATOM   277 N N   . LEU A 1 37 ? -2.633  -3.014  -3.417  1.00 16.35 ? 37  LEU A N   1 
ATOM   278 C CA  . LEU A 1 37 ? -1.663  -4.005  -3.872  1.00 20.79 ? 37  LEU A CA  1 
ATOM   279 C C   . LEU A 1 37 ? -1.209  -3.717  -5.301  1.00 20.79 ? 37  LEU A C   1 
ATOM   280 O O   . LEU A 1 37 ? -0.014  -3.788  -5.610  1.00 18.10 ? 37  LEU A O   1 
ATOM   281 C CB  . LEU A 1 37 ? -2.267  -5.404  -3.766  1.00 21.76 ? 37  LEU A CB  1 
ATOM   282 C CG  . LEU A 1 37 ? -1.369  -6.563  -4.194  1.00 24.36 ? 37  LEU A CG  1 
ATOM   283 C CD1 . LEU A 1 37 ? -0.112  -6.552  -3.352  1.00 24.64 ? 37  LEU A CD1 1 
ATOM   284 C CD2 . LEU A 1 37 ? -2.099  -7.891  -4.047  1.00 28.47 ? 37  LEU A CD2 1 
ATOM   285 N N   . ALA A 1 38 ? -2.155  -3.385  -6.185  1.00 19.12 ? 38  ALA A N   1 
ATOM   286 C CA  . ALA A 1 38 ? -1.821  -3.134  -7.585  1.00 19.73 ? 38  ALA A CA  1 
ATOM   287 C C   . ALA A 1 38 ? -0.882  -1.942  -7.727  1.00 22.95 ? 38  ALA A C   1 
ATOM   288 O O   . ALA A 1 38 ? 0.094   -1.987  -8.490  1.00 19.52 ? 38  ALA A O   1 
ATOM   289 C CB  . ALA A 1 38 ? -3.101  -2.903  -8.391  1.00 20.16 ? 38  ALA A CB  1 
ATOM   290 N N   . LEU A 1 39 ? -1.167  -0.866  -6.990  1.00 19.73 ? 39  LEU A N   1 
ATOM   291 C CA  . LEU A 1 39 ? -0.363  0.351   -7.063  1.00 18.86 ? 39  LEU A CA  1 
ATOM   292 C C   . LEU A 1 39 ? 1.003   0.154   -6.418  1.00 23.07 ? 39  LEU A C   1 
ATOM   293 O O   . LEU A 1 39 ? 2.004   0.707   -6.888  1.00 18.20 ? 39  LEU A O   1 
ATOM   294 C CB  . LEU A 1 39 ? -1.110  1.496   -6.382  1.00 15.65 ? 39  LEU A CB  1 
ATOM   295 C CG  . LEU A 1 39 ? -2.348  1.994   -7.127  1.00 17.49 ? 39  LEU A CG  1 
ATOM   296 C CD1 . LEU A 1 39 ? -3.231  2.832   -6.199  1.00 19.04 ? 39  LEU A CD1 1 
ATOM   297 C CD2 . LEU A 1 39 ? -1.937  2.775   -8.376  1.00 20.11 ? 39  LEU A CD2 1 
ATOM   298 N N   . LEU A 1 40 ? 1.053   -0.613  -5.328  1.00 19.28 ? 40  LEU A N   1 
ATOM   299 C CA  . LEU A 1 40 ? 2.330   -0.953  -4.709  1.00 19.76 ? 40  LEU A CA  1 
ATOM   300 C C   . LEU A 1 40 ? 3.235   -1.699  -5.686  1.00 17.82 ? 40  LEU A C   1 
ATOM   301 O O   . LEU A 1 40 ? 4.436   -1.407  -5.779  1.00 18.73 ? 40  LEU A O   1 
ATOM   302 C CB  . LEU A 1 40 ? 2.079   -1.784  -3.447  1.00 18.98 ? 40  LEU A CB  1 
ATOM   303 C CG  . LEU A 1 40 ? 3.286   -2.305  -2.663  1.00 26.94 ? 40  LEU A CG  1 
ATOM   304 C CD1 . LEU A 1 40 ? 3.929   -1.184  -1.874  1.00 26.74 ? 40  LEU A CD1 1 
ATOM   305 C CD2 . LEU A 1 40 ? 2.861   -3.426  -1.728  1.00 28.11 ? 40  LEU A CD2 1 
ATOM   306 N N   . LYS A 1 41 ? 2.676   -2.652  -6.438  1.00 18.04 ? 41  LYS A N   1 
ATOM   307 C CA  . LYS A 1 41 ? 3.468   -3.368  -7.436  1.00 20.50 ? 41  LYS A CA  1 
ATOM   308 C C   . LYS A 1 41 ? 3.898   -2.447  -8.573  1.00 22.23 ? 41  LYS A C   1 
ATOM   309 O O   . LYS A 1 41 ? 5.025   -2.548  -9.073  1.00 19.21 ? 41  LYS A O   1 
ATOM   310 C CB  . LYS A 1 41 ? 2.679   -4.557  -7.982  1.00 23.45 ? 41  LYS A CB  1 
ATOM   311 C CG  . LYS A 1 41 ? 2.585   -5.724  -7.007  1.00 28.97 ? 41  LYS A CG  1 
ATOM   312 C CD  . LYS A 1 41 ? 1.772   -6.875  -7.578  1.00 45.66 ? 41  LYS A CD  1 
ATOM   313 C CE  . LYS A 1 41 ? 2.184   -8.206  -6.961  1.00 57.61 ? 41  LYS A CE  1 
ATOM   314 N NZ  . LYS A 1 41 ? 2.978   -9.045  -7.904  1.00 66.44 ? 41  LYS A NZ  1 
ATOM   315 N N   . GLN A 1 42 ? 3.011   -1.551  -9.007  1.00 19.47 ? 42  GLN A N   1 
ATOM   316 C CA  . GLN A 1 42 ? 3.383   -0.613  -10.061 1.00 18.58 ? 42  GLN A CA  1 
ATOM   317 C C   . GLN A 1 42 ? 4.477   0.333   -9.586  1.00 18.80 ? 42  GLN A C   1 
ATOM   318 O O   . GLN A 1 42 ? 5.395   0.666   -10.345 1.00 20.37 ? 42  GLN A O   1 
ATOM   319 C CB  . GLN A 1 42 ? 2.158   0.176   -10.521 1.00 18.82 ? 42  GLN A CB  1 
ATOM   320 C CG  . GLN A 1 42 ? 1.161   -0.633  -11.331 1.00 23.99 ? 42  GLN A CG  1 
ATOM   321 C CD  . GLN A 1 42 ? -0.033  0.192   -11.751 1.00 32.27 ? 42  GLN A CD  1 
ATOM   322 O OE1 . GLN A 1 42 ? -0.814  0.634   -10.914 1.00 40.88 ? 42  GLN A OE1 1 
ATOM   323 N NE2 . GLN A 1 42 ? -0.185  0.401   -13.053 1.00 42.92 ? 42  GLN A NE2 1 
ATOM   324 N N   . ALA A 1 43 ? 4.391   0.778   -8.331  1.00 17.25 ? 43  ALA A N   1 
ATOM   325 C CA  . ALA A 1 43 ? 5.408   1.672   -7.792  1.00 17.81 ? 43  ALA A CA  1 
ATOM   326 C C   . ALA A 1 43 ? 6.766   0.985   -7.728  1.00 20.62 ? 43  ALA A C   1 
ATOM   327 O O   . ALA A 1 43 ? 7.788   1.581   -8.085  1.00 20.42 ? 43  ALA A O   1 
ATOM   328 C CB  . ALA A 1 43 ? 4.990   2.173   -6.409  1.00 16.18 ? 43  ALA A CB  1 
ATOM   329 N N   . TYR A 1 44 ? 6.796   -0.276  -7.291  1.00 19.80 ? 44  TYR A N   1 
ATOM   330 C CA  . TYR A 1 44 ? 8.060   -1.002  -7.225  1.00 21.50 ? 44  TYR A CA  1 
ATOM   331 C C   . TYR A 1 44 ? 8.616   -1.265  -8.622  1.00 21.62 ? 44  TYR A C   1 
ATOM   332 O O   . TYR A 1 44 ? 9.835   -1.223  -8.827  1.00 24.63 ? 44  TYR A O   1 
ATOM   333 C CB  . TYR A 1 44 ? 7.866   -2.306  -6.448  1.00 21.05 ? 44  TYR A CB  1 
ATOM   334 C CG  . TYR A 1 44 ? 9.149   -3.010  -6.044  1.00 25.47 ? 44  TYR A CG  1 
ATOM   335 C CD1 . TYR A 1 44 ? 10.313  -2.297  -5.791  1.00 29.19 ? 44  TYR A CD1 1 
ATOM   336 C CD2 . TYR A 1 44 ? 9.188   -4.389  -5.906  1.00 31.98 ? 44  TYR A CD2 1 
ATOM   337 C CE1 . TYR A 1 44 ? 11.486  -2.943  -5.415  1.00 27.18 ? 44  TYR A CE1 1 
ATOM   338 C CE2 . TYR A 1 44 ? 10.350  -5.041  -5.532  1.00 36.03 ? 44  TYR A CE2 1 
ATOM   339 C CZ  . TYR A 1 44 ? 11.494  -4.314  -5.285  1.00 30.40 ? 44  TYR A CZ  1 
ATOM   340 O OH  . TYR A 1 44 ? 12.647  -4.966  -4.914  1.00 33.96 ? 44  TYR A OH  1 
ATOM   341 N N   . ALA A 1 45 ? 7.738   -1.521  -9.597  1.00 21.04 ? 45  ALA A N   1 
ATOM   342 C CA  . ALA A 1 45 ? 8.173   -1.678  -10.982 1.00 23.03 ? 45  ALA A CA  1 
ATOM   343 C C   . ALA A 1 45 ? 8.779   -0.385  -11.522 1.00 23.72 ? 45  ALA A C   1 
ATOM   344 O O   . ALA A 1 45 ? 9.810   -0.406  -12.201 1.00 20.70 ? 45  ALA A O   1 
ATOM   345 C CB  . ALA A 1 45 ? 7.000   -2.122  -11.858 1.00 21.42 ? 45  ALA A CB  1 
ATOM   346 N N   . ALA A 1 46 ? 8.129   0.750   -11.246 1.00 22.12 ? 46  ALA A N   1 
ATOM   347 C CA  . ALA A 1 46 ? 8.691   2.038   -11.650 1.00 19.95 ? 46  ALA A CA  1 
ATOM   348 C C   . ALA A 1 46 ? 10.048  2.270   -10.994 1.00 25.29 ? 46  ALA A C   1 
ATOM   349 O O   . ALA A 1 46 ? 10.976  2.786   -11.630 1.00 24.38 ? 46  ALA A O   1 
ATOM   350 C CB  . ALA A 1 46 ? 7.722   3.166   -11.291 1.00 18.42 ? 46  ALA A CB  1 
ATOM   351 N N   . PHE A 1 47 ? 10.174  1.885   -9.724  1.00 24.46 ? 47  PHE A N   1 
ATOM   352 C CA  . PHE A 1 47 ? 11.432  2.038   -8.997  1.00 24.81 ? 47  PHE A CA  1 
ATOM   353 C C   . PHE A 1 47 ? 12.532  1.191   -9.621  1.00 28.29 ? 47  PHE A C   1 
ATOM   354 O O   . PHE A 1 47 ? 13.646  1.673   -9.868  1.00 27.68 ? 47  PHE A O   1 
ATOM   355 C CB  . PHE A 1 47 ? 11.202  1.663   -7.529  1.00 23.90 ? 47  PHE A CB  1 
ATOM   356 C CG  . PHE A 1 47 ? 12.407  1.818   -6.651  1.00 26.44 ? 47  PHE A CG  1 
ATOM   357 C CD1 . PHE A 1 47 ? 12.709  3.040   -6.077  1.00 31.39 ? 47  PHE A CD1 1 
ATOM   358 C CD2 . PHE A 1 47 ? 13.210  0.727   -6.359  1.00 28.30 ? 47  PHE A CD2 1 
ATOM   359 C CE1 . PHE A 1 47 ? 13.812  3.182   -5.251  1.00 36.94 ? 47  PHE A CE1 1 
ATOM   360 C CE2 . PHE A 1 47 ? 14.312  0.859   -5.540  1.00 32.39 ? 47  PHE A CE2 1 
ATOM   361 C CZ  . PHE A 1 47 ? 14.614  2.088   -4.983  1.00 39.66 ? 47  PHE A CZ  1 
ATOM   362 N N   . LYS A 1 48 ? 12.236  -0.081  -9.904  1.00 21.31 ? 48  LYS A N   1 
ATOM   363 C CA  . LYS A 1 48 ? 13.230  -0.959  -10.508 1.00 27.51 ? 48  LYS A CA  1 
ATOM   364 C C   . LYS A 1 48 ? 13.605  -0.494  -11.909 1.00 31.83 ? 48  LYS A C   1 
ATOM   365 O O   . LYS A 1 48 ? 14.759  -0.629  -12.334 1.00 33.71 ? 48  LYS A O   1 
ATOM   366 C CB  . LYS A 1 48 ? 12.701  -2.393  -10.542 1.00 30.43 ? 48  LYS A CB  1 
ATOM   367 C CG  . LYS A 1 48 ? 12.584  -3.039  -9.173  1.00 37.63 ? 48  LYS A CG  1 
ATOM   368 C CD  . LYS A 1 48 ? 12.549  -4.556  -9.283  1.00 48.80 ? 48  LYS A CD  1 
ATOM   369 C CE  . LYS A 1 48 ? 13.264  -5.218  -8.114  1.00 52.81 ? 48  LYS A CE  1 
ATOM   370 N NZ  . LYS A 1 48 ? 14.083  -6.384  -8.546  1.00 56.93 ? 48  LYS A NZ  1 
ATOM   371 N N   . ALA A 1 49 ? 12.641  0.055   -12.645 1.00 29.65 ? 49  ALA A N   1 
ATOM   372 C CA  . ALA A 1 49 ? 12.873  0.489   -14.014 1.00 29.29 ? 49  ALA A CA  1 
ATOM   373 C C   . ALA A 1 49 ? 13.588  1.833   -14.104 1.00 33.06 ? 49  ALA A C   1 
ATOM   374 O O   . ALA A 1 49 ? 13.869  2.291   -15.215 1.00 37.39 ? 49  ALA A O   1 
ATOM   375 C CB  . ALA A 1 49 ? 11.546  0.554   -14.771 1.00 31.97 ? 49  ALA A CB  1 
ATOM   376 N N   . GLY A 1 50 ? 13.890  2.471   -12.977 1.00 28.87 ? 50  GLY A N   1 
ATOM   377 C CA  . GLY A 1 50 ? 14.603  3.733   -13.006 1.00 33.77 ? 50  GLY A CA  1 
ATOM   378 C C   . GLY A 1 50 ? 13.768  4.924   -13.417 1.00 34.58 ? 50  GLY A C   1 
ATOM   379 O O   . GLY A 1 50 ? 14.290  5.846   -14.049 1.00 28.11 ? 50  GLY A O   1 
ATOM   380 N N   . ARG A 1 51 ? 12.485  4.903   -13.100 1.00 29.43 ? 51  ARG A N   1 
ATOM   381 C CA  . ARG A 1 51 ? 11.635  6.053   -13.462 1.00 27.37 ? 51  ARG A CA  1 
ATOM   382 C C   . ARG A 1 51 ? 11.893  7.245   -12.530 1.00 25.81 ? 51  ARG A C   1 
ATOM   383 O O   . ARG A 1 51 ? 12.549  7.143   -11.541 1.00 26.72 ? 51  ARG A O   1 
ATOM   384 C CB  . ARG A 1 51 ? 10.179  5.618   -13.475 1.00 28.70 ? 51  ARG A CB  1 
ATOM   385 C CG  . ARG A 1 51 ? 9.878   4.515   -14.465 1.00 28.30 ? 51  ARG A CG  1 
ATOM   386 C CD  . ARG A 1 51 ? 9.925   5.068   -15.864 1.00 38.55 ? 51  ARG A CD  1 
ATOM   387 N NE  . ARG A 1 51 ? 9.853   3.935   -16.743 1.00 58.27 ? 51  ARG A NE  1 
ATOM   388 C CZ  . ARG A 1 51 ? 10.809  3.569   -17.574 1.00 73.97 ? 51  ARG A CZ  1 
ATOM   389 N NH1 . ARG A 1 51 ? 11.919  4.283   -17.667 1.00 75.54 ? 51  ARG A NH1 1 
ATOM   390 N NH2 . ARG A 1 51 ? 10.640  2.498   -18.329 1.00 77.98 ? 51  ARG A NH2 1 
ATOM   391 N N   . SER A 1 52 ? 11.268  8.364   -12.825 1.00 23.11 ? 52  SER A N   1 
ATOM   392 C CA  . SER A 1 52 ? 11.473  9.578   -12.061 1.00 22.89 ? 52  SER A CA  1 
ATOM   393 C C   . SER A 1 52 ? 10.925  9.424   -10.650 1.00 21.91 ? 52  SER A C   1 
ATOM   394 O O   . SER A 1 52 ? 9.980   8.652   -10.416 1.00 22.24 ? 52  SER A O   1 
ATOM   395 C CB  . SER A 1 52 ? 10.781  10.754  -12.739 1.00 24.14 ? 52  SER A CB  1 
ATOM   396 O OG  . SER A 1 52 ? 9.372   10.574  -12.689 1.00 21.93 ? 52  SER A OG  1 
ATOM   397 N N   . PRO A 1 53 ? 11.482  10.148  -9.680  1.00 24.14 ? 53  PRO A N   1 
ATOM   398 C CA  . PRO A 1 53 ? 10.854  10.196  -8.353  1.00 23.71 ? 53  PRO A CA  1 
ATOM   399 C C   . PRO A 1 53 ? 9.390   10.604  -8.422  1.00 21.43 ? 53  PRO A C   1 
ATOM   400 O O   . PRO A 1 53 ? 8.570   10.096  -7.651  1.00 20.84 ? 53  PRO A O   1 
ATOM   401 C CB  . PRO A 1 53 ? 11.698  11.229  -7.596  1.00 25.48 ? 53  PRO A CB  1 
ATOM   402 C CG  . PRO A 1 53 ? 13.011  11.241  -8.297  1.00 31.98 ? 53  PRO A CG  1 
ATOM   403 C CD  . PRO A 1 53 ? 12.725  10.945  -9.742  1.00 24.21 ? 53  PRO A CD  1 
ATOM   404 N N   . GLU A 1 54 ? 9.047   11.493  -9.363  1.00 19.01 ? 54  GLU A N   1 
ATOM   405 C CA  . GLU A 1 54 ? 7.664   11.935  -9.507  1.00 20.33 ? 54  GLU A CA  1 
ATOM   406 C C   . GLU A 1 54 ? 6.745   10.779  -9.871  1.00 18.75 ? 54  GLU A C   1 
ATOM   407 O O   . GLU A 1 54 ? 5.641   10.663  -9.327  1.00 16.61 ? 54  GLU A O   1 
ATOM   408 C CB  . GLU A 1 54 ? 7.558   13.033  -10.571 1.00 22.97 ? 54  GLU A CB  1 
ATOM   409 C CG  . GLU A 1 54 ? 8.184   14.356  -10.179 1.00 24.35 ? 54  GLU A CG  1 
ATOM   410 C CD  . GLU A 1 54 ? 9.606   14.512  -10.682 1.00 28.22 ? 54  GLU A CD  1 
ATOM   411 O OE1 . GLU A 1 54 ? 10.277  13.490  -10.939 1.00 27.16 ? 54  GLU A OE1 1 
ATOM   412 O OE2 . GLU A 1 54 ? 10.049  15.669  -10.826 1.00 27.49 ? 54  GLU A OE2 1 
ATOM   413 N N   . GLU A 1 55 ? 7.174   9.931   -10.807 1.00 18.38 ? 55  GLU A N   1 
ATOM   414 C CA  . GLU A 1 55 ? 6.351   8.799   -11.220 1.00 21.88 ? 55  GLU A CA  1 
ATOM   415 C C   . GLU A 1 55 ? 6.171   7.809   -10.081 1.00 19.60 ? 55  GLU A C   1 
ATOM   416 O O   . GLU A 1 55 ? 5.054   7.341   -9.825  1.00 19.28 ? 55  GLU A O   1 
ATOM   417 C CB  . GLU A 1 55 ? 6.978   8.116   -12.437 1.00 27.24 ? 55  GLU A CB  1 
ATOM   418 C CG  . GLU A 1 55 ? 6.142   7.001   -13.023 1.00 41.07 ? 55  GLU A CG  1 
ATOM   419 C CD  . GLU A 1 55 ? 6.498   6.688   -14.469 1.00 53.20 ? 55  GLU A CD  1 
ATOM   420 O OE1 . GLU A 1 55 ? 7.326   7.419   -15.061 1.00 48.78 ? 55  GLU A OE1 1 
ATOM   421 O OE2 . GLU A 1 55 ? 5.937   5.713   -15.016 1.00 59.50 ? 55  GLU A OE2 1 
ATOM   422 N N   . ILE A 1 56 ? 7.256   7.487   -9.376  1.00 16.36 ? 56  ILE A N   1 
ATOM   423 C CA  . ILE A 1 56 ? 7.166   6.554   -8.259  1.00 13.81 ? 56  ILE A CA  1 
ATOM   424 C C   . ILE A 1 56 ? 6.245   7.111   -7.177  1.00 17.65 ? 56  ILE A C   1 
ATOM   425 O O   . ILE A 1 56 ? 5.372   6.411   -6.654  1.00 17.28 ? 56  ILE A O   1 
ATOM   426 C CB  . ILE A 1 56 ? 8.571   6.249   -7.709  1.00 18.96 ? 56  ILE A CB  1 
ATOM   427 C CG1 . ILE A 1 56 ? 9.410   5.560   -8.786  1.00 23.65 ? 56  ILE A CG1 1 
ATOM   428 C CG2 . ILE A 1 56 ? 8.487   5.401   -6.451  1.00 19.42 ? 56  ILE A CG2 1 
ATOM   429 C CD1 . ILE A 1 56 ? 10.894  5.763   -8.623  1.00 27.16 ? 56  ILE A CD1 1 
ATOM   430 N N   . ARG A 1 57 ? 6.414   8.394   -6.852  1.00 18.31 ? 57  ARG A N   1 
ATOM   431 C CA  . ARG A 1 57 ? 5.631   8.987   -5.774  1.00 17.81 ? 57  ARG A CA  1 
ATOM   432 C C   . ARG A 1 57 ? 4.169   9.168   -6.156  1.00 18.13 ? 57  ARG A C   1 
ATOM   433 O O   . ARG A 1 57 ? 3.300   9.137   -5.279  1.00 18.18 ? 57  ARG A O   1 
ATOM   434 C CB  . ARG A 1 57 ? 6.247   10.317  -5.354  1.00 15.12 ? 57  ARG A CB  1 
ATOM   435 C CG  . ARG A 1 57 ? 7.491   10.105  -4.528  1.00 21.70 ? 57  ARG A CG  1 
ATOM   436 C CD  . ARG A 1 57 ? 8.191   11.380  -4.133  1.00 20.56 ? 57  ARG A CD  1 
ATOM   437 N NE  . ARG A 1 57 ? 9.211   11.066  -3.135  1.00 25.66 ? 57  ARG A NE  1 
ATOM   438 C CZ  . ARG A 1 57 ? 10.304  11.786  -2.915  1.00 27.06 ? 57  ARG A CZ  1 
ATOM   439 N NH1 . ARG A 1 57 ? 10.535  12.883  -3.625  1.00 31.97 ? 57  ARG A NH1 1 
ATOM   440 N NH2 . ARG A 1 57 ? 11.166  11.405  -1.979  1.00 26.72 ? 57  ARG A NH2 1 
ATOM   441 N N   . ALA A 1 58 ? 3.875   9.374   -7.443  1.00 17.10 ? 58  ALA A N   1 
ATOM   442 C CA  . ALA A 1 58 ? 2.478   9.457   -7.862  1.00 17.62 ? 58  ALA A CA  1 
ATOM   443 C C   . ALA A 1 58 ? 1.761   8.140   -7.607  1.00 18.47 ? 58  ALA A C   1 
ATOM   444 O O   . ALA A 1 58 ? 0.631   8.124   -7.102  1.00 18.44 ? 58  ALA A O   1 
ATOM   445 C CB  . ALA A 1 58 ? 2.387   9.832   -9.341  1.00 18.88 ? 58  ALA A CB  1 
ATOM   446 N N   . LEU A 1 59 ? 2.409   7.026   -7.947  1.00 14.76 ? 59  LEU A N   1 
ATOM   447 C CA  . LEU A 1 59 ? 1.831   5.711   -7.697  1.00 16.22 ? 59  LEU A CA  1 
ATOM   448 C C   . LEU A 1 59 ? 1.680   5.457   -6.202  1.00 19.54 ? 59  LEU A C   1 
ATOM   449 O O   . LEU A 1 59 ? 0.644   4.951   -5.747  1.00 18.51 ? 59  LEU A O   1 
ATOM   450 C CB  . LEU A 1 59 ? 2.702   4.641   -8.351  1.00 13.41 ? 59  LEU A CB  1 
ATOM   451 C CG  . LEU A 1 59 ? 2.693   4.673   -9.882  1.00 21.42 ? 59  LEU A CG  1 
ATOM   452 C CD1 . LEU A 1 59 ? 3.868   3.884   -10.457 1.00 22.55 ? 59  LEU A CD1 1 
ATOM   453 C CD2 . LEU A 1 59 ? 1.361   4.157   -10.425 1.00 23.99 ? 59  LEU A CD2 1 
ATOM   454 N N   . LEU A 1 60 ? 2.696   5.818   -5.418  1.00 14.29 ? 60  LEU A N   1 
ATOM   455 C CA  . LEU A 1 60 ? 2.613   5.614   -3.976  1.00 14.98 ? 60  LEU A CA  1 
ATOM   456 C C   . LEU A 1 60 ? 1.571   6.530   -3.344  1.00 14.89 ? 60  LEU A C   1 
ATOM   457 O O   . LEU A 1 60 ? 0.868   6.129   -2.407  1.00 18.02 ? 60  LEU A O   1 
ATOM   458 C CB  . LEU A 1 60 ? 3.986   5.828   -3.347  1.00 15.90 ? 60  LEU A CB  1 
ATOM   459 C CG  . LEU A 1 60 ? 4.987   4.714   -3.659  1.00 16.76 ? 60  LEU A CG  1 
ATOM   460 C CD1 . LEU A 1 60 ? 6.376   5.101   -3.196  1.00 15.23 ? 60  LEU A CD1 1 
ATOM   461 C CD2 . LEU A 1 60 ? 4.536   3.416   -2.992  1.00 19.04 ? 60  LEU A CD2 1 
ATOM   462 N N   . ARG A 1 61 ? 1.443   7.758   -3.852  1.00 19.26 ? 61  ARG A N   1 
ATOM   463 C CA  . ARG A 1 61 ? 0.405   8.654   -3.347  1.00 17.32 ? 61  ARG A CA  1 
ATOM   464 C C   . ARG A 1 61 ? -0.981  8.072   -3.590  1.00 19.60 ? 61  ARG A C   1 
ATOM   465 O O   . ARG A 1 61 ? -1.838  8.075   -2.698  1.00 19.44 ? 61  ARG A O   1 
ATOM   466 C CB  . ARG A 1 61 ? 0.541   10.034  -3.998  1.00 20.20 ? 61  ARG A CB  1 
ATOM   467 C CG  . ARG A 1 61 ? -0.678  10.929  -3.837  1.00 25.85 ? 61  ARG A CG  1 
ATOM   468 C CD  . ARG A 1 61 ? -0.888  11.361  -2.391  1.00 28.38 ? 61  ARG A CD  1 
ATOM   469 N NE  . ARG A 1 61 ? 0.281   12.040  -1.839  1.00 33.66 ? 61  ARG A NE  1 
ATOM   470 C CZ  . ARG A 1 61 ? 0.582   12.077  -0.544  1.00 47.53 ? 61  ARG A CZ  1 
ATOM   471 N NH1 . ARG A 1 61 ? 1.665   12.719  -0.131  1.00 52.44 ? 61  ARG A NH1 1 
ATOM   472 N NH2 . ARG A 1 61 ? -0.202  11.474  0.339   1.00 50.98 ? 61  ARG A NH2 1 
ATOM   473 N N   . LYS A 1 62 ? -1.220  7.554   -4.796  1.00 18.25 ? 62  LYS A N   1 
ATOM   474 C CA  . LYS A 1 62 ? -2.490  6.894   -5.078  1.00 18.61 ? 62  LYS A CA  1 
ATOM   475 C C   . LYS A 1 62 ? -2.702  5.696   -4.156  1.00 16.79 ? 62  LYS A C   1 
ATOM   476 O O   . LYS A 1 62 ? -3.822  5.448   -3.691  1.00 17.76 ? 62  LYS A O   1 
ATOM   477 C CB  . LYS A 1 62 ? -2.536  6.470   -6.546  1.00 18.88 ? 62  LYS A CB  1 
ATOM   478 C CG  . LYS A 1 62 ? -2.559  7.646   -7.517  1.00 30.39 ? 62  LYS A CG  1 
ATOM   479 C CD  . LYS A 1 62 ? -2.205  7.215   -8.931  1.00 37.97 ? 62  LYS A CD  1 
ATOM   480 C CE  . LYS A 1 62 ? -3.306  6.370   -9.538  1.00 42.02 ? 62  LYS A CE  1 
ATOM   481 N NZ  . LYS A 1 62 ? -4.623  7.059   -9.479  1.00 45.54 ? 62  LYS A NZ  1 
ATOM   482 N N   . ALA A 1 63 ? -1.633  4.948   -3.875  1.00 19.46 ? 63  ALA A N   1 
ATOM   483 C CA  . ALA A 1 63 ? -1.741  3.821   -2.956  1.00 17.41 ? 63  ALA A CA  1 
ATOM   484 C C   . ALA A 1 63 ? -2.086  4.296   -1.551  1.00 14.32 ? 63  ALA A C   1 
ATOM   485 O O   . ALA A 1 63 ? -2.934  3.701   -0.877  1.00 17.25 ? 63  ALA A O   1 
ATOM   486 C CB  . ALA A 1 63 ? -0.440  3.019   -2.953  1.00 19.74 ? 63  ALA A CB  1 
ATOM   487 N N   . ILE A 1 64 ? -1.455  5.385   -1.107  1.00 13.56 ? 64  ILE A N   1 
ATOM   488 C CA  . ILE A 1 64 ? -1.705  5.912   0.231   1.00 15.39 ? 64  ILE A CA  1 
ATOM   489 C C   . ILE A 1 64 ? -3.148  6.381   0.365   1.00 18.23 ? 64  ILE A C   1 
ATOM   490 O O   . ILE A 1 64 ? -3.806  6.122   1.380   1.00 16.92 ? 64  ILE A O   1 
ATOM   491 C CB  . ILE A 1 64 ? -0.708  7.039   0.557   1.00 17.75 ? 64  ILE A CB  1 
ATOM   492 C CG1 . ILE A 1 64 ? 0.671   6.443   0.841   1.00 21.55 ? 64  ILE A CG1 1 
ATOM   493 C CG2 . ILE A 1 64 ? -1.192  7.846   1.755   1.00 18.84 ? 64  ILE A CG2 1 
ATOM   494 C CD1 . ILE A 1 64 ? 1.812   7.438   0.729   1.00 22.63 ? 64  ILE A CD1 1 
ATOM   495 N N   . GLU A 1 65 ? -3.669  7.065   -0.660  1.00 16.24 ? 65  GLU A N   1 
ATOM   496 C CA  . GLU A 1 65 ? -5.050  7.545   -0.592  1.00 17.81 ? 65  GLU A CA  1 
ATOM   497 C C   . GLU A 1 65 ? -6.040  6.388   -0.521  1.00 21.57 ? 65  GLU A C   1 
ATOM   498 O O   . GLU A 1 65 ? -7.027  6.449   0.225   1.00 18.92 ? 65  GLU A O   1 
ATOM   499 C CB  . GLU A 1 65 ? -5.360  8.443   -1.790  1.00 20.15 ? 65  GLU A CB  1 
ATOM   500 C CG  . GLU A 1 65 ? -4.566  9.744   -1.802  1.00 30.12 ? 65  GLU A CG  1 
ATOM   501 C CD  . GLU A 1 65 ? -4.618  10.480  -0.469  1.00 44.42 ? 65  GLU A CD  1 
ATOM   502 O OE1 . GLU A 1 65 ? -5.725  10.615  0.098   1.00 51.97 ? 65  GLU A OE1 1 
ATOM   503 O OE2 . GLU A 1 65 ? -3.550  10.920  0.014   1.00 47.83 ? 65  GLU A OE2 1 
ATOM   504 N N   . ALA A 1 66 ? -5.797  5.322   -1.285  1.00 14.47 ? 66  ALA A N   1 
ATOM   505 C CA  . ALA A 1 66 ? -6.655  4.145   -1.205  1.00 19.79 ? 66  ALA A CA  1 
ATOM   506 C C   . ALA A 1 66 ? -6.532  3.464   0.155   1.00 19.69 ? 66  ALA A C   1 
ATOM   507 O O   . ALA A 1 66 ? -7.537  3.034   0.742   1.00 15.67 ? 66  ALA A O   1 
ATOM   508 C CB  . ALA A 1 66 ? -6.312  3.171   -2.333  1.00 16.65 ? 66  ALA A CB  1 
ATOM   509 N N   . ALA A 1 67 ? -5.307  3.375   0.681   1.00 16.40 ? 67  ALA A N   1 
ATOM   510 C CA  . ALA A 1 67 ? -5.106  2.761   1.988   1.00 13.60 ? 67  ALA A CA  1 
ATOM   511 C C   . ALA A 1 67 ? -5.757  3.574   3.099   1.00 15.01 ? 67  ALA A C   1 
ATOM   512 O O   . ALA A 1 67 ? -6.180  3.009   4.111   1.00 18.12 ? 67  ALA A O   1 
ATOM   513 C CB  . ALA A 1 67 ? -3.610  2.584   2.265   1.00 14.61 ? 67  ALA A CB  1 
ATOM   514 N N   . LYS A 1 68 ? -5.852  4.899   2.927   1.00 17.16 ? 68  LYS A N   1 
ATOM   515 C CA  . LYS A 1 68 ? -6.545  5.717   3.918   1.00 17.29 ? 68  LYS A CA  1 
ATOM   516 C C   . LYS A 1 68 ? -8.044  5.455   3.890   1.00 14.65 ? 68  LYS A C   1 
ATOM   517 O O   . LYS A 1 68 ? -8.689  5.412   4.946   1.00 17.45 ? 68  LYS A O   1 
ATOM   518 C CB  . LYS A 1 68 ? -6.245  7.200   3.684   1.00 18.65 ? 68  LYS A CB  1 
ATOM   519 C CG  . LYS A 1 68 ? -4.849  7.607   4.159   1.00 20.40 ? 68  LYS A CG  1 
ATOM   520 C CD  . LYS A 1 68 ? -4.355  8.858   3.459   1.00 32.40 ? 68  LYS A CD  1 
ATOM   521 C CE  . LYS A 1 68 ? -4.970  10.109  4.052   1.00 43.97 ? 68  LYS A CE  1 
ATOM   522 N NZ  . LYS A 1 68 ? -4.151  11.318  3.734   1.00 55.12 ? 68  LYS A NZ  1 
ATOM   523 N N   . LYS A 1 69 ? -8.621  5.281   2.699   1.00 17.33 ? 69  LYS A N   1 
ATOM   524 C CA  . LYS A 1 69 ? -10.030 4.903   2.617   1.00 18.03 ? 69  LYS A CA  1 
ATOM   525 C C   . LYS A 1 69 ? -10.253 3.531   3.232   1.00 16.52 ? 69  LYS A C   1 
ATOM   526 O O   . LYS A 1 69 ? -11.267 3.293   3.904   1.00 18.85 ? 69  LYS A O   1 
ATOM   527 C CB  . LYS A 1 69 ? -10.500 4.909   1.163   1.00 16.67 ? 69  LYS A CB  1 
ATOM   528 C CG  . LYS A 1 69 ? -10.491 6.273   0.507   1.00 21.63 ? 69  LYS A CG  1 
ATOM   529 C CD  . LYS A 1 69 ? -10.745 6.139   -0.984  1.00 29.76 ? 69  LYS A CD  1 
ATOM   530 C CE  . LYS A 1 69 ? -10.998 7.486   -1.634  1.00 39.64 ? 69  LYS A CE  1 
ATOM   531 N NZ  . LYS A 1 69 ? -11.374 7.330   -3.063  1.00 49.37 ? 69  LYS A NZ  1 
ATOM   532 N N   . LEU A 1 70 ? -9.310  2.615   3.013   1.00 16.70 ? 70  LEU A N   1 
ATOM   533 C CA  . LEU A 1 70 ? -9.406  1.287   3.607   1.00 17.99 ? 70  LEU A CA  1 
ATOM   534 C C   . LEU A 1 70 ? -9.329  1.359   5.125   1.00 14.41 ? 70  LEU A C   1 
ATOM   535 O O   . LEU A 1 70 ? -10.111 0.704   5.822   1.00 15.39 ? 70  LEU A O   1 
ATOM   536 C CB  . LEU A 1 70 ? -8.298  0.394   3.051   1.00 15.63 ? 70  LEU A CB  1 
ATOM   537 C CG  . LEU A 1 70 ? -8.128  -1.039  3.549   1.00 19.95 ? 70  LEU A CG  1 
ATOM   538 C CD1 . LEU A 1 70 ? -9.376  -1.856  3.297   1.00 18.20 ? 70  LEU A CD1 1 
ATOM   539 C CD2 . LEU A 1 70 ? -6.927  -1.662  2.828   1.00 20.85 ? 70  LEU A CD2 1 
ATOM   540 N N   . ALA A 1 71 ? -8.398  2.163   5.650   1.00 17.27 ? 71  ALA A N   1 
ATOM   541 C CA  . ALA A 1 71 ? -8.261  2.289   7.099   1.00 18.01 ? 71  ALA A CA  1 
ATOM   542 C C   . ALA A 1 71 ? -9.511  2.896   7.719   1.00 19.92 ? 71  ALA A C   1 
ATOM   543 O O   . ALA A 1 71 ? -9.923  2.507   8.818   1.00 16.55 ? 71  ALA A O   1 
ATOM   544 C CB  . ALA A 1 71 ? -7.034  3.132   7.442   1.00 15.53 ? 71  ALA A CB  1 
ATOM   545 N N   . LYS A 1 72 ? -10.125 3.849   7.029   1.00 19.13 ? 72  LYS A N   1 
ATOM   546 C CA  . LYS A 1 72 ? -11.344 4.489   7.585   1.00 23.11 ? 72  LYS A CA  1 
ATOM   547 C C   . LYS A 1 72 ? -12.461 3.446   7.697   1.00 18.84 ? 72  LYS A C   1 
ATOM   548 O O   . LYS A 1 72 ? -13.158 3.460   8.662   1.00 18.82 ? 72  LYS A O   1 
ATOM   549 C CB  . LYS A 1 72 ? -11.819 5.669   6.751   1.00 21.73 ? 72  LYS A CB  1 
ATOM   550 C CG  . LYS A 1 72 ? -12.969 6.408   7.405   1.00 31.76 ? 72  LYS A CG  1 
ATOM   551 C CD  . LYS A 1 72 ? -13.681 7.362   6.507   1.00 52.95 ? 72  LYS A CD  1 
ATOM   552 C CE  . LYS A 1 72 ? -12.783 8.057   5.517   1.00 67.31 ? 72  LYS A CE  1 
ATOM   553 N NZ  . LYS A 1 72 ? -11.589 8.613   6.178   1.00 63.93 ? 72  LYS A NZ  1 
ATOM   554 N N   . LEU A 1 73 ? -12.633 2.644   6.671   1.00 13.85 ? 73  LEU A N   1 
ATOM   555 C CA  . LEU A 1 73 ? -13.578 1.534   6.776   1.00 16.45 ? 73  LEU A CA  1 
ATOM   556 C C   . LEU A 1 73 ? -13.160 0.553   7.865   1.00 19.26 ? 73  LEU A C   1 
ATOM   557 O O   . LEU A 1 73 ? -14.005 0.045   8.612   1.00 19.09 ? 73  LEU A O   1 
ATOM   558 C CB  . LEU A 1 73 ? -13.705 0.819   5.431   1.00 21.28 ? 73  LEU A CB  1 
ATOM   559 C CG  . LEU A 1 73 ? -14.613 1.533   4.422   1.00 24.87 ? 73  LEU A CG  1 
ATOM   560 C CD1 . LEU A 1 73 ? -14.470 0.957   3.016   1.00 20.46 ? 73  LEU A CD1 1 
ATOM   561 C CD2 . LEU A 1 73 ? -16.060 1.464   4.894   1.00 32.37 ? 73  LEU A CD2 1 
ATOM   562 N N   . GLY A 1 74 ? -11.857 0.283   7.982   1.00 15.96 ? 74  GLY A N   1 
ATOM   563 C CA  . GLY A 1 74 ? -11.382 -0.635  9.004   1.00 18.15 ? 74  GLY A CA  1 
ATOM   564 C C   . GLY A 1 74 ? -11.578 -0.128  10.420  1.00 18.13 ? 74  GLY A C   1 
ATOM   565 O O   . GLY A 1 74 ? -11.687 -0.924  11.359  1.00 21.85 ? 74  GLY A O   1 
ATOM   566 N N   . ALA A 1 75 ? -11.623 1.194   10.603  1.00 19.55 ? 75  ALA A N   1 
ATOM   567 C CA  . ALA A 1 75 ? -11.934 1.728   11.925  1.00 19.32 ? 75  ALA A CA  1 
ATOM   568 C C   . ALA A 1 75 ? -13.319 1.300   12.388  1.00 21.66 ? 75  ALA A C   1 
ATOM   569 O O   . ALA A 1 75 ? -13.546 1.131   13.594  1.00 23.64 ? 75  ALA A O   1 
ATOM   570 C CB  . ALA A 1 75 ? -11.826 3.253   11.925  1.00 21.48 ? 75  ALA A CB  1 
ATOM   571 N N   . SER A 1 76 ? -14.260 1.123   11.453  1.00 19.54 ? 76  SER A N   1 
ATOM   572 C CA  . SER A 1 76 ? -15.609 0.688   11.803  1.00 20.95 ? 76  SER A CA  1 
ATOM   573 C C   . SER A 1 76 ? -15.776 -0.826  11.774  1.00 22.95 ? 76  SER A C   1 
ATOM   574 O O   . SER A 1 76 ? -16.488 -1.378  12.619  1.00 22.19 ? 76  SER A O   1 
ATOM   575 C CB  . SER A 1 76 ? -16.638 1.327   10.862  1.00 23.36 ? 76  SER A CB  1 
ATOM   576 O OG  . SER A 1 76 ? -16.667 2.739   11.008  1.00 29.91 ? 76  SER A OG  1 
ATOM   577 N N   . LEU A 1 77 ? -15.151 -1.515  10.821  1.00 22.19 ? 77  LEU A N   1 
ATOM   578 C CA  . LEU A 1 77 ? -15.447 -2.923  10.579  1.00 22.68 ? 77  LEU A CA  1 
ATOM   579 C C   . LEU A 1 77 ? -14.317 -3.864  10.971  1.00 25.98 ? 77  LEU A C   1 
ATOM   580 O O   . LEU A 1 77 ? -14.500 -5.087  10.900  1.00 24.27 ? 77  LEU A O   1 
ATOM   581 C CB  . LEU A 1 77 ? -15.801 -3.140  9.102   1.00 20.27 ? 77  LEU A CB  1 
ATOM   582 C CG  . LEU A 1 77 ? -16.899 -2.226  8.547   1.00 17.66 ? 77  LEU A CG  1 
ATOM   583 C CD1 . LEU A 1 77 ? -16.939 -2.279  7.026   1.00 22.68 ? 77  LEU A CD1 1 
ATOM   584 C CD2 . LEU A 1 77 ? -18.253 -2.590  9.133   1.00 19.33 ? 77  LEU A CD2 1 
ATOM   585 N N   . GLY A 1 78 ? -13.170 -3.343  11.371  1.00 18.65 ? 78  GLY A N   1 
ATOM   586 C CA  . GLY A 1 78 ? -12.030 -4.181  11.686  1.00 21.29 ? 78  GLY A CA  1 
ATOM   587 C C   . GLY A 1 78 ? -10.976 -4.139  10.596  1.00 21.70 ? 78  GLY A C   1 
ATOM   588 O O   . GLY A 1 78 ? -11.272 -3.978  9.406   1.00 20.05 ? 78  GLY A O   1 
ATOM   589 N N   . GLY A 1 79 ? -9.713  -4.294  11.003  1.00 19.36 ? 79  GLY A N   1 
ATOM   590 C CA  . GLY A 1 79 ? -8.593  -4.207  10.082  1.00 22.36 ? 79  GLY A CA  1 
ATOM   591 C C   . GLY A 1 79 ? -7.819  -2.908  10.136  1.00 21.86 ? 79  GLY A C   1 
ATOM   592 O O   . GLY A 1 79 ? -6.907  -2.714  9.317   1.00 19.12 ? 79  GLY A O   1 
ATOM   593 N N   . PHE A 1 80 ? -8.141  -2.022  11.081  1.00 21.21 ? 80  PHE A N   1 
ATOM   594 C CA  . PHE A 1 80 ? -7.520  -0.703  11.117  1.00 19.64 ? 80  PHE A CA  1 
ATOM   595 C C   . PHE A 1 80 ? -6.013  -0.789  11.362  1.00 18.02 ? 80  PHE A C   1 
ATOM   596 O O   . PHE A 1 80 ? -5.225  -0.124  10.684  1.00 17.90 ? 80  PHE A O   1 
ATOM   597 C CB  . PHE A 1 80 ? -8.183  0.160   12.192  1.00 17.27 ? 80  PHE A CB  1 
ATOM   598 C CG  . PHE A 1 80 ? -7.571  1.525   12.323  1.00 23.60 ? 80  PHE A CG  1 
ATOM   599 C CD1 . PHE A 1 80 ? -7.988  2.566   11.510  1.00 21.20 ? 80  PHE A CD1 1 
ATOM   600 C CD2 . PHE A 1 80 ? -6.570  1.764   13.254  1.00 22.63 ? 80  PHE A CD2 1 
ATOM   601 C CE1 . PHE A 1 80 ? -7.420  3.819   11.621  1.00 25.10 ? 80  PHE A CE1 1 
ATOM   602 C CE2 . PHE A 1 80 ? -5.998  3.015   13.370  1.00 24.33 ? 80  PHE A CE2 1 
ATOM   603 C CZ  . PHE A 1 80 ? -6.424  4.046   12.550  1.00 26.67 ? 80  PHE A CZ  1 
ATOM   604 N N   . ASP A 1 81 ? -5.604  -1.580  12.358  1.00 16.51 ? 81  ASP A N   1 
ATOM   605 C CA  . ASP A 1 81 ? -4.196  -1.611  12.744  1.00 21.23 ? 81  ASP A CA  1 
ATOM   606 C C   . ASP A 1 81 ? -3.320  -2.071  11.586  1.00 19.59 ? 81  ASP A C   1 
ATOM   607 O O   . ASP A 1 81 ? -2.227  -1.529  11.366  1.00 17.10 ? 81  ASP A O   1 
ATOM   608 C CB  . ASP A 1 81 ? -3.999  -2.525  13.958  1.00 18.33 ? 81  ASP A CB  1 
ATOM   609 C CG  . ASP A 1 81 ? -4.448  -1.884  15.269  1.00 25.17 ? 81  ASP A CG  1 
ATOM   610 O OD1 . ASP A 1 81 ? -5.195  -0.881  15.225  1.00 23.36 ? 81  ASP A OD1 1 
ATOM   611 O OD2 . ASP A 1 81 ? -4.055  -2.399  16.343  1.00 25.24 ? 81  ASP A OD2 1 
ATOM   612 N N   . LEU A 1 82 ? -3.783  -3.070  10.831  1.00 18.41 ? 82  LEU A N   1 
ATOM   613 C CA  . LEU A 1 82 ? -3.017  -3.521  9.677   1.00 16.30 ? 82  LEU A CA  1 
ATOM   614 C C   . LEU A 1 82 ? -2.980  -2.447  8.599   1.00 15.20 ? 82  LEU A C   1 
ATOM   615 O O   . LEU A 1 82 ? -1.924  -2.182  8.019   1.00 16.68 ? 82  LEU A O   1 
ATOM   616 C CB  . LEU A 1 82 ? -3.608  -4.821  9.126   1.00 18.66 ? 82  LEU A CB  1 
ATOM   617 C CG  . LEU A 1 82 ? -3.524  -6.043  10.046  1.00 24.64 ? 82  LEU A CG  1 
ATOM   618 C CD1 . LEU A 1 82 ? -4.345  -7.209  9.497   1.00 24.39 ? 82  LEU A CD1 1 
ATOM   619 C CD2 . LEU A 1 82 ? -2.074  -6.458  10.244  1.00 25.52 ? 82  LEU A CD2 1 
ATOM   620 N N   . ALA A 1 83 ? -4.118  -1.803  8.338   1.00 15.78 ? 83  ALA A N   1 
ATOM   621 C CA  . ALA A 1 83 ? -4.161  -0.761  7.317   1.00 16.14 ? 83  ALA A CA  1 
ATOM   622 C C   . ALA A 1 83 ? -3.287  0.426   7.698   1.00 18.12 ? 83  ALA A C   1 
ATOM   623 O O   . ALA A 1 83 ? -2.634  1.031   6.835   1.00 17.02 ? 83  ALA A O   1 
ATOM   624 C CB  . ALA A 1 83 ? -5.606  -0.311  7.096   1.00 15.20 ? 83  ALA A CB  1 
ATOM   625 N N   . LYS A 1 84 ? -3.267  0.779   8.986   1.00 18.82 ? 84  LYS A N   1 
ATOM   626 C CA  . LYS A 1 84 ? -2.442  1.891   9.446   1.00 21.76 ? 84  LYS A CA  1 
ATOM   627 C C   . LYS A 1 84 ? -0.963  1.599   9.244   1.00 20.27 ? 84  LYS A C   1 
ATOM   628 O O   . LYS A 1 84 ? -0.195  2.483   8.852   1.00 17.75 ? 84  LYS A O   1 
ATOM   629 C CB  . LYS A 1 84 ? -2.723  2.179   10.919  1.00 18.15 ? 84  LYS A CB  1 
ATOM   630 C CG  . LYS A 1 84 ? -1.827  3.253   11.532  1.00 19.77 ? 84  LYS A CG  1 
ATOM   631 C CD  . LYS A 1 84 ? -2.242  3.551   12.975  1.00 27.73 ? 84  LYS A CD  1 
ATOM   632 C CE  . LYS A 1 84 ? -1.348  4.598   13.632  1.00 29.88 ? 84  LYS A CE  1 
ATOM   633 N NZ  . LYS A 1 84 ? -0.029  4.041   14.046  1.00 31.91 ? 84  LYS A NZ  1 
ATOM   634 N N   . ARG A 1 85 ? -0.544  0.365   9.521   1.00 15.75 ? 85  ARG A N   1 
ATOM   635 C CA  . ARG A 1 85 ? 0.854   0.011   9.314   1.00 15.63 ? 85  ARG A CA  1 
ATOM   636 C C   . ARG A 1 85 ? 1.200   -0.005  7.828   1.00 18.78 ? 85  ARG A C   1 
ATOM   637 O O   . ARG A 1 85 ? 2.305   0.390   7.440   1.00 15.29 ? 85  ARG A O   1 
ATOM   638 C CB  . ARG A 1 85 ? 1.151   -1.337  9.974   1.00 18.61 ? 85  ARG A CB  1 
ATOM   639 C CG  . ARG A 1 85 ? 2.601   -1.794  9.845   1.00 24.37 ? 85  ARG A CG  1 
ATOM   640 C CD  . ARG A 1 85 ? 3.561   -0.897  10.619  1.00 30.27 ? 85  ARG A CD  1 
ATOM   641 N NE  . ARG A 1 85 ? 3.228   -0.812  12.041  1.00 44.54 ? 85  ARG A NE  1 
ATOM   642 C CZ  . ARG A 1 85 ? 3.567   -1.719  12.956  1.00 49.92 ? 85  ARG A CZ  1 
ATOM   643 N NH1 . ARG A 1 85 ? 4.260   -2.798  12.612  1.00 46.17 ? 85  ARG A NH1 1 
ATOM   644 N NH2 . ARG A 1 85 ? 3.214   -1.541  14.223  1.00 51.14 ? 85  ARG A NH2 1 
ATOM   645 N N   . ILE A 1 86 ? 0.258   -0.433  6.982   1.00 15.41 ? 86  ILE A N   1 
ATOM   646 C CA  . ILE A 1 86 ? 0.479   -0.393  5.535   1.00 15.26 ? 86  ILE A CA  1 
ATOM   647 C C   . ILE A 1 86 ? 0.702   1.041   5.069   1.00 15.27 ? 86  ILE A C   1 
ATOM   648 O O   . ILE A 1 86 ? 1.610   1.316   4.272   1.00 15.36 ? 86  ILE A O   1 
ATOM   649 C CB  . ILE A 1 86 ? -0.699  -1.056  4.795   1.00 14.84 ? 86  ILE A CB  1 
ATOM   650 C CG1 . ILE A 1 86 ? -0.678  -2.571  5.009   1.00 17.26 ? 86  ILE A CG1 1 
ATOM   651 C CG2 . ILE A 1 86 ? -0.670  -0.706  3.300   1.00 17.25 ? 86  ILE A CG2 1 
ATOM   652 C CD1 . ILE A 1 86 ? -2.019  -3.251  4.696   1.00 16.14 ? 86  ILE A CD1 1 
ATOM   653 N N   . ILE A 1 87 ? -0.109  1.977   5.568   1.00 14.67 ? 87  ILE A N   1 
ATOM   654 C CA  . ILE A 1 87 ? 0.072   3.391   5.229   1.00 17.44 ? 87  ILE A CA  1 
ATOM   655 C C   . ILE A 1 87 ? 1.466   3.863   5.630   1.00 16.72 ? 87  ILE A C   1 
ATOM   656 O O   . ILE A 1 87 ? 2.144   4.569   4.875   1.00 16.05 ? 87  ILE A O   1 
ATOM   657 C CB  . ILE A 1 87 ? -1.025  4.243   5.892   1.00 17.24 ? 87  ILE A CB  1 
ATOM   658 C CG1 . ILE A 1 87 ? -2.385  3.936   5.255   1.00 15.85 ? 87  ILE A CG1 1 
ATOM   659 C CG2 . ILE A 1 87 ? -0.700  5.729   5.768   1.00 19.21 ? 87  ILE A CG2 1 
ATOM   660 C CD1 . ILE A 1 87 ? -3.583  4.368   6.089   1.00 15.44 ? 87  ILE A CD1 1 
ATOM   661 N N   . GLU A 1 88 ? 1.916   3.479   6.828   1.00 18.27 ? 88  GLU A N   1 
ATOM   662 C CA  . GLU A 1 88 ? 3.236   3.906   7.286   1.00 18.08 ? 88  GLU A CA  1 
ATOM   663 C C   . GLU A 1 88 ? 4.338   3.335   6.397   1.00 21.04 ? 88  GLU A C   1 
ATOM   664 O O   . GLU A 1 88 ? 5.327   4.019   6.103   1.00 18.43 ? 88  GLU A O   1 
ATOM   665 C CB  . GLU A 1 88 ? 3.438   3.500   8.749   1.00 21.27 ? 88  GLU A CB  1 
ATOM   666 C CG  . GLU A 1 88 ? 2.562   4.302   9.712   1.00 26.38 ? 88  GLU A CG  1 
ATOM   667 C CD  . GLU A 1 88 ? 2.383   3.647   11.070  1.00 32.23 ? 88  GLU A CD  1 
ATOM   668 O OE1 . GLU A 1 88 ? 3.026   2.607   11.336  1.00 32.40 ? 88  GLU A OE1 1 
ATOM   669 O OE2 . GLU A 1 88 ? 1.589   4.182   11.876  1.00 35.43 ? 88  GLU A OE2 1 
ATOM   670 N N   . LEU A 1 89 ? 4.172   2.094   5.939   1.00 18.13 ? 89  LEU A N   1 
ATOM   671 C CA  . LEU A 1 89 ? 5.153   1.492   5.040   1.00 16.84 ? 89  LEU A CA  1 
ATOM   672 C C   . LEU A 1 89 ? 5.152   2.173   3.673   1.00 16.78 ? 89  LEU A C   1 
ATOM   673 O O   . LEU A 1 89 ? 6.221   2.402   3.088   1.00 18.64 ? 89  LEU A O   1 
ATOM   674 C CB  . LEU A 1 89 ? 4.878   -0.004  4.895   1.00 13.65 ? 89  LEU A CB  1 
ATOM   675 C CG  . LEU A 1 89 ? 5.191   -0.856  6.132   1.00 20.28 ? 89  LEU A CG  1 
ATOM   676 C CD1 . LEU A 1 89 ? 4.614   -2.260  5.962   1.00 22.11 ? 89  LEU A CD1 1 
ATOM   677 C CD2 . LEU A 1 89 ? 6.692   -0.902  6.452   1.00 23.48 ? 89  LEU A CD2 1 
ATOM   678 N N   . LEU A 1 90 ? 3.964   2.485   3.140   1.00 17.62 ? 90  LEU A N   1 
ATOM   679 C CA  . LEU A 1 90 ? 3.883   3.222   1.879   1.00 15.71 ? 90  LEU A CA  1 
ATOM   680 C C   . LEU A 1 90 ? 4.580   4.572   1.987   1.00 19.54 ? 90  LEU A C   1 
ATOM   681 O O   . LEU A 1 90 ? 5.257   5.008   1.048   1.00 18.22 ? 90  LEU A O   1 
ATOM   682 C CB  . LEU A 1 90 ? 2.421   3.420   1.466   1.00 14.61 ? 90  LEU A CB  1 
ATOM   683 C CG  . LEU A 1 90 ? 1.579   2.210   1.054   1.00 15.66 ? 90  LEU A CG  1 
ATOM   684 C CD1 . LEU A 1 90 ? 0.102   2.607   0.956   1.00 14.59 ? 90  LEU A CD1 1 
ATOM   685 C CD2 . LEU A 1 90 ? 2.073   1.617   -0.266  1.00 19.04 ? 90  LEU A CD2 1 
ATOM   686 N N   . LYS A 1 91 ? 4.426   5.251   3.126   1.00 18.73 ? 91  LYS A N   1 
ATOM   687 C CA  . LYS A 1 91 ? 5.092   6.537   3.303   1.00 18.54 ? 91  LYS A CA  1 
ATOM   688 C C   . LYS A 1 91 ? 6.605   6.383   3.376   1.00 21.99 ? 91  LYS A C   1 
ATOM   689 O O   . LYS A 1 91 ? 7.340   7.262   2.910   1.00 20.65 ? 91  LYS A O   1 
ATOM   690 C CB  . LYS A 1 91 ? 4.572   7.234   4.558   1.00 19.23 ? 91  LYS A CB  1 
ATOM   691 C CG  . LYS A 1 91 ? 3.172   7.801   4.421   1.00 20.84 ? 91  LYS A CG  1 
ATOM   692 C CD  . LYS A 1 91 ? 2.693   8.389   5.742   1.00 24.59 ? 91  LYS A CD  1 
ATOM   693 C CE  . LYS A 1 91 ? 1.563   9.384   5.524   1.00 35.72 ? 91  LYS A CE  1 
ATOM   694 N NZ  . LYS A 1 91 ? 0.575   9.355   6.638   1.00 42.01 ? 91  LYS A NZ  1 
ATOM   695 N N   . LYS A 1 92 ? 7.092   5.280   3.949   1.00 17.83 ? 92  LYS A N   1 
ATOM   696 C CA  . LYS A 1 92 ? 8.531   5.040   3.965   1.00 20.83 ? 92  LYS A CA  1 
ATOM   697 C C   . LYS A 1 92 ? 9.061   4.807   2.554   1.00 22.38 ? 92  LYS A C   1 
ATOM   698 O O   . LYS A 1 92 ? 10.135  5.309   2.196   1.00 19.60 ? 92  LYS A O   1 
ATOM   699 C CB  . LYS A 1 92 ? 8.854   3.849   4.866   1.00 28.21 ? 92  LYS A CB  1 
ATOM   700 C CG  . LYS A 1 92 ? 8.795   4.174   6.352   1.00 30.92 ? 92  LYS A CG  1 
ATOM   701 C CD  . LYS A 1 92 ? 8.820   2.909   7.196   1.00 39.54 ? 92  LYS A CD  1 
ATOM   702 C CE  . LYS A 1 92 ? 9.680   3.092   8.433   1.00 49.31 ? 92  LYS A CE  1 
ATOM   703 N NZ  . LYS A 1 92 ? 9.023   2.531   9.644   1.00 55.25 ? 92  LYS A NZ  1 
ATOM   704 N N   . MET A 1 93 ? 8.316   4.062   1.736   1.00 19.49 ? 93  MET A N   1 
ATOM   705 C CA  . MET A 1 93 ? 8.712   3.880   0.342   1.00 20.42 ? 93  MET A CA  1 
ATOM   706 C C   . MET A 1 93 ? 8.632   5.195   -0.422  1.00 17.91 ? 93  MET A C   1 
ATOM   707 O O   . MET A 1 93 ? 9.477   5.473   -1.285  1.00 19.17 ? 93  MET A O   1 
ATOM   708 C CB  . MET A 1 93 ? 7.836   2.812   -0.315  1.00 20.39 ? 93  MET A CB  1 
ATOM   709 C CG  . MET A 1 93 ? 8.296   1.390   -0.021  1.00 23.60 ? 93  MET A CG  1 
ATOM   710 S SD  . MET A 1 93 ? 7.154   0.129   -0.619  1.00 23.43 ? 93  MET A SD  1 
ATOM   711 C CE  . MET A 1 93 ? 6.104   -0.045  0.817   1.00 22.61 ? 93  MET A CE  1 
ATOM   712 N N   . TYR A 1 94 ? 7.631   6.021   -0.110  1.00 15.83 ? 94  TYR A N   1 
ATOM   713 C CA  . TYR A 1 94 ? 7.532   7.341   -0.727  1.00 19.58 ? 94  TYR A CA  1 
ATOM   714 C C   . TYR A 1 94 ? 8.800   8.154   -0.495  1.00 22.03 ? 94  TYR A C   1 
ATOM   715 O O   . TYR A 1 94 ? 9.327   8.783   -1.424  1.00 19.11 ? 94  TYR A O   1 
ATOM   716 C CB  . TYR A 1 94 ? 6.300   8.066   -0.177  1.00 18.21 ? 94  TYR A CB  1 
ATOM   717 C CG  . TYR A 1 94 ? 5.986   9.416   -0.799  1.00 18.23 ? 94  TYR A CG  1 
ATOM   718 C CD1 . TYR A 1 94 ? 6.725   10.552  -0.470  1.00 17.25 ? 94  TYR A CD1 1 
ATOM   719 C CD2 . TYR A 1 94 ? 4.923   9.562   -1.680  1.00 16.96 ? 94  TYR A CD2 1 
ATOM   720 C CE1 . TYR A 1 94 ? 6.426   11.791  -1.027  1.00 22.11 ? 94  TYR A CE1 1 
ATOM   721 C CE2 . TYR A 1 94 ? 4.612   10.798  -2.238  1.00 16.96 ? 94  TYR A CE2 1 
ATOM   722 C CZ  . TYR A 1 94 ? 5.369   11.905  -1.908  1.00 21.80 ? 94  TYR A CZ  1 
ATOM   723 O OH  . TYR A 1 94 ? 5.078   13.133  -2.457  1.00 23.81 ? 94  TYR A OH  1 
ATOM   724 N N   . GLU A 1 95 ? 9.305   8.158   0.740   1.00 20.06 ? 95  GLU A N   1 
ATOM   725 C CA  . GLU A 1 95 ? 10.512  8.925   1.029   1.00 22.33 ? 95  GLU A CA  1 
ATOM   726 C C   . GLU A 1 95 ? 11.708  8.401   0.246   1.00 25.75 ? 95  GLU A C   1 
ATOM   727 O O   . GLU A 1 95 ? 12.568  9.185   -0.173  1.00 26.34 ? 95  GLU A O   1 
ATOM   728 C CB  . GLU A 1 95 ? 10.799  8.901   2.530   1.00 30.43 ? 95  GLU A CB  1 
ATOM   729 C CG  . GLU A 1 95 ? 9.949   9.871   3.341   1.00 46.09 ? 95  GLU A CG  1 
ATOM   730 C CD  . GLU A 1 95 ? 10.230  11.324  2.988   1.00 70.01 ? 95  GLU A CD  1 
ATOM   731 O OE1 . GLU A 1 95 ? 11.134  11.925  3.609   1.00 77.66 ? 95  GLU A OE1 1 
ATOM   732 O OE2 . GLU A 1 95 ? 9.547   11.868  2.092   1.00 78.56 ? 95  GLU A OE2 1 
ATOM   733 N N   . LEU A 1 96 ? 11.778  7.086   0.034   1.00 21.01 ? 96  LEU A N   1 
ATOM   734 C CA  . LEU A 1 96 ? 12.881  6.492   -0.712  1.00 23.71 ? 96  LEU A CA  1 
ATOM   735 C C   . LEU A 1 96 ? 12.755  6.672   -2.221  1.00 30.82 ? 96  LEU A C   1 
ATOM   736 O O   . LEU A 1 96 ? 13.724  6.409   -2.940  1.00 33.93 ? 96  LEU A O   1 
ATOM   737 C CB  . LEU A 1 96 ? 12.993  5.002   -0.386  1.00 27.29 ? 96  LEU A CB  1 
ATOM   738 C CG  . LEU A 1 96 ? 13.366  4.653   1.054   1.00 27.29 ? 96  LEU A CG  1 
ATOM   739 C CD1 . LEU A 1 96 ? 12.992  3.213   1.355   1.00 31.92 ? 96  LEU A CD1 1 
ATOM   740 C CD2 . LEU A 1 96 ? 14.850  4.883   1.288   1.00 36.26 ? 96  LEU A CD2 1 
ATOM   741 N N   . GLY A 1 97 ? 11.598  7.115   -2.715  1.00 25.82 ? 97  GLY A N   1 
ATOM   742 C CA  . GLY A 1 97 ? 11.444  7.317   -4.148  1.00 36.06 ? 97  GLY A CA  1 
ATOM   743 C C   . GLY A 1 97 ? 12.380  8.364   -4.717  1.00 47.59 ? 97  GLY A C   1 
ATOM   744 O O   . GLY A 1 97 ? 12.683  8.349   -5.915  1.00 47.84 ? 97  GLY A O   1 
ATOM   745 N N   . GLY A 1 98 ? 12.859  9.283   -3.876  1.00 53.82 ? 98  GLY A N   1 
ATOM   746 C CA  . GLY A 1 98 ? 13.712  10.374  -4.321  1.00 50.60 ? 98  GLY A CA  1 
ATOM   747 C C   . GLY A 1 98 ? 15.134  9.996   -4.678  1.00 47.32 ? 98  GLY A C   1 
ATOM   748 O O   . GLY A 1 98 ? 15.876  10.856  -5.169  1.00 50.57 ? 98  GLY A O   1 
ATOM   749 N N   . LEU A 1 99 ? 15.531  8.742   -4.436  1.00 39.51 ? 99  LEU A N   1 
ATOM   750 C CA  . LEU A 1 99 ? 16.855  8.281   -4.849  1.00 44.30 ? 99  LEU A CA  1 
ATOM   751 C C   . LEU A 1 99 ? 17.113  8.592   -6.319  1.00 45.22 ? 99  LEU A C   1 
ATOM   752 O O   . LEU A 1 99 ? 18.213  9.019   -6.692  1.00 44.65 ? 99  LEU A O   1 
ATOM   753 C CB  . LEU A 1 99 ? 16.990  6.778   -4.598  1.00 41.18 ? 99  LEU A CB  1 
ATOM   754 C CG  . LEU A 1 99 ? 17.572  6.300   -3.273  1.00 44.06 ? 99  LEU A CG  1 
ATOM   755 C CD1 . LEU A 1 99 ? 17.879  4.817   -3.368  1.00 40.54 ? 99  LEU A CD1 1 
ATOM   756 C CD2 . LEU A 1 99 ? 18.825  7.095   -2.962  1.00 47.68 ? 99  LEU A CD2 1 
HETATM 757 O O   . HOH B 2 .  ? 20.610  -2.471  -0.143  1.00 48.26 ? 201 HOH A O   1 
HETATM 758 O O   . HOH B 2 .  ? 8.872   8.833   -14.971 1.00 27.69 ? 202 HOH A O   1 
HETATM 759 O O   . HOH B 2 .  ? 20.442  0.025   4.093   1.00 31.95 ? 203 HOH A O   1 
HETATM 760 O O   . HOH B 2 .  ? -19.909 0.380   -3.222  1.00 33.58 ? 204 HOH A O   1 
HETATM 761 O O   . HOH B 2 .  ? -5.657  -11.878 8.996   1.00 40.62 ? 205 HOH A O   1 
HETATM 762 O O   . HOH B 2 .  ? 5.050   12.973  -8.580  0.50 29.38 ? 206 HOH A O   1 
HETATM 763 O O   . HOH B 2 .  ? -19.584 -5.594  5.363   1.00 23.40 ? 207 HOH A O   1 
HETATM 764 O O   . HOH B 2 .  ? -15.868 3.867   8.796   1.00 34.45 ? 208 HOH A O   1 
HETATM 765 O O   . HOH B 2 .  ? -13.547 1.781   16.132  1.00 38.45 ? 209 HOH A O   1 
HETATM 766 O O   . HOH B 2 .  ? -6.095  5.971   -4.950  1.00 24.96 ? 210 HOH A O   1 
HETATM 767 O O   . HOH B 2 .  ? -4.458  -6.247  -6.833  1.00 29.64 ? 211 HOH A O   1 
HETATM 768 O O   . HOH B 2 .  ? -18.268 3.097   13.099  1.00 46.20 ? 212 HOH A O   1 
HETATM 769 O O   . HOH B 2 .  ? 6.132   5.926   7.789   1.00 29.28 ? 213 HOH A O   1 
HETATM 770 O O   . HOH B 2 .  ? 6.240   -0.032  -3.847  1.00 28.41 ? 214 HOH A O   1 
HETATM 771 O O   . HOH B 2 .  ? 16.674  -2.114  -11.077 1.00 52.87 ? 215 HOH A O   1 
HETATM 772 O O   . HOH B 2 .  ? -8.215  8.884   0.722   1.00 29.23 ? 216 HOH A O   1 
HETATM 773 O O   . HOH B 2 .  ? -14.809 -6.813  -3.691  1.00 45.40 ? 217 HOH A O   1 
HETATM 774 O O   . HOH B 2 .  ? 0.695   6.723   11.199  1.00 44.40 ? 218 HOH A O   1 
HETATM 775 O O   . HOH B 2 .  ? 1.529   1.086   13.158  1.00 34.50 ? 219 HOH A O   1 
HETATM 776 O O   . HOH B 2 .  ? 5.564   1.453   11.064  1.00 38.96 ? 220 HOH A O   1 
HETATM 777 O O   . HOH B 2 .  ? 1.262   7.566   8.700   1.00 38.68 ? 221 HOH A O   1 
HETATM 778 O O   . HOH B 2 .  ? -0.654  14.638  -2.394  1.00 39.68 ? 222 HOH A O   1 
HETATM 779 O O   . HOH B 2 .  ? -14.758 -6.631  13.251  1.00 60.59 ? 223 HOH A O   1 
HETATM 780 O O   . HOH B 2 .  ? -7.848  6.943   7.175   1.00 34.97 ? 224 HOH A O   1 
HETATM 781 O O   . HOH B 2 .  ? 7.076   14.618  -3.822  1.00 43.20 ? 225 HOH A O   1 
HETATM 782 O O   . HOH B 2 .  ? -19.194 1.273   3.525   1.00 20.81 ? 226 HOH A O   1 
HETATM 783 O O   . HOH B 2 .  ? 9.202   3.164   12.408  1.00 56.43 ? 227 HOH A O   1 
HETATM 784 O O   . HOH B 2 .  ? 4.985   -7.523  7.205   1.00 31.61 ? 228 HOH A O   1 
HETATM 785 O O   . HOH B 2 .  ? 18.773  0.391   0.077   1.00 29.25 ? 229 HOH A O   1 
HETATM 786 O O   . HOH B 2 .  ? 21.496  -2.545  1.989   1.00 58.66 ? 230 HOH A O   1 
HETATM 787 O O   . HOH B 2 .  ? 0.869   6.248   15.661  1.00 37.88 ? 231 HOH A O   1 
HETATM 788 O O   . HOH B 2 .  ? 4.648   1.029   -13.107 1.00 28.15 ? 232 HOH A O   1 
HETATM 789 O O   . HOH B 2 .  ? -6.559  9.199   -9.233  1.00 56.13 ? 233 HOH A O   1 
HETATM 790 O O   . HOH B 2 .  ? -0.187  -3.922  -10.655 1.00 34.00 ? 234 HOH A O   1 
HETATM 791 O O   . HOH B 2 .  ? -3.705  0.166   -10.721 1.00 51.74 ? 235 HOH A O   1 
HETATM 792 O O   . HOH B 2 .  ? 12.025  5.574   4.438   1.00 42.67 ? 236 HOH A O   1 
HETATM 793 O O   . HOH B 2 .  ? 16.376  0.812   -1.463  1.00 36.60 ? 237 HOH A O   1 
HETATM 794 O O   . HOH B 2 .  ? -9.438  -2.855  -7.130  1.00 41.89 ? 238 HOH A O   1 
HETATM 795 O O   . HOH B 2 .  ? 9.392   13.968  -6.176  1.00 36.75 ? 239 HOH A O   1 
HETATM 796 O O   . HOH B 2 .  ? 2.988   5.303   -14.414 1.00 50.93 ? 240 HOH A O   1 
HETATM 797 O O   . HOH B 2 .  ? -14.041 0.205   -2.933  1.00 26.39 ? 241 HOH A O   1 
HETATM 798 O O   . HOH B 2 .  ? -17.160 -13.673 -0.154  0.50 53.77 ? 242 HOH A O   1 
HETATM 799 O O   . HOH B 2 .  ? -18.075 0.502   14.473  1.00 36.26 ? 243 HOH A O   1 
HETATM 800 O O   . HOH B 2 .  ? 12.127  4.804   7.012   1.00 47.17 ? 244 HOH A O   1 
HETATM 801 O O   . HOH B 2 .  ? -17.245 3.377   0.842   1.00 41.30 ? 245 HOH A O   1 
HETATM 802 O O   . HOH B 2 .  ? 3.291   7.310   -12.498 1.00 48.67 ? 246 HOH A O   1 
HETATM 803 O O   . HOH B 2 .  ? 2.833   1.272   15.827  1.00 45.23 ? 247 HOH A O   1 
HETATM 804 O O   . HOH B 2 .  ? -8.540  5.753   -3.422  1.00 40.06 ? 248 HOH A O   1 
HETATM 805 O O   . HOH B 2 .  ? 6.710   0.050   10.254  1.00 46.50 ? 249 HOH A O   1 
HETATM 806 O O   . HOH B 2 .  ? 6.257   -3.661  9.748   1.00 41.08 ? 250 HOH A O   1 
HETATM 807 O O   . HOH B 2 .  ? -7.391  -3.312  -8.495  1.00 42.91 ? 251 HOH A O   1 
HETATM 808 O O   . HOH B 2 .  ? 13.371  14.266  -5.682  1.00 51.37 ? 252 HOH A O   1 
HETATM 809 O O   . HOH B 2 .  ? -4.996  -10.446 10.921  1.00 34.02 ? 253 HOH A O   1 
HETATM 810 O O   . HOH B 2 .  ? -10.533 0.827   15.932  1.00 46.17 ? 254 HOH A O   1 
HETATM 811 O O   . HOH B 2 .  ? -18.731 -2.844  15.425  1.00 50.81 ? 255 HOH A O   1 
HETATM 812 O O   . HOH B 2 .  ? -7.979  -13.172 9.447   1.00 44.73 ? 256 HOH A O   1 
HETATM 813 O O   . HOH B 2 .  ? -20.375 -4.350  -4.394  1.00 54.58 ? 257 HOH A O   1 
HETATM 814 O O   . HOH B 2 .  ? -1.983  -6.875  -8.118  1.00 35.42 ? 258 HOH A O   1 
HETATM 815 O O   . HOH B 2 .  ? 11.552  15.069  -7.138  1.00 53.70 ? 259 HOH A O   1 
HETATM 816 O O   . HOH B 2 .  ? -7.175  -7.417  11.365  1.00 39.23 ? 260 HOH A O   1 
HETATM 817 O O   . HOH B 2 .  ? 7.888   7.971   6.857   1.00 45.52 ? 261 HOH A O   1 
HETATM 818 O O   . HOH B 2 .  ? 10.516  10.297  -16.750 1.00 40.30 ? 262 HOH A O   1 
HETATM 819 O O   . HOH B 2 .  ? 2.782   8.558   -14.540 1.00 44.74 ? 263 HOH A O   1 
HETATM 820 O O   . HOH B 2 .  ? -12.309 1.463   -4.593  1.00 48.33 ? 264 HOH A O   1 
HETATM 821 O O   . HOH B 2 .  ? -14.474 2.587   -1.687  1.00 46.99 ? 265 HOH A O   1 
HETATM 822 O O   . HOH B 2 .  ? -14.649 4.121   0.608   1.00 35.75 ? 266 HOH A O   1 
# 
loop_
_atom_site_anisotrop.id 
_atom_site_anisotrop.type_symbol 
_atom_site_anisotrop.pdbx_label_atom_id 
_atom_site_anisotrop.pdbx_label_alt_id 
_atom_site_anisotrop.pdbx_label_comp_id 
_atom_site_anisotrop.pdbx_label_asym_id 
_atom_site_anisotrop.pdbx_label_seq_id 
_atom_site_anisotrop.pdbx_PDB_ins_code 
_atom_site_anisotrop.U[1][1] 
_atom_site_anisotrop.U[2][2] 
_atom_site_anisotrop.U[3][3] 
_atom_site_anisotrop.U[1][2] 
_atom_site_anisotrop.U[1][3] 
_atom_site_anisotrop.U[2][3] 
_atom_site_anisotrop.pdbx_auth_seq_id 
_atom_site_anisotrop.pdbx_auth_comp_id 
_atom_site_anisotrop.pdbx_auth_asym_id 
_atom_site_anisotrop.pdbx_auth_atom_id 
1   N N   . ASP A 3  ? 0.3199 0.5286 0.5248 0.0905  0.0164  0.1189  3  ASP A N   
2   C CA  . ASP A 3  ? 0.2888 0.4750 0.4801 0.0899  0.0222  0.1091  3  ASP A CA  
3   C C   . ASP A 3  ? 0.2183 0.3877 0.3929 0.0788  0.0117  0.1024  3  ASP A C   
4   O O   . ASP A 3  ? 0.2352 0.3805 0.3953 0.0835  0.0119  0.0986  3  ASP A O   
5   C CB  . ASP A 3  ? 0.3972 0.5567 0.5772 0.1045  0.0352  0.1038  3  ASP A CB  
6   C CG  . ASP A 3  ? 0.5133 0.6554 0.6803 0.1042  0.0437  0.0938  3  ASP A CG  
7   O OD1 . ASP A 3  ? 0.5281 0.6651 0.6843 0.0894  0.0373  0.0875  3  ASP A OD1 
8   O OD2 . ASP A 3  ? 0.5273 0.6553 0.6874 0.1150  0.0558  0.0893  3  ASP A OD2 
9   N N   . GLU A 4  ? 0.1821 0.3609 0.3558 0.0626  0.0032  0.0996  4  GLU A N   
10  C CA  . GLU A 4  ? 0.2504 0.4141 0.4065 0.0509  -0.0069 0.0924  4  GLU A CA  
11  C C   . GLU A 4  ? 0.3333 0.4633 0.4669 0.0509  -0.0017 0.0810  4  GLU A C   
12  O O   . GLU A 4  ? 0.2665 0.3792 0.3860 0.0504  -0.0054 0.0772  4  GLU A O   
13  C CB  . GLU A 4  ? 0.2191 0.3975 0.3790 0.0340  -0.0156 0.0906  4  GLU A CB  
14  C CG  . GLU A 4  ? 0.2462 0.4595 0.4274 0.0313  -0.0238 0.1012  4  GLU A CG  
15  C CD  . GLU A 4  ? 0.4263 0.6465 0.6106 0.0431  -0.0269 0.1097  4  GLU A CD  
16  O OE1 . GLU A 4  ? 0.4021 0.6052 0.5689 0.0419  -0.0320 0.1059  4  GLU A OE1 
17  O OE2 . GLU A 4  ? 0.5197 0.7561 0.7186 0.0521  -0.0229 0.1183  4  GLU A OE2 
18  N N   . TYR A 5  ? 0.1894 0.3121 0.3198 0.0511  0.0067  0.0761  5  TYR A N   
19  C CA  . TYR A 5  ? 0.2459 0.3403 0.3553 0.0502  0.0103  0.0656  5  TYR A CA  
20  C C   . TYR A 5  ? 0.2111 0.2867 0.3123 0.0612  0.0148  0.0635  5  TYR A C   
21  O O   . TYR A 5  ? 0.2946 0.3503 0.3808 0.0581  0.0120  0.0572  5  TYR A O   
22  C CB  . TYR A 5  ? 0.2919 0.3853 0.3995 0.0500  0.0188  0.0628  5  TYR A CB  
23  C CG  . TYR A 5  ? 0.2855 0.3561 0.3726 0.0451  0.0193  0.0531  5  TYR A CG  
24  C CD1 . TYR A 5  ? 0.3289 0.3783 0.4014 0.0513  0.0228  0.0463  5  TYR A CD1 
25  C CD2 . TYR A 5  ? 0.2955 0.3659 0.3792 0.0342  0.0160  0.0512  5  TYR A CD2 
26  C CE1 . TYR A 5  ? 0.3099 0.3427 0.3655 0.0467  0.0222  0.0383  5  TYR A CE1 
27  C CE2 . TYR A 5  ? 0.3138 0.3656 0.3802 0.0313  0.0164  0.0440  5  TYR A CE2 
28  C CZ  . TYR A 5  ? 0.2684 0.3035 0.3214 0.0375  0.0190  0.0378  5  TYR A CZ  
29  O OH  . TYR A 5  ? 0.2786 0.2991 0.3161 0.0345  0.0185  0.0315  5  TYR A OH  
30  N N   . LYS A 6  ? 0.2407 0.3219 0.3526 0.0741  0.0224  0.0691  6  LYS A N   
31  C CA  . LYS A 6  ? 0.3023 0.3625 0.4073 0.0846  0.0276  0.0671  6  LYS A CA  
32  C C   . LYS A 6  ? 0.2662 0.3214 0.3691 0.0827  0.0192  0.0709  6  LYS A C   
33  O O   . LYS A 6  ? 0.2810 0.3123 0.3708 0.0830  0.0199  0.0657  6  LYS A O   
34  C CB  . LYS A 6  ? 0.3102 0.3786 0.4294 0.1003  0.0377  0.0735  6  LYS A CB  
35  C CG  . LYS A 6  ? 0.4641 0.5070 0.5765 0.1121  0.0445  0.0713  6  LYS A CG  
36  C CD  . LYS A 6  ? 0.5252 0.5653 0.6404 0.1251  0.0579  0.0693  6  LYS A CD  
37  C CE  . LYS A 6  ? 0.6295 0.6522 0.7431 0.1339  0.0619  0.0702  6  LYS A CE  
38  N NZ  . LYS A 6  ? 0.7339 0.7800 0.8658 0.1384  0.0589  0.0836  6  LYS A NZ  
39  N N   . LYS A 7  ? 0.2604 0.3392 0.3757 0.0799  0.0110  0.0804  7  LYS A N   
40  C CA  . LYS A 7  ? 0.2349 0.3121 0.3471 0.0784  0.0032  0.0855  7  LYS A CA  
41  C C   . LYS A 7  ? 0.2777 0.3374 0.3709 0.0670  -0.0018 0.0763  7  LYS A C   
42  O O   . LYS A 7  ? 0.2634 0.3055 0.3474 0.0685  -0.0017 0.0758  7  LYS A O   
43  C CB  . LYS A 7  ? 0.2276 0.3366 0.3541 0.0754  -0.0061 0.0960  7  LYS A CB  
44  C CG  . LYS A 7  ? 0.3664 0.4777 0.4857 0.0708  -0.0160 0.1003  7  LYS A CG  
45  C CD  . LYS A 7  ? 0.4349 0.5801 0.5673 0.0667  -0.0263 0.1096  7  LYS A CD  
46  C CE  . LYS A 7  ? 0.5263 0.6745 0.6472 0.0611  -0.0366 0.1126  7  LYS A CE  
47  N NZ  . LYS A 7  ? 0.5973 0.7725 0.7265 0.0590  -0.0441 0.1203  7  LYS A NZ  
48  N N   . TYR A 8  ? 0.2103 0.2743 0.2985 0.0559  -0.0054 0.0695  8  TYR A N   
49  C CA  . TYR A 8  ? 0.1559 0.2050 0.2277 0.0464  -0.0094 0.0612  8  TYR A CA  
50  C C   . TYR A 8  ? 0.2368 0.2615 0.2972 0.0488  -0.0026 0.0532  8  TYR A C   
51  O O   . TYR A 8  ? 0.2546 0.2655 0.3041 0.0453  -0.0045 0.0496  8  TYR A O   
52  C CB  . TYR A 8  ? 0.2295 0.2869 0.2995 0.0354  -0.0138 0.0563  8  TYR A CB  
53  C CG  . TYR A 8  ? 0.2744 0.3549 0.3536 0.0295  -0.0222 0.0618  8  TYR A CG  
54  C CD1 . TYR A 8  ? 0.3749 0.4628 0.4520 0.0290  -0.0293 0.0669  8  TYR A CD1 
55  C CD2 . TYR A 8  ? 0.3746 0.4701 0.4643 0.0236  -0.0232 0.0623  8  TYR A CD2 
56  C CE1 . TYR A 8  ? 0.4220 0.5327 0.5060 0.0226  -0.0382 0.0711  8  TYR A CE1 
57  C CE2 . TYR A 8  ? 0.3708 0.4879 0.4691 0.0161  -0.0319 0.0663  8  TYR A CE2 
58  C CZ  . TYR A 8  ? 0.4239 0.5489 0.5187 0.0156  -0.0398 0.0702  8  TYR A CZ  
59  O OH  . TYR A 8  ? 0.4527 0.6010 0.5546 0.0073  -0.0498 0.0734  8  TYR A OH  
60  N N   . TYR A 9  ? 0.2833 0.3040 0.3456 0.0541  0.0050  0.0502  9  TYR A N   
61  C CA  . TYR A 9  ? 0.2821 0.2809 0.3326 0.0559  0.0108  0.0417  9  TYR A CA  
62  C C   . TYR A 9  ? 0.2817 0.2641 0.3297 0.0611  0.0126  0.0431  9  TYR A C   
63  O O   . TYR A 9  ? 0.2615 0.2282 0.2991 0.0561  0.0113  0.0377  9  TYR A O   
64  C CB  . TYR A 9  ? 0.2858 0.2852 0.3381 0.0622  0.0193  0.0390  9  TYR A CB  
65  C CG  . TYR A 9  ? 0.2639 0.2410 0.3025 0.0649  0.0253  0.0294  9  TYR A CG  
66  C CD1 . TYR A 9  ? 0.2768 0.2462 0.3019 0.0575  0.0235  0.0210  9  TYR A CD1 
67  C CD2 . TYR A 9  ? 0.3160 0.2796 0.3552 0.0749  0.0324  0.0286  9  TYR A CD2 
68  C CE1 . TYR A 9  ? 0.2812 0.2327 0.2933 0.0585  0.0274  0.0117  9  TYR A CE1 
69  C CE2 . TYR A 9  ? 0.3387 0.2806 0.3638 0.0757  0.0372  0.0180  9  TYR A CE2 
70  C CZ  . TYR A 9  ? 0.4080 0.3452 0.4196 0.0667  0.0340  0.0095  9  TYR A CZ  
71  O OH  . TYR A 9  ? 0.4789 0.3968 0.4757 0.0660  0.0372  -0.0016 9  TYR A OH  
72  N N   . GLN A 10 ? 0.2324 0.2190 0.2916 0.0710  0.0156  0.0515  10 GLN A N   
73  C CA  . GLN A 10 ? 0.2911 0.2592 0.3487 0.0766  0.0184  0.0542  10 GLN A CA  
74  C C   . GLN A 10 ? 0.3230 0.2906 0.3765 0.0695  0.0110  0.0585  10 GLN A C   
75  O O   . GLN A 10 ? 0.2935 0.2414 0.3396 0.0674  0.0124  0.0562  10 GLN A O   
76  C CB  . GLN A 10 ? 0.3276 0.3015 0.3994 0.0906  0.0237  0.0643  10 GLN A CB  
77  C CG  . GLN A 10 ? 0.3892 0.3549 0.4618 0.0998  0.0345  0.0583  10 GLN A CG  
78  C CD  . GLN A 10 ? 0.5143 0.4839 0.6004 0.1143  0.0411  0.0672  10 GLN A CD  
79  O OE1 . GLN A 10 ? 0.6318 0.5874 0.7142 0.1212  0.0503  0.0607  10 GLN A OE1 
80  N NE2 . GLN A 10 ? 0.5040 0.4940 0.6017 0.1152  0.0349  0.0794  10 GLN A NE2 
81  N N   . GLN A 11 ? 0.2845 0.2735 0.3415 0.0648  0.0034  0.0641  11 GLN A N   
82  C CA  . GLN A 11 ? 0.3053 0.2951 0.3556 0.0583  -0.0030 0.0673  11 GLN A CA  
83  C C   . GLN A 11 ? 0.3128 0.2897 0.3504 0.0488  -0.0035 0.0570  11 GLN A C   
84  O O   . GLN A 11 ? 0.2809 0.2478 0.3126 0.0457  -0.0040 0.0583  11 GLN A O   
85  C CB  . GLN A 11 ? 0.3187 0.3339 0.3727 0.0542  -0.0113 0.0726  11 GLN A CB  
86  C CG  . GLN A 11 ? 0.3328 0.3655 0.4000 0.0627  -0.0133 0.0859  11 GLN A CG  
87  C CD  . GLN A 11 ? 0.4513 0.5108 0.5214 0.0566  -0.0229 0.0895  11 GLN A CD  
88  O OE1 . GLN A 11 ? 0.4450 0.5081 0.5086 0.0464  -0.0268 0.0810  11 GLN A OE1 
89  N NE2 . GLN A 11 ? 0.4889 0.5669 0.5689 0.0627  -0.0270 0.1023  11 GLN A NE2 
90  N N   . ALA A 12 ? 0.2073 0.1855 0.2415 0.0445  -0.0032 0.0481  12 ALA A N   
91  C CA  . ALA A 12 ? 0.2260 0.1948 0.2496 0.0367  -0.0040 0.0394  12 ALA A CA  
92  C C   . ALA A 12 ? 0.2770 0.2256 0.2964 0.0375  0.0008  0.0347  12 ALA A C   
93  O O   . ALA A 12 ? 0.2462 0.1875 0.2597 0.0315  -0.0005 0.0319  12 ALA A O   
94  C CB  . ALA A 12 ? 0.2163 0.1915 0.2380 0.0332  -0.0045 0.0328  12 ALA A CB  
95  N N   . ILE A 13 ? 0.2488 0.1886 0.2711 0.0446  0.0065  0.0333  13 ILE A N   
96  C CA  . ILE A 13 ? 0.3255 0.2432 0.3424 0.0447  0.0111  0.0272  13 ILE A CA  
97  C C   . ILE A 13 ? 0.3359 0.2426 0.3545 0.0434  0.0109  0.0335  13 ILE A C   
98  O O   . ILE A 13 ? 0.3662 0.2597 0.3796 0.0365  0.0108  0.0288  13 ILE A O   
99  C CB  . ILE A 13 ? 0.3836 0.2930 0.4027 0.0544  0.0186  0.0247  13 ILE A CB  
100 C CG1 . ILE A 13 ? 0.3635 0.2826 0.3789 0.0543  0.0198  0.0181  13 ILE A CG1 
101 C CG2 . ILE A 13 ? 0.4467 0.3295 0.4601 0.0547  0.0234  0.0184  13 ILE A CG2 
102 C CD1 . ILE A 13 ? 0.4814 0.3868 0.4839 0.0500  0.0216  0.0059  13 ILE A CD1 
103 N N   . GLN A 14 ? 0.2946 0.2077 0.3209 0.0497  0.0106  0.0452  14 GLN A N   
104 C CA  . GLN A 14 ? 0.3402 0.2423 0.3677 0.0493  0.0113  0.0533  14 GLN A CA  
105 C C   . GLN A 14 ? 0.3020 0.2113 0.3240 0.0391  0.0062  0.0541  14 GLN A C   
106 O O   . GLN A 14 ? 0.3027 0.1994 0.3231 0.0341  0.0077  0.0558  14 GLN A O   
107 C CB  . GLN A 14 ? 0.5048 0.4146 0.5414 0.0594  0.0117  0.0676  14 GLN A CB  
108 N N   . LEU A 15 ? 0.2834 0.2124 0.3028 0.0358  0.0011  0.0528  15 LEU A N   
109 C CA  . LEU A 15 ? 0.2806 0.2166 0.2942 0.0278  -0.0024 0.0527  15 LEU A CA  
110 C C   . LEU A 15 ? 0.3117 0.2389 0.3213 0.0202  -0.0013 0.0429  15 LEU A C   
111 O O   . LEU A 15 ? 0.2873 0.2126 0.2953 0.0143  -0.0012 0.0447  15 LEU A O   
112 C CB  . LEU A 15 ? 0.2431 0.1990 0.2541 0.0265  -0.0075 0.0521  15 LEU A CB  
113 C CG  . LEU A 15 ? 0.3221 0.2915 0.3358 0.0312  -0.0108 0.0625  15 LEU A CG  
114 C CD1 . LEU A 15 ? 0.2959 0.2828 0.3063 0.0277  -0.0164 0.0592  15 LEU A CD1 
115 C CD2 . LEU A 15 ? 0.2851 0.2531 0.2963 0.0311  -0.0105 0.0728  15 LEU A CD2 
116 N N   . ILE A 16 ? 0.2499 0.1741 0.2582 0.0204  -0.0007 0.0335  16 ILE A N   
117 C CA  . ILE A 16 ? 0.2571 0.1752 0.2615 0.0135  -0.0009 0.0246  16 ILE A CA  
118 C C   . ILE A 16 ? 0.3045 0.2044 0.3101 0.0099  0.0021  0.0242  16 ILE A C   
119 O O   . ILE A 16 ? 0.3322 0.2311 0.3377 0.0016  0.0009  0.0226  16 ILE A O   
120 C CB  . ILE A 16 ? 0.2648 0.1835 0.2657 0.0153  -0.0005 0.0157  16 ILE A CB  
121 C CG1 . ILE A 16 ? 0.3087 0.2439 0.3087 0.0161  -0.0035 0.0160  16 ILE A CG1 
122 C CG2 . ILE A 16 ? 0.3220 0.2339 0.3182 0.0087  -0.0013 0.0070  16 ILE A CG2 
123 C CD1 . ILE A 16 ? 0.3349 0.2719 0.3333 0.0198  -0.0019 0.0113  16 ILE A CD1 
124 N N   . GLN A 17 ? 0.3100 0.1943 0.3176 0.0158  0.0063  0.0257  17 GLN A N   
125 C CA  . GLN A 17 ? 0.3449 0.2070 0.3535 0.0121  0.0097  0.0248  17 GLN A CA  
126 C C   . GLN A 17 ? 0.3928 0.2549 0.4057 0.0079  0.0097  0.0358  17 GLN A C   
127 O O   . GLN A 17 ? 0.3967 0.2478 0.4110 -0.0011 0.0106  0.0345  17 GLN A O   
128 C CB  . GLN A 17 ? 0.4588 0.3031 0.4690 0.0219  0.0155  0.0250  17 GLN A CB  
129 C CG  . GLN A 17 ? 0.5800 0.4189 0.5835 0.0244  0.0174  0.0121  17 GLN A CG  
130 C CD  . GLN A 17 ? 0.7736 0.6011 0.7696 0.0134  0.0158  -0.0004 17 GLN A CD  
131 O OE1 . GLN A 17 ? 0.8920 0.6991 0.8883 0.0075  0.0176  -0.0022 17 GLN A OE1 
132 N NE2 . GLN A 17 ? 0.7427 0.5836 0.7323 0.0100  0.0120  -0.0084 17 GLN A NE2 
133 N N   . GLN A 18 ? 0.3419 0.2177 0.3570 0.0134  0.0087  0.0470  18 GLN A N   
134 C CA  . GLN A 18 ? 0.3694 0.2482 0.3863 0.0098  0.0091  0.0584  18 GLN A CA  
135 C C   . GLN A 18 ? 0.3137 0.2058 0.3284 0.0001  0.0065  0.0550  18 GLN A C   
136 O O   . GLN A 18 ? 0.3634 0.2517 0.3808 -0.0072 0.0084  0.0596  18 GLN A O   
137 C CB  . GLN A 18 ? 0.4872 0.3803 0.5043 0.0181  0.0075  0.0704  18 GLN A CB  
138 C CG  . GLN A 18 ? 0.5329 0.4273 0.5503 0.0163  0.0090  0.0842  18 GLN A CG  
139 C CD  . GLN A 18 ? 0.5636 0.4326 0.5865 0.0167  0.0148  0.0908  18 GLN A CD  
140 O OE1 . GLN A 18 ? 0.5508 0.4043 0.5774 0.0244  0.0176  0.0906  18 GLN A OE1 
141 N NE2 . GLN A 18 ? 0.5933 0.4569 0.6171 0.0082  0.0172  0.0966  18 GLN A NE2 
142 N N   . LEU A 19 ? 0.3051 0.2132 0.3160 0.0004  0.0028  0.0479  19 LEU A N   
143 C CA  . LEU A 19 ? 0.2775 0.1987 0.2873 -0.0067 0.0012  0.0447  19 LEU A CA  
144 C C   . LEU A 19 ? 0.3527 0.2654 0.3661 -0.0157 0.0015  0.0381  19 LEU A C   
145 O O   . LEU A 19 ? 0.3233 0.2424 0.3407 -0.0231 0.0022  0.0410  19 LEU A O   
146 C CB  . LEU A 19 ? 0.2728 0.2081 0.2780 -0.0036 -0.0022 0.0379  19 LEU A CB  
147 C CG  . LEU A 19 ? 0.3467 0.2960 0.3512 -0.0079 -0.0033 0.0348  19 LEU A CG  
148 C CD1 . LEU A 19 ? 0.3878 0.3452 0.3923 -0.0101 -0.0009 0.0433  19 LEU A CD1 
149 C CD2 . LEU A 19 ? 0.3791 0.3381 0.3787 -0.0036 -0.0058 0.0297  19 LEU A CD2 
150 N N   . LYS A 20 ? 0.3067 0.2063 0.3189 -0.0156 0.0010  0.0291  20 LYS A N   
151 C CA  . LYS A 20 ? 0.3823 0.2742 0.3964 -0.0253 -0.0001 0.0211  20 LYS A CA  
152 C C   . LYS A 20 ? 0.3899 0.2697 0.4104 -0.0336 0.0028  0.0272  20 LYS A C   
153 O O   . LYS A 20 ? 0.4527 0.3366 0.4780 -0.0445 0.0011  0.0247  20 LYS A O   
154 C CB  . LYS A 20 ? 0.4060 0.2823 0.4143 -0.0230 0.0000  0.0105  20 LYS A CB  
155 C CG  . LYS A 20 ? 0.4522 0.3415 0.4544 -0.0188 -0.0032 0.0030  20 LYS A CG  
156 C CD  . LYS A 20 ? 0.5612 0.4369 0.5574 -0.0115 -0.0005 -0.0031 20 LYS A CD  
157 C CE  . LYS A 20 ? 0.6188 0.4872 0.6074 -0.0169 -0.0024 -0.0158 20 LYS A CE  
158 N NZ  . LYS A 20 ? 0.6735 0.5256 0.6636 -0.0276 -0.0026 -0.0201 20 LYS A NZ  
159 N N   . LYS A 21 ? 0.4042 0.2701 0.4260 -0.0286 0.0070  0.0365  21 LYS A N   
160 C CA  . LYS A 21 ? 0.4781 0.3298 0.5065 -0.0362 0.0108  0.0443  21 LYS A CA  
161 C C   . LYS A 21 ? 0.5549 0.4260 0.5886 -0.0439 0.0106  0.0519  21 LYS A C   
162 O O   . LYS A 21 ? 0.5241 0.3890 0.5653 -0.0554 0.0123  0.0544  21 LYS A O   
163 C CB  . LYS A 21 ? 0.4496 0.2873 0.4783 -0.0268 0.0155  0.0562  21 LYS A CB  
164 C CG  . LYS A 21 ? 0.4968 0.3092 0.5233 -0.0198 0.0182  0.0506  21 LYS A CG  
165 C CD  . LYS A 21 ? 0.6040 0.4047 0.6333 -0.0096 0.0231  0.0653  21 LYS A CD  
166 C CE  . LYS A 21 ? 0.7255 0.4990 0.7543 -0.0015 0.0277  0.0605  21 LYS A CE  
167 N NZ  . LYS A 21 ? 0.7911 0.5715 0.8142 0.0040  0.0254  0.0467  21 LYS A NZ  
168 N N   . ALA A 22 ? 0.5063 0.4009 0.5367 -0.0384 0.0093  0.0552  22 ALA A N   
169 C CA  . ALA A 22 ? 0.5805 0.4952 0.6145 -0.0432 0.0106  0.0623  22 ALA A CA  
170 C C   . ALA A 22 ? 0.6858 0.6187 0.7233 -0.0486 0.0072  0.0535  22 ALA A C   
171 O O   . ALA A 22 ? 0.7774 0.7311 0.8160 -0.0480 0.0085  0.0574  22 ALA A O   
172 C CB  . ALA A 22 ? 0.4909 0.4195 0.5175 -0.0336 0.0119  0.0705  22 ALA A CB  
173 N N   . LEU A 23 ? 0.6347 0.5605 0.6732 -0.0532 0.0031  0.0420  23 LEU A N   
174 C CA  . LEU A 23 ? 0.5984 0.5429 0.6393 -0.0562 -0.0012 0.0343  23 LEU A CA  
175 C C   . LEU A 23 ? 0.6364 0.5776 0.6851 -0.0698 -0.0046 0.0281  23 LEU A C   
176 O O   . LEU A 23 ? 0.5625 0.5142 0.6111 -0.0721 -0.0100 0.0196  23 LEU A O   
177 C CB  . LEU A 23 ? 0.5277 0.4733 0.5593 -0.0470 -0.0048 0.0257  23 LEU A CB  
178 C CG  . LEU A 23 ? 0.4912 0.4427 0.5153 -0.0353 -0.0033 0.0291  23 LEU A CG  
179 C CD1 . LEU A 23 ? 0.4608 0.4127 0.4782 -0.0290 -0.0066 0.0206  23 LEU A CD1 
180 C CD2 . LEU A 23 ? 0.5164 0.4882 0.5427 -0.0340 -0.0013 0.0350  23 LEU A CD2 
181 N N   . GLU A 24 ? 0.6720 0.5989 0.7274 -0.0794 -0.0018 0.0328  24 GLU A N   
182 C CA  . GLU A 24 ? 0.7007 0.6196 0.7624 -0.0941 -0.0056 0.0251  24 GLU A CA  
183 C C   . GLU A 24 ? 0.6103 0.5587 0.6834 -0.1032 -0.0099 0.0248  24 GLU A C   
184 O O   . GLU A 24 ? 0.7198 0.6711 0.7948 -0.1124 -0.0165 0.0147  24 GLU A O   
185 C CB  . GLU A 24 ? 0.6803 0.5752 0.7478 -0.1032 -0.0008 0.0313  24 GLU A CB  
186 N N   . GLY A 25 ? 0.5133 0.4852 0.5941 -0.1004 -0.0060 0.0355  25 GLY A N   
187 C CA  . GLY A 25 ? 0.4627 0.4655 0.5569 -0.1068 -0.0086 0.0372  25 GLY A CA  
188 C C   . GLY A 25 ? 0.4143 0.4400 0.5048 -0.0946 -0.0108 0.0350  25 GLY A C   
189 O O   . GLY A 25 ? 0.3328 0.3866 0.4353 -0.0961 -0.0109 0.0391  25 GLY A O   
190 N N   . ASN A 26 ? 0.2919 0.3063 0.3674 -0.0825 -0.0119 0.0291  26 ASN A N   
191 C CA  . ASN A 26 ? 0.2556 0.2864 0.3264 -0.0702 -0.0127 0.0278  26 ASN A CA  
192 C C   . ASN A 26 ? 0.2645 0.2892 0.3264 -0.0680 -0.0195 0.0171  26 ASN A C   
193 O O   . ASN A 26 ? 0.2865 0.2953 0.3358 -0.0596 -0.0189 0.0133  26 ASN A O   
194 C CB  . ASN A 26 ? 0.2305 0.2555 0.2914 -0.0580 -0.0067 0.0327  26 ASN A CB  
195 C CG  . ASN A 26 ? 0.3437 0.3752 0.4103 -0.0597 0.0005  0.0436  26 ASN A CG  
196 O OD1 . ASN A 26 ? 0.3279 0.3797 0.4072 -0.0650 0.0025  0.0488  26 ASN A OD1 
197 N ND2 . ASN A 26 ? 0.3926 0.4093 0.4502 -0.0551 0.0044  0.0482  26 ASN A ND2 
198 N N   . PRO A 27 ? 0.2611 0.3007 0.3295 -0.0753 -0.0262 0.0127  27 PRO A N   
199 C CA  . PRO A 27 ? 0.2371 0.2707 0.2948 -0.0743 -0.0329 0.0026  27 PRO A CA  
200 C C   . PRO A 27 ? 0.2484 0.2851 0.2962 -0.0597 -0.0322 0.0022  27 PRO A C   
201 O O   . PRO A 27 ? 0.2659 0.2873 0.3009 -0.0558 -0.0336 -0.0044 27 PRO A O   
202 C CB  . PRO A 27 ? 0.3208 0.3774 0.3896 -0.0852 -0.0407 0.0006  27 PRO A CB  
203 C CG  . PRO A 27 ? 0.3219 0.3897 0.4081 -0.0952 -0.0378 0.0084  27 PRO A CG  
204 C CD  . PRO A 27 ? 0.2561 0.3199 0.3423 -0.0856 -0.0281 0.0174  27 PRO A CD  
205 N N   . GLU A 28 ? 0.1883 0.2434 0.2418 -0.0515 -0.0295 0.0089  28 GLU A N   
206 C CA  . GLU A 28 ? 0.1573 0.2120 0.2019 -0.0386 -0.0285 0.0086  28 GLU A CA  
207 C C   . GLU A 28 ? 0.2113 0.2440 0.2446 -0.0324 -0.0238 0.0076  28 GLU A C   
208 O O   . GLU A 28 ? 0.2492 0.2724 0.2723 -0.0265 -0.0246 0.0039  28 GLU A O   
209 C CB  . GLU A 28 ? 0.1571 0.2325 0.2101 -0.0307 -0.0254 0.0155  28 GLU A CB  
210 C CG  . GLU A 28 ? 0.1951 0.2964 0.2600 -0.0333 -0.0307 0.0177  28 GLU A CG  
211 C CD  . GLU A 28 ? 0.3101 0.4316 0.3849 -0.0237 -0.0259 0.0252  28 GLU A CD  
212 O OE1 . GLU A 28 ? 0.2465 0.3641 0.3213 -0.0193 -0.0180 0.0285  28 GLU A OE1 
213 O OE2 . GLU A 28 ? 0.2680 0.4096 0.3500 -0.0199 -0.0298 0.0279  28 GLU A OE2 
214 N N   . MET A 29 ? 0.2236 0.2499 0.2593 -0.0339 -0.0188 0.0120  29 MET A N   
215 C CA  . MET A 29 ? 0.2684 0.2769 0.2948 -0.0287 -0.0153 0.0123  29 MET A CA  
216 C C   . MET A 29 ? 0.2572 0.2467 0.2772 -0.0314 -0.0174 0.0064  29 MET A C   
217 O O   . MET A 29 ? 0.2173 0.1970 0.2291 -0.0247 -0.0166 0.0043  29 MET A O   
218 C CB  . MET A 29 ? 0.2448 0.2524 0.2745 -0.0301 -0.0102 0.0196  29 MET A CB  
219 C CG  . MET A 29 ? 0.1556 0.1791 0.1872 -0.0245 -0.0062 0.0243  29 MET A CG  
220 S SD  . MET A 29 ? 0.2555 0.2790 0.2868 -0.0254 0.0004  0.0333  29 MET A SD  
221 C CE  . MET A 29 ? 0.2542 0.2621 0.2713 -0.0178 0.0003  0.0321  29 MET A CE  
222 N N   . LYS A 30 ? 0.2683 0.2524 0.2921 -0.0413 -0.0195 0.0035  30 LYS A N   
223 C CA  . LYS A 30 ? 0.3178 0.2816 0.3342 -0.0434 -0.0205 -0.0037 30 LYS A CA  
224 C C   . LYS A 30 ? 0.2957 0.2613 0.3025 -0.0384 -0.0238 -0.0108 30 LYS A C   
225 O O   . LYS A 30 ? 0.2777 0.2292 0.2759 -0.0328 -0.0217 -0.0142 30 LYS A O   
226 C CB  . LYS A 30 ? 0.4167 0.3739 0.4382 -0.0566 -0.0229 -0.0074 30 LYS A CB  
227 C CG  . LYS A 30 ? 0.6157 0.5494 0.6281 -0.0595 -0.0235 -0.0173 30 LYS A CG  
228 C CD  . LYS A 30 ? 0.7743 0.7150 0.7788 -0.0625 -0.0300 -0.0275 30 LYS A CD  
229 C CE  . LYS A 30 ? 0.8757 0.8001 0.8761 -0.0746 -0.0329 -0.0382 30 LYS A CE  
230 N NZ  . LYS A 30 ? 0.9206 0.8598 0.9149 -0.0802 -0.0412 -0.0465 30 LYS A NZ  
231 N N   . LYS A 31 ? 0.2657 0.2497 0.2745 -0.0399 -0.0285 -0.0119 31 LYS A N   
232 C CA  . LYS A 31 ? 0.3003 0.2878 0.2995 -0.0347 -0.0314 -0.0164 31 LYS A CA  
233 C C   . LYS A 31 ? 0.2935 0.2778 0.2878 -0.0235 -0.0272 -0.0128 31 LYS A C   
234 O O   . LYS A 31 ? 0.2869 0.2632 0.2718 -0.0190 -0.0263 -0.0165 31 LYS A O   
235 C CB  . LYS A 31 ? 0.3263 0.3370 0.3301 -0.0369 -0.0372 -0.0152 31 LYS A CB  
236 C CG  . LYS A 31 ? 0.5477 0.5637 0.5535 -0.0493 -0.0439 -0.0211 31 LYS A CG  
237 C CD  . LYS A 31 ? 0.6178 0.6628 0.6348 -0.0515 -0.0493 -0.0162 31 LYS A CD  
238 C CE  . LYS A 31 ? 0.6843 0.7384 0.7021 -0.0647 -0.0581 -0.0227 31 LYS A CE  
239 N NZ  . LYS A 31 ? 0.6783 0.7303 0.7085 -0.0779 -0.0581 -0.0229 31 LYS A NZ  
240 N N   . LEU A 32 ? 0.2357 0.2266 0.2362 -0.0193 -0.0243 -0.0060 32 LEU A N   
241 C CA  . LEU A 32 ? 0.2657 0.2533 0.2619 -0.0106 -0.0211 -0.0034 32 LEU A CA  
242 C C   . LEU A 32 ? 0.2713 0.2434 0.2637 -0.0088 -0.0180 -0.0043 32 LEU A C   
243 O O   . LEU A 32 ? 0.2297 0.1978 0.2172 -0.0035 -0.0165 -0.0048 32 LEU A O   
244 C CB  . LEU A 32 ? 0.2579 0.2545 0.2596 -0.0074 -0.0187 0.0022  32 LEU A CB  
245 C CG  . LEU A 32 ? 0.2416 0.2536 0.2472 -0.0044 -0.0200 0.0044  32 LEU A CG  
246 C CD1 . LEU A 32 ? 0.2219 0.2413 0.2331 -0.0021 -0.0161 0.0089  32 LEU A CD1 
247 C CD2 . LEU A 32 ? 0.2324 0.2426 0.2319 0.0025  -0.0201 0.0041  32 LEU A CD2 
248 N N   . ALA A 33 ? 0.2485 0.2125 0.2444 -0.0129 -0.0164 -0.0030 33 ALA A N   
249 C CA  . ALA A 33 ? 0.2868 0.2366 0.2806 -0.0098 -0.0133 -0.0024 33 ALA A CA  
250 C C   . ALA A 33 ? 0.2795 0.2189 0.2664 -0.0085 -0.0129 -0.0093 33 ALA A C   
251 O O   . ALA A 33 ? 0.2672 0.2018 0.2515 -0.0022 -0.0102 -0.0089 33 ALA A O   
252 C CB  . ALA A 33 ? 0.2112 0.1531 0.2100 -0.0141 -0.0114 0.0017  33 ALA A CB  
253 N N   . ASP A 34 ? 0.2808 0.2183 0.2646 -0.0147 -0.0157 -0.0159 34 ASP A N   
254 C CA  . ASP A 34 ? 0.3336 0.2618 0.3077 -0.0137 -0.0153 -0.0241 34 ASP A CA  
255 C C   . ASP A 34 ? 0.2918 0.2295 0.2599 -0.0069 -0.0151 -0.0237 34 ASP A C   
256 O O   . ASP A 34 ? 0.2603 0.1911 0.2216 -0.0018 -0.0115 -0.0269 34 ASP A O   
257 C CB  . ASP A 34 ? 0.3388 0.2666 0.3095 -0.0233 -0.0200 -0.0319 34 ASP A CB  
258 C CG  . ASP A 34 ? 0.4816 0.3931 0.4562 -0.0310 -0.0190 -0.0343 34 ASP A CG  
259 O OD1 . ASP A 34 ? 0.4607 0.3576 0.4379 -0.0267 -0.0136 -0.0306 34 ASP A OD1 
260 O OD2 . ASP A 34 ? 0.5281 0.4416 0.5039 -0.0416 -0.0237 -0.0390 34 ASP A OD2 
261 N N   . LYS A 35 ? 0.2551 0.2085 0.2263 -0.0064 -0.0180 -0.0194 35 LYS A N   
262 C CA  . LYS A 35 ? 0.3032 0.2639 0.2698 -0.0005 -0.0174 -0.0173 35 LYS A CA  
263 C C   . LYS A 35 ? 0.3076 0.2646 0.2770 0.0056  -0.0128 -0.0128 35 LYS A C   
264 O O   . LYS A 35 ? 0.2372 0.1938 0.2021 0.0100  -0.0100 -0.0129 35 LYS A O   
265 C CB  . LYS A 35 ? 0.3056 0.2811 0.2760 -0.0006 -0.0209 -0.0130 35 LYS A CB  
266 C CG  . LYS A 35 ? 0.4551 0.4373 0.4202 0.0047  -0.0208 -0.0103 35 LYS A CG  
267 C CD  . LYS A 35 ? 0.5879 0.5840 0.5577 0.0054  -0.0243 -0.0057 35 LYS A CD  
268 C CE  . LYS A 35 ? 0.7391 0.7416 0.7021 0.0102  -0.0250 -0.0025 35 LYS A CE  
269 N NZ  . LYS A 35 ? 0.8203 0.8162 0.7828 0.0155  -0.0200 0.0019  35 LYS A NZ  
270 N N   . VAL A 36 ? 0.2322 0.1886 0.2092 0.0053  -0.0121 -0.0085 36 VAL A N   
271 C CA  . VAL A 36 ? 0.2459 0.2010 0.2262 0.0097  -0.0093 -0.0043 36 VAL A CA  
272 C C   . VAL A 36 ? 0.2582 0.2045 0.2372 0.0132  -0.0054 -0.0062 36 VAL A C   
273 O O   . VAL A 36 ? 0.2548 0.2037 0.2344 0.0177  -0.0025 -0.0043 36 VAL A O   
274 C CB  . VAL A 36 ? 0.2563 0.2130 0.2425 0.0085  -0.0099 0.0003  36 VAL A CB  
275 C CG1 . VAL A 36 ? 0.2128 0.1694 0.2026 0.0121  -0.0082 0.0044  36 VAL A CG1 
276 C CG2 . VAL A 36 ? 0.2124 0.1777 0.1993 0.0073  -0.0118 0.0019  36 VAL A CG2 
277 N N   . LEU A 37 ? 0.2360 0.1715 0.2136 0.0112  -0.0047 -0.0098 37 LEU A N   
278 C CA  . LEU A 37 ? 0.2967 0.2209 0.2726 0.0159  0.0002  -0.0122 37 LEU A CA  
279 C C   . LEU A 37 ? 0.2994 0.2242 0.2665 0.0192  0.0029  -0.0175 37 LEU A C   
280 O O   . LEU A 37 ? 0.2651 0.1896 0.2332 0.0260  0.0081  -0.0162 37 LEU A O   
281 C CB  . LEU A 37 ? 0.3144 0.2229 0.2896 0.0121  0.0007  -0.0162 37 LEU A CB  
282 C CG  . LEU A 37 ? 0.3535 0.2456 0.3266 0.0179  0.0069  -0.0194 37 LEU A CG  
283 C CD1 . LEU A 37 ? 0.3526 0.2486 0.3352 0.0262  0.0103  -0.0102 37 LEU A CD1 
284 C CD2 . LEU A 37 ? 0.4121 0.2853 0.3844 0.0123  0.0072  -0.0236 37 LEU A CD2 
285 N N   . ALA A 38 ? 0.2799 0.2081 0.2386 0.0148  -0.0006 -0.0229 38 ALA A N   
286 C CA  . ALA A 38 ? 0.2910 0.2205 0.2381 0.0177  0.0018  -0.0276 38 ALA A CA  
287 C C   . ALA A 38 ? 0.3270 0.2680 0.2770 0.0229  0.0046  -0.0207 38 ALA A C   
288 O O   . ALA A 38 ? 0.2850 0.2259 0.2307 0.0285  0.0105  -0.0213 38 ALA A O   
289 C CB  . ALA A 38 ? 0.2977 0.2324 0.2358 0.0115  -0.0042 -0.0326 38 ALA A CB  
290 N N   . LEU A 39 ? 0.2806 0.2310 0.2380 0.0210  0.0011  -0.0140 39 LEU A N   
291 C CA  . LEU A 39 ? 0.2654 0.2248 0.2265 0.0238  0.0033  -0.0075 39 LEU A CA  
292 C C   . LEU A 39 ? 0.3151 0.2753 0.2860 0.0276  0.0074  -0.0033 39 LEU A C   
293 O O   . LEU A 39 ? 0.2506 0.2172 0.2237 0.0305  0.0116  0.0005  39 LEU A O   
294 C CB  . LEU A 39 ? 0.2213 0.1865 0.1868 0.0207  -0.0012 -0.0031 39 LEU A CB  
295 C CG  . LEU A 39 ? 0.2456 0.2151 0.2038 0.0189  -0.0050 -0.0044 39 LEU A CG  
296 C CD1 . LEU A 39 ? 0.2618 0.2351 0.2265 0.0171  -0.0085 -0.0008 39 LEU A CD1 
297 C CD2 . LEU A 39 ? 0.2796 0.2539 0.2304 0.0221  -0.0024 -0.0017 39 LEU A CD2 
298 N N   . LEU A 40 ? 0.2664 0.2221 0.2441 0.0271  0.0062  -0.0026 40 LEU A N   
299 C CA  . LEU A 40 ? 0.2681 0.2270 0.2558 0.0314  0.0092  0.0024  40 LEU A CA  
300 C C   . LEU A 40 ? 0.2452 0.2010 0.2308 0.0383  0.0165  0.0003  40 LEU A C   
301 O O   . LEU A 40 ? 0.2510 0.2164 0.2444 0.0426  0.0206  0.0054  40 LEU A O   
302 C CB  . LEU A 40 ? 0.2581 0.2118 0.2511 0.0305  0.0066  0.0042  40 LEU A CB  
303 C CG  . LEU A 40 ? 0.3539 0.3119 0.3578 0.0355  0.0085  0.0108  40 LEU A CG  
304 C CD1 . LEU A 40 ? 0.3437 0.3167 0.3555 0.0330  0.0049  0.0169  40 LEU A CD1 
305 C CD2 . LEU A 40 ? 0.3712 0.3200 0.3769 0.0358  0.0073  0.0125  40 LEU A CD2 
306 N N   . LYS A 41 ? 0.2557 0.1989 0.2308 0.0393  0.0186  -0.0076 41 LYS A N   
307 C CA  . LYS A 41 ? 0.2903 0.2282 0.2603 0.0468  0.0267  -0.0116 41 LYS A CA  
308 C C   . LYS A 41 ? 0.3109 0.2594 0.2745 0.0485  0.0303  -0.0110 41 LYS A C   
309 O O   . LYS A 41 ? 0.2699 0.2238 0.2364 0.0558  0.0382  -0.0088 41 LYS A O   
310 C CB  . LYS A 41 ? 0.3381 0.2572 0.2958 0.0457  0.0274  -0.0223 41 LYS A CB  
311 C CG  . LYS A 41 ? 0.4103 0.3155 0.3751 0.0463  0.0273  -0.0218 41 LYS A CG  
312 C CD  . LYS A 41 ? 0.6327 0.5168 0.5854 0.0431  0.0279  -0.0331 41 LYS A CD  
313 C CE  . LYS A 41 ? 0.7881 0.6538 0.7471 0.0483  0.0327  -0.0322 41 LYS A CE  
314 N NZ  . LYS A 41 ? 0.9073 0.7586 0.8586 0.0577  0.0425  -0.0395 41 LYS A NZ  
315 N N   . GLN A 42 ? 0.2771 0.2299 0.2327 0.0427  0.0255  -0.0118 42 GLN A N   
316 C CA  . GLN A 42 ? 0.2646 0.2274 0.2140 0.0443  0.0291  -0.0091 42 GLN A CA  
317 C C   . GLN A 42 ? 0.2579 0.2340 0.2223 0.0451  0.0315  0.0013  42 GLN A C   
318 O O   . GLN A 42 ? 0.2748 0.2594 0.2396 0.0493  0.0385  0.0050  42 GLN A O   
319 C CB  . GLN A 42 ? 0.2702 0.2353 0.2097 0.0386  0.0226  -0.0101 42 GLN A CB  
320 C CG  . GLN A 42 ? 0.3439 0.3008 0.2669 0.0368  0.0201  -0.0204 42 GLN A CG  
321 C CD  . GLN A 42 ? 0.4488 0.4126 0.3647 0.0319  0.0129  -0.0193 42 GLN A CD  
322 O OE1 . GLN A 42 ? 0.5544 0.5203 0.4786 0.0277  0.0068  -0.0161 42 GLN A OE1 
323 N NE2 . GLN A 42 ? 0.5875 0.5559 0.4873 0.0335  0.0141  -0.0213 42 GLN A NE2 
324 N N   . ALA A 43 ? 0.2335 0.2120 0.2100 0.0407  0.0257  0.0058  43 ALA A N   
325 C CA  . ALA A 43 ? 0.2316 0.2225 0.2226 0.0392  0.0265  0.0145  43 ALA A CA  
326 C C   . ALA A 43 ? 0.2611 0.2594 0.2630 0.0457  0.0328  0.0179  43 ALA A C   
327 O O   . ALA A 43 ? 0.2514 0.2628 0.2617 0.0467  0.0376  0.0243  43 ALA A O   
328 C CB  . ALA A 43 ? 0.2086 0.1991 0.2071 0.0330  0.0186  0.0164  43 ALA A CB  
329 N N   . TYR A 44 ? 0.2527 0.2435 0.2559 0.0505  0.0335  0.0146  44 TYR A N   
330 C CA  . TYR A 44 ? 0.2680 0.2661 0.2828 0.0589  0.0402  0.0187  44 TYR A CA  
331 C C   . TYR A 44 ? 0.2714 0.2709 0.2790 0.0665  0.0508  0.0162  44 TYR A C   
332 O O   . TYR A 44 ? 0.3008 0.3149 0.3203 0.0723  0.0578  0.0226  44 TYR A O   
333 C CB  . TYR A 44 ? 0.2656 0.2519 0.2824 0.0632  0.0390  0.0164  44 TYR A CB  
334 C CG  . TYR A 44 ? 0.3132 0.3087 0.3459 0.0726  0.0442  0.0235  44 TYR A CG  
335 C CD1 . TYR A 44 ? 0.3470 0.3658 0.3964 0.0728  0.0449  0.0330  44 TYR A CD1 
336 C CD2 . TYR A 44 ? 0.4005 0.3819 0.4326 0.0811  0.0483  0.0211  44 TYR A CD2 
337 C CE1 . TYR A 44 ? 0.3118 0.3429 0.3780 0.0822  0.0492  0.0407  44 TYR A CE1 
338 C CE2 . TYR A 44 ? 0.4436 0.4341 0.4913 0.0916  0.0534  0.0290  44 TYR A CE2 
339 C CZ  . TYR A 44 ? 0.3575 0.3747 0.4228 0.0925  0.0536  0.0391  44 TYR A CZ  
340 O OH  . TYR A 44 ? 0.3924 0.4224 0.4754 0.1036  0.0583  0.0482  44 TYR A OH  
341 N N   . ALA A 45 ? 0.2751 0.2615 0.2630 0.0663  0.0522  0.0072  45 ALA A N   
342 C CA  . ALA A 45 ? 0.3036 0.2914 0.2800 0.0729  0.0622  0.0039  45 ALA A CA  
343 C C   . ALA A 45 ? 0.3047 0.3109 0.2855 0.0707  0.0652  0.0127  45 ALA A C   
344 O O   . ALA A 45 ? 0.2616 0.2789 0.2459 0.0775  0.0754  0.0167  45 ALA A O   
345 C CB  . ALA A 45 ? 0.2967 0.2682 0.2492 0.0711  0.0605  -0.0080 45 ALA A CB  
346 N N   . ALA A 46 ? 0.2837 0.2923 0.2645 0.0613  0.0574  0.0164  46 ALA A N   
347 C CA  . ALA A 46 ? 0.2494 0.2725 0.2361 0.0578  0.0600  0.0261  46 ALA A CA  
348 C C   . ALA A 46 ? 0.3037 0.3435 0.3140 0.0581  0.0631  0.0354  46 ALA A C   
349 O O   . ALA A 46 ? 0.2849 0.3395 0.3019 0.0595  0.0710  0.0429  46 ALA A O   
350 C CB  . ALA A 46 ? 0.2323 0.2513 0.2164 0.0484  0.0510  0.0280  46 ALA A CB  
351 N N   . PHE A 47 ? 0.2887 0.3285 0.3121 0.0565  0.0568  0.0357  47 PHE A N   
352 C CA  . PHE A 47 ? 0.2791 0.3375 0.3259 0.0562  0.0576  0.0446  47 PHE A CA  
353 C C   . PHE A 47 ? 0.3172 0.3867 0.3710 0.0680  0.0692  0.0472  47 PHE A C   
354 O O   . PHE A 47 ? 0.2973 0.3877 0.3667 0.0684  0.0751  0.0563  47 PHE A O   
355 C CB  . PHE A 47 ? 0.2660 0.3211 0.3209 0.0532  0.0478  0.0439  47 PHE A CB  
356 C CG  . PHE A 47 ? 0.2833 0.3597 0.3616 0.0518  0.0458  0.0529  47 PHE A CG  
357 C CD1 . PHE A 47 ? 0.3390 0.4261 0.4275 0.0401  0.0395  0.0580  47 PHE A CD1 
358 C CD2 . PHE A 47 ? 0.3001 0.3851 0.3899 0.0620  0.0496  0.0562  47 PHE A CD2 
359 C CE1 . PHE A 47 ? 0.3950 0.5038 0.5049 0.0371  0.0360  0.0657  47 PHE A CE1 
360 C CE2 . PHE A 47 ? 0.3366 0.4448 0.4489 0.0607  0.0466  0.0656  47 PHE A CE2 
361 C CZ  . PHE A 47 ? 0.4210 0.5425 0.5435 0.0475  0.0392  0.0701  47 PHE A CZ  
362 N N   . LYS A 48 ? 0.2371 0.2925 0.2801 0.0779  0.0734  0.0393  48 LYS A N   
363 C CA  . LYS A 48 ? 0.3117 0.3742 0.3596 0.0913  0.0859  0.0405  48 LYS A CA  
364 C C   . LYS A 48 ? 0.3667 0.4373 0.4056 0.0944  0.0971  0.0415  48 LYS A C   
365 O O   . LYS A 48 ? 0.3803 0.4689 0.4315 0.1025  0.1080  0.0482  48 LYS A O   
366 C CB  . LYS A 48 ? 0.3605 0.4000 0.3957 0.1003  0.0883  0.0300  48 LYS A CB  
367 C CG  . LYS A 48 ? 0.4495 0.4837 0.4965 0.1002  0.0803  0.0321  48 LYS A CG  
368 C CD  . LYS A 48 ? 0.5994 0.6141 0.6405 0.1124  0.0869  0.0253  48 LYS A CD  
369 C CE  . LYS A 48 ? 0.6407 0.6628 0.7030 0.1191  0.0853  0.0345  48 LYS A CE  
370 N NZ  . LYS A 48 ? 0.6930 0.7106 0.7596 0.1358  0.0979  0.0344  48 LYS A NZ  
371 N N   . ALA A 49 ? 0.3498 0.4093 0.3674 0.0885  0.0948  0.0362  49 ALA A N   
372 C CA  . ALA A 49 ? 0.3473 0.4134 0.3520 0.0914  0.1049  0.0375  49 ALA A CA  
373 C C   . ALA A 49 ? 0.3827 0.4705 0.4028 0.0841  0.1065  0.0513  49 ALA A C   
374 O O   . ALA A 49 ? 0.4378 0.5338 0.4493 0.0860  0.1157  0.0552  49 ALA A O   
375 C CB  . ALA A 49 ? 0.3969 0.4449 0.3728 0.0880  0.1007  0.0275  49 ALA A CB  
376 N N   . GLY A 50 ? 0.3194 0.4161 0.3613 0.0751  0.0981  0.0586  50 GLY A N   
377 C CA  . GLY A 50 ? 0.3699 0.4852 0.4280 0.0663  0.0993  0.0711  50 GLY A CA  
378 C C   . GLY A 50 ? 0.3876 0.4936 0.4329 0.0565  0.0950  0.0729  50 GLY A C   
379 O O   . GLY A 50 ? 0.3000 0.4177 0.3501 0.0525  0.1012  0.0828  50 GLY A O   
380 N N   . ARG A 51 ? 0.3343 0.4197 0.3641 0.0531  0.0850  0.0645  51 ARG A N   
381 C CA  . ARG A 51 ? 0.3148 0.3914 0.3337 0.0455  0.0808  0.0672  51 ARG A CA  
382 C C   . ARG A 51 ? 0.2880 0.3674 0.3252 0.0332  0.0742  0.0745  51 ARG A C   
383 O O   . ARG A 51 ? 0.2898 0.3787 0.3467 0.0294  0.0708  0.0762  51 ARG A O   
384 C CB  . ARG A 51 ? 0.3451 0.4019 0.3436 0.0463  0.0727  0.0565  51 ARG A CB  
385 C CG  . ARG A 51 ? 0.3482 0.4002 0.3269 0.0559  0.0782  0.0480  51 ARG A CG  
386 C CD  . ARG A 51 ? 0.4803 0.5396 0.4449 0.0588  0.0873  0.0538  51 ARG A CD  
387 N NE  . ARG A 51 ? 0.7334 0.7957 0.6848 0.0694  0.0978  0.0478  51 ARG A NE  
388 C CZ  . ARG A 51 ? 0.9411 0.9906 0.8788 0.0750  0.0964  0.0342  51 ARG A CZ  
389 N NH1 . ARG A 51 ? 0.9657 1.0011 0.9035 0.0706  0.0851  0.0268  51 ARG A NH1 
390 N NH2 . ARG A 51 ? 0.9962 1.0461 0.9206 0.0849  0.1071  0.0279  51 ARG A NH2 
391 N N   . SER A 52 ? 0.2593 0.3299 0.2889 0.0271  0.0720  0.0786  52 SER A N   
392 C CA  . SER A 52 ? 0.2521 0.3209 0.2965 0.0151  0.0669  0.0846  52 SER A CA  
393 C C   . SER A 52 ? 0.2418 0.3003 0.2902 0.0107  0.0552  0.0761  52 SER A C   
394 O O   . SER A 52 ? 0.2539 0.3019 0.2894 0.0161  0.0505  0.0670  52 SER A O   
395 C CB  . SER A 52 ? 0.2755 0.3327 0.3090 0.0117  0.0678  0.0906  52 SER A CB  
396 O OG  . SER A 52 ? 0.2590 0.2998 0.2745 0.0154  0.0611  0.0828  52 SER A OG  
397 N N   . PRO A 53 ? 0.2636 0.3250 0.3287 0.0001  0.0503  0.0790  53 PRO A N   
398 C CA  . PRO A 53 ? 0.2619 0.3120 0.3268 -0.0046 0.0393  0.0710  53 PRO A CA  
399 C C   . PRO A 53 ? 0.2461 0.2748 0.2932 -0.0032 0.0356  0.0660  53 PRO A C   
400 O O   . PRO A 53 ? 0.2437 0.2640 0.2841 -0.0012 0.0290  0.0577  53 PRO A O   
401 C CB  . PRO A 53 ? 0.2767 0.3321 0.3595 -0.0181 0.0359  0.0754  53 PRO A CB  
402 C CG  . PRO A 53 ? 0.3465 0.4236 0.4450 -0.0191 0.0442  0.0855  53 PRO A CG  
403 C CD  . PRO A 53 ? 0.2528 0.3292 0.3376 -0.0088 0.0544  0.0892  53 PRO A CD  
404 N N   . GLU A 54 ? 0.2202 0.2420 0.2602 -0.0034 0.0402  0.0721  54 GLU A N   
405 C CA  . GLU A 54 ? 0.2477 0.2521 0.2726 -0.0007 0.0370  0.0694  54 GLU A CA  
406 C C   . GLU A 54 ? 0.2328 0.2368 0.2427 0.0089  0.0355  0.0622  54 GLU A C   
407 O O   . GLU A 54 ? 0.2114 0.2054 0.2144 0.0103  0.0293  0.0559  54 GLU A O   
408 C CB  . GLU A 54 ? 0.2844 0.2837 0.3047 -0.0011 0.0430  0.0799  54 GLU A CB  
409 C CG  . GLU A 54 ? 0.2997 0.2922 0.3333 -0.0121 0.0440  0.0866  54 GLU A CG  
410 C CD  . GLU A 54 ? 0.3384 0.3474 0.3863 -0.0174 0.0513  0.0960  54 GLU A CD  
411 O OE1 . GLU A 54 ? 0.3179 0.3452 0.3690 -0.0128 0.0544  0.0951  54 GLU A OE1 
412 O OE2 . GLU A 54 ? 0.3283 0.3316 0.3847 -0.0260 0.0546  0.1047  54 GLU A OE2 
413 N N   . GLU A 55 ? 0.2262 0.2410 0.2312 0.0153  0.0414  0.0629  55 GLU A N   
414 C CA  . GLU A 55 ? 0.2763 0.2890 0.2663 0.0230  0.0400  0.0548  55 GLU A CA  
415 C C   . GLU A 55 ? 0.2467 0.2567 0.2412 0.0230  0.0341  0.0458  55 GLU A C   
416 O O   . GLU A 55 ? 0.2483 0.2502 0.2340 0.0246  0.0287  0.0390  55 GLU A O   
417 C CB  . GLU A 55 ? 0.3433 0.3662 0.3257 0.0296  0.0487  0.0561  55 GLU A CB  
418 C CG  . GLU A 55 ? 0.5259 0.5446 0.4902 0.0362  0.0475  0.0467  55 GLU A CG  
419 C CD  . GLU A 55 ? 0.6817 0.7077 0.6317 0.0425  0.0563  0.0481  55 GLU A CD  
420 O OE1 . GLU A 55 ? 0.6213 0.6566 0.5755 0.0422  0.0639  0.0583  55 GLU A OE1 
421 O OE2 . GLU A 55 ? 0.7682 0.7904 0.7020 0.0472  0.0558  0.0388  55 GLU A OE2 
422 N N   . ILE A 56 ? 0.1979 0.2164 0.2074 0.0211  0.0349  0.0469  56 ILE A N   
423 C CA  . ILE A 56 ? 0.1646 0.1814 0.1787 0.0217  0.0296  0.0406  56 ILE A CA  
424 C C   . ILE A 56 ? 0.2170 0.2236 0.2300 0.0161  0.0213  0.0372  56 ILE A C   
425 O O   . ILE A 56 ? 0.2165 0.2164 0.2236 0.0179  0.0168  0.0310  56 ILE A O   
426 C CB  . ILE A 56 ? 0.2191 0.2504 0.2508 0.0210  0.0315  0.0447  56 ILE A CB  
427 C CG1 . ILE A 56 ? 0.2749 0.3165 0.3071 0.0290  0.0414  0.0474  56 ILE A CG1 
428 C CG2 . ILE A 56 ? 0.2236 0.2540 0.2603 0.0215  0.0253  0.0404  56 ILE A CG2 
429 C CD1 . ILE A 56 ? 0.3061 0.3672 0.3585 0.0275  0.0456  0.0557  56 ILE A CD1 
430 N N   . ARG A 57 ? 0.2242 0.2286 0.2429 0.0091  0.0198  0.0414  57 ARG A N   
431 C CA  . ARG A 57 ? 0.2219 0.2156 0.2392 0.0045  0.0132  0.0374  57 ARG A CA  
432 C C   . ARG A 57 ? 0.2338 0.2168 0.2382 0.0083  0.0119  0.0347  57 ARG A C   
433 O O   . ARG A 57 ? 0.2377 0.2139 0.2391 0.0078  0.0072  0.0297  57 ARG A O   
434 C CB  . ARG A 57 ? 0.1857 0.1771 0.2119 -0.0044 0.0126  0.0412  57 ARG A CB  
435 C CG  . ARG A 57 ? 0.2600 0.2642 0.3003 -0.0102 0.0102  0.0421  57 ARG A CG  
436 C CD  . ARG A 57 ? 0.2429 0.2456 0.2928 -0.0214 0.0089  0.0450  57 ARG A CD  
437 N NE  . ARG A 57 ? 0.2983 0.3156 0.3608 -0.0274 0.0038  0.0443  57 ARG A NE  
438 C CZ  . ARG A 57 ? 0.3084 0.3348 0.3850 -0.0378 0.0027  0.0483  57 ARG A CZ  
439 N NH1 . ARG A 57 ? 0.3716 0.3914 0.4517 -0.0439 0.0074  0.0535  57 ARG A NH1 
440 N NH2 . ARG A 57 ? 0.2949 0.3378 0.3826 -0.0428 -0.0033 0.0479  57 ARG A NH2 
441 N N   . ALA A 58 ? 0.2233 0.2064 0.2200 0.0123  0.0161  0.0385  58 ALA A N   
442 C CA  . ALA A 58 ? 0.2356 0.2128 0.2210 0.0165  0.0138  0.0369  58 ALA A CA  
443 C C   . ALA A 58 ? 0.2476 0.2262 0.2277 0.0194  0.0103  0.0291  58 ALA A C   
444 O O   . ALA A 58 ? 0.2498 0.2241 0.2270 0.0197  0.0060  0.0258  58 ALA A O   
445 C CB  . ALA A 58 ? 0.2535 0.2337 0.2302 0.0204  0.0183  0.0433  58 ALA A CB  
446 N N   . LEU A 59 ? 0.1992 0.1831 0.1787 0.0216  0.0128  0.0266  59 LEU A N   
447 C CA  . LEU A 59 ? 0.2195 0.2017 0.1949 0.0234  0.0101  0.0193  59 LEU A CA  
448 C C   . LEU A 59 ? 0.2601 0.2393 0.2430 0.0204  0.0057  0.0168  59 LEU A C   
449 O O   . LEU A 59 ? 0.2494 0.2250 0.2290 0.0200  0.0019  0.0126  59 LEU A O   
450 C CB  . LEU A 59 ? 0.1836 0.1690 0.1570 0.0274  0.0152  0.0172  59 LEU A CB  
451 C CG  . LEU A 59 ? 0.2881 0.2765 0.2492 0.0311  0.0197  0.0177  59 LEU A CG  
452 C CD1 . LEU A 59 ? 0.3009 0.2934 0.2623 0.0358  0.0274  0.0170  59 LEU A CD1 
453 C CD2 . LEU A 59 ? 0.3266 0.3110 0.2741 0.0314  0.0153  0.0113  59 LEU A CD2 
454 N N   . LEU A 60 ? 0.1891 0.1715 0.1821 0.0177  0.0059  0.0197  60 LEU A N   
455 C CA  . LEU A 60 ? 0.1966 0.1779 0.1946 0.0147  0.0015  0.0177  60 LEU A CA  
456 C C   . LEU A 60 ? 0.1988 0.1736 0.1934 0.0121  -0.0019 0.0162  60 LEU A C   
457 O O   . LEU A 60 ? 0.2396 0.2123 0.2327 0.0115  -0.0050 0.0131  60 LEU A O   
458 C CB  . LEU A 60 ? 0.2020 0.1911 0.2112 0.0117  0.0014  0.0213  60 LEU A CB  
459 C CG  . LEU A 60 ? 0.2082 0.2054 0.2232 0.0163  0.0049  0.0233  60 LEU A CG  
460 C CD1 . LEU A 60 ? 0.1800 0.1899 0.2087 0.0131  0.0047  0.0286  60 LEU A CD1 
461 C CD2 . LEU A 60 ? 0.2390 0.2324 0.2521 0.0195  0.0027  0.0203  60 LEU A CD2 
462 N N   . ARG A 61 ? 0.2558 0.2271 0.2491 0.0111  -0.0004 0.0190  61 ARG A N   
463 C CA  . ARG A 61 ? 0.2348 0.1984 0.2248 0.0108  -0.0021 0.0177  61 ARG A CA  
464 C C   . ARG A 61 ? 0.2653 0.2297 0.2497 0.0148  -0.0036 0.0153  61 ARG A C   
465 O O   . ARG A 61 ? 0.2642 0.2266 0.2478 0.0149  -0.0056 0.0126  61 ARG A O   
466 C CB  . ARG A 61 ? 0.2733 0.2308 0.2635 0.0102  0.0008  0.0225  61 ARG A CB  
467 C CG  . ARG A 61 ? 0.3491 0.2978 0.3352 0.0132  0.0006  0.0224  61 ARG A CG  
468 C CD  . ARG A 61 ? 0.3834 0.3247 0.3701 0.0103  -0.0012 0.0170  61 ARG A CD  
469 N NE  . ARG A 61 ? 0.4507 0.3867 0.4416 0.0031  -0.0013 0.0162  61 ARG A NE  
470 C CZ  . ARG A 61 ? 0.6270 0.5611 0.6178 -0.0018 -0.0042 0.0105  61 ARG A CZ  
471 N NH1 . ARG A 61 ? 0.6888 0.6199 0.6837 -0.0099 -0.0054 0.0096  61 ARG A NH1 
472 N NH2 . ARG A 61 ? 0.6715 0.6078 0.6576 0.0007  -0.0062 0.0058  61 ARG A NH2 
473 N N   . LYS A 62 ? 0.2485 0.2169 0.2282 0.0178  -0.0027 0.0163  62 LYS A N   
474 C CA  . LYS A 62 ? 0.2534 0.2250 0.2287 0.0197  -0.0052 0.0137  62 LYS A CA  
475 C C   . LYS A 62 ? 0.2294 0.2014 0.2070 0.0176  -0.0074 0.0091  62 LYS A C   
476 O O   . LYS A 62 ? 0.2411 0.2149 0.2190 0.0172  -0.0096 0.0075  62 LYS A O   
477 C CB  . LYS A 62 ? 0.2578 0.2338 0.2258 0.0219  -0.0045 0.0142  62 LYS A CB  
478 C CG  . LYS A 62 ? 0.4043 0.3815 0.3688 0.0248  -0.0025 0.0208  62 LYS A CG  
479 C CD  . LYS A 62 ? 0.5017 0.4840 0.4570 0.0267  -0.0006 0.0215  62 LYS A CD  
480 C CE  . LYS A 62 ? 0.5537 0.5419 0.5009 0.0270  -0.0052 0.0167  62 LYS A CE  
481 N NZ  . LYS A 62 ? 0.5961 0.5894 0.5447 0.0287  -0.0094 0.0203  62 LYS A NZ  
482 N N   . ALA A 63 ? 0.2628 0.2339 0.2430 0.0165  -0.0061 0.0083  63 ALA A N   
483 C CA  . ALA A 63 ? 0.2362 0.2064 0.2188 0.0151  -0.0075 0.0059  63 ALA A CA  
484 C C   . ALA A 63 ? 0.1962 0.1662 0.1815 0.0132  -0.0094 0.0064  63 ALA A C   
485 O O   . ALA A 63 ? 0.2332 0.2037 0.2186 0.0122  -0.0107 0.0052  63 ALA A O   
486 C CB  . ALA A 63 ? 0.2646 0.2346 0.2507 0.0164  -0.0053 0.0066  63 ALA A CB  
487 N N   . ILE A 64 ? 0.1864 0.1556 0.1733 0.0122  -0.0091 0.0077  64 ILE A N   
488 C CA  . ILE A 64 ? 0.2102 0.1780 0.1967 0.0102  -0.0106 0.0065  64 ILE A CA  
489 C C   . ILE A 64 ? 0.2475 0.2141 0.2310 0.0123  -0.0101 0.0053  64 ILE A C   
490 O O   . ILE A 64 ? 0.2309 0.1989 0.2132 0.0120  -0.0103 0.0040  64 ILE A O   
491 C CB  . ILE A 64 ? 0.2403 0.2058 0.2284 0.0071  -0.0108 0.0068  64 ILE A CB  
492 C CG1 . ILE A 64 ? 0.2845 0.2563 0.2780 0.0048  -0.0122 0.0089  64 ILE A CG1 
493 C CG2 . ILE A 64 ? 0.2572 0.2180 0.2409 0.0055  -0.0117 0.0034  64 ILE A CG2 
494 C CD1 . ILE A 64 ? 0.2963 0.2691 0.2945 0.0005  -0.0124 0.0103  64 ILE A CD1 
495 N N   . GLU A 65 ? 0.2229 0.1885 0.2057 0.0149  -0.0089 0.0066  65 GLU A N   
496 C CA  . GLU A 65 ? 0.2425 0.2097 0.2247 0.0184  -0.0082 0.0069  65 GLU A CA  
497 C C   . GLU A 65 ? 0.2867 0.2621 0.2706 0.0178  -0.0099 0.0063  65 GLU A C   
498 O O   . GLU A 65 ? 0.2512 0.2306 0.2368 0.0190  -0.0090 0.0061  65 GLU A O   
499 C CB  . GLU A 65 ? 0.2726 0.2389 0.2543 0.0224  -0.0072 0.0104  65 GLU A CB  
500 C CG  . GLU A 65 ? 0.4025 0.3583 0.3835 0.0224  -0.0047 0.0120  65 GLU A CG  
501 C CD  . GLU A 65 ? 0.5869 0.5341 0.5666 0.0216  -0.0033 0.0082  65 GLU A CD  
502 O OE1 . GLU A 65 ? 0.6822 0.6309 0.6616 0.0256  -0.0021 0.0069  65 GLU A OE1 
503 O OE2 . GLU A 65 ? 0.6326 0.5726 0.6119 0.0168  -0.0034 0.0062  65 GLU A OE2 
504 N N   . ALA A 66 ? 0.1960 0.1737 0.1800 0.0158  -0.0115 0.0058  66 ALA A N   
505 C CA  . ALA A 66 ? 0.2610 0.2439 0.2470 0.0130  -0.0132 0.0046  66 ALA A CA  
506 C C   . ALA A 66 ? 0.2596 0.2411 0.2474 0.0106  -0.0124 0.0047  66 ALA A C   
507 O O   . ALA A 66 ? 0.2059 0.1927 0.1967 0.0090  -0.0122 0.0055  66 ALA A O   
508 C CB  . ALA A 66 ? 0.2226 0.2041 0.2060 0.0110  -0.0146 0.0025  66 ALA A CB  
509 N N   . ALA A 67 ? 0.2202 0.1963 0.2066 0.0103  -0.0119 0.0049  67 ALA A N   
510 C CA  . ALA A 67 ? 0.1846 0.1608 0.1714 0.0086  -0.0116 0.0064  67 ALA A CA  
511 C C   . ALA A 67 ? 0.2023 0.1815 0.1866 0.0095  -0.0102 0.0063  67 ALA A C   
512 O O   . ALA A 67 ? 0.2407 0.2231 0.2245 0.0083  -0.0094 0.0082  67 ALA A O   
513 C CB  . ALA A 67 ? 0.1982 0.1716 0.1850 0.0087  -0.0122 0.0076  67 ALA A CB  
514 N N   . LYS A 68 ? 0.2308 0.2080 0.2129 0.0121  -0.0093 0.0044  68 LYS A N   
515 C CA  . LYS A 68 ? 0.2334 0.2113 0.2121 0.0142  -0.0067 0.0029  68 LYS A CA  
516 C C   . LYS A 68 ? 0.1956 0.1822 0.1787 0.0161  -0.0046 0.0048  68 LYS A C   
517 O O   . LYS A 68 ? 0.2301 0.2214 0.2116 0.0170  -0.0017 0.0051  68 LYS A O   
518 C CB  . LYS A 68 ? 0.2544 0.2242 0.2301 0.0167  -0.0056 0.0003  68 LYS A CB  
519 C CG  . LYS A 68 ? 0.2801 0.2434 0.2517 0.0128  -0.0075 -0.0022 68 LYS A CG  
520 C CD  . LYS A 68 ? 0.4350 0.3890 0.4068 0.0132  -0.0068 -0.0032 68 LYS A CD  
521 C CE  . LYS A 68 ? 0.5866 0.5312 0.5530 0.0162  -0.0032 -0.0073 68 LYS A CE  
522 N NZ  . LYS A 68 ? 0.7325 0.6639 0.6978 0.0138  -0.0029 -0.0091 68 LYS A NZ  
523 N N   . LYS A 69 ? 0.2263 0.2173 0.2149 0.0167  -0.0061 0.0063  69 LYS A N   
524 C CA  . LYS A 69 ? 0.2289 0.2320 0.2244 0.0170  -0.0053 0.0087  69 LYS A CA  
525 C C   . LYS A 69 ? 0.2074 0.2146 0.2057 0.0112  -0.0055 0.0104  69 LYS A C   
526 O O   . LYS A 69 ? 0.2320 0.2491 0.2350 0.0109  -0.0028 0.0130  69 LYS A O   
527 C CB  . LYS A 69 ? 0.2083 0.2171 0.2082 0.0173  -0.0086 0.0097  69 LYS A CB  
528 C CG  . LYS A 69 ? 0.2724 0.2787 0.2706 0.0240  -0.0078 0.0106  69 LYS A CG  
529 C CD  . LYS A 69 ? 0.3727 0.3854 0.3726 0.0237  -0.0120 0.0123  69 LYS A CD  
530 C CE  . LYS A 69 ? 0.4978 0.5107 0.4976 0.0314  -0.0109 0.0161  69 LYS A CE  
531 N NZ  . LYS A 69 ? 0.6177 0.6404 0.6177 0.0315  -0.0156 0.0190  69 LYS A NZ  
532 N N   . LEU A 70 ? 0.2128 0.2123 0.2092 0.0072  -0.0080 0.0098  70 LEU A N   
533 C CA  . LEU A 70 ? 0.2285 0.2278 0.2272 0.0022  -0.0076 0.0125  70 LEU A CA  
534 C C   . LEU A 70 ? 0.1839 0.1848 0.1787 0.0033  -0.0044 0.0154  70 LEU A C   
535 O O   . LEU A 70 ? 0.1931 0.2003 0.1912 0.0006  -0.0018 0.0195  70 LEU A O   
536 C CB  . LEU A 70 ? 0.2027 0.1912 0.1997 0.0001  -0.0098 0.0114  70 LEU A CB  
537 C CG  . LEU A 70 ? 0.2587 0.2416 0.2579 -0.0040 -0.0091 0.0147  70 LEU A CG  
538 C CD1 . LEU A 70 ? 0.2328 0.2198 0.2390 -0.0103 -0.0091 0.0156  70 LEU A CD1 
539 C CD2 . LEU A 70 ? 0.2745 0.2458 0.2718 -0.0030 -0.0102 0.0127  70 LEU A CD2 
540 N N   . ALA A 71 ? 0.2243 0.2204 0.2113 0.0065  -0.0043 0.0133  71 ALA A N   
541 C CA  . ALA A 71 ? 0.2354 0.2335 0.2152 0.0073  -0.0020 0.0149  71 ALA A CA  
542 C C   . ALA A 71 ? 0.2570 0.2637 0.2363 0.0102  0.0030  0.0148  71 ALA A C   
543 O O   . ALA A 71 ? 0.2133 0.2260 0.1893 0.0097  0.0064  0.0184  71 ALA A O   
544 C CB  . ALA A 71 ? 0.2088 0.2009 0.1804 0.0086  -0.0043 0.0111  71 ALA A CB  
545 N N   . LYS A 72 ? 0.2453 0.2536 0.2280 0.0139  0.0041  0.0118  72 LYS A N   
546 C CA  . LYS A 72 ? 0.2926 0.3096 0.2759 0.0187  0.0100  0.0121  72 LYS A CA  
547 C C   . LYS A 72 ? 0.2300 0.2616 0.2241 0.0156  0.0122  0.0183  72 LYS A C   
548 O O   . LYS A 72 ? 0.2271 0.2679 0.2202 0.0173  0.0180  0.0212  72 LYS A O   
549 C CB  . LYS A 72 ? 0.2748 0.2899 0.2607 0.0249  0.0109  0.0090  72 LYS A CB  
550 C CG  . LYS A 72 ? 0.3987 0.4221 0.3860 0.0325  0.0182  0.0092  72 LYS A CG  
551 C CD  . LYS A 72 ? 0.6604 0.6920 0.6596 0.0377  0.0183  0.0118  72 LYS A CD  
552 C CE  . LYS A 72 ? 0.8321 0.8803 0.8449 0.0315  0.0146  0.0176  72 LYS A CE  
553 N NZ  . LYS A 72 ? 0.7786 0.8450 0.8053 0.0364  0.0160  0.0223  72 LYS A NZ  
554 N N   . LEU A 73 ? 0.1631 0.1966 0.1668 0.0101  0.0077  0.0204  73 LEU A N   
555 C CA  . LEU A 73 ? 0.1886 0.2335 0.2028 0.0040  0.0088  0.0261  73 LEU A CA  
556 C C   . LEU A 73 ? 0.2271 0.2679 0.2366 -0.0002 0.0110  0.0306  73 LEU A C   
557 O O   . LEU A 73 ? 0.2197 0.2715 0.2342 -0.0027 0.0156  0.0366  73 LEU A O   
558 C CB  . LEU A 73 ? 0.2471 0.2914 0.2699 -0.0023 0.0027  0.0251  73 LEU A CB  
559 C CG  . LEU A 73 ? 0.2858 0.3424 0.3167 0.0005  0.0006  0.0242  73 LEU A CG  
560 C CD1 . LEU A 73 ? 0.2300 0.2838 0.2638 -0.0053 -0.0065 0.0212  73 LEU A CD1 
561 C CD2 . LEU A 73 ? 0.3694 0.4474 0.4131 -0.0002 0.0046  0.0298  73 LEU A CD2 
562 N N   . GLY A 74 ? 0.1930 0.2200 0.1936 -0.0006 0.0079  0.0292  74 GLY A N   
563 C CA  . GLY A 74 ? 0.2233 0.2471 0.2193 -0.0032 0.0093  0.0351  74 GLY A CA  
564 C C   . GLY A 74 ? 0.2238 0.2551 0.2099 0.0007  0.0146  0.0374  74 GLY A C   
565 O O   . GLY A 74 ? 0.2706 0.3053 0.2543 -0.0017 0.0177  0.0450  74 GLY A O   
566 N N   . ALA A 75 ? 0.2437 0.2764 0.2224 0.0068  0.0162  0.0310  75 ALA A N   
567 C CA  . ALA A 75 ? 0.2425 0.2819 0.2096 0.0108  0.0222  0.0311  75 ALA A CA  
568 C C   . ALA A 75 ? 0.2642 0.3192 0.2395 0.0103  0.0297  0.0379  75 ALA A C   
569 O O   . ALA A 75 ? 0.2899 0.3519 0.2563 0.0114  0.0353  0.0423  75 ALA A O   
570 C CB  . ALA A 75 ? 0.2743 0.3089 0.2328 0.0174  0.0235  0.0214  75 ALA A CB  
571 N N   . SER A 76 ? 0.2293 0.2920 0.2212 0.0083  0.0298  0.0395  76 SER A N   
572 C CA  . SER A 76 ? 0.2371 0.3181 0.2408 0.0064  0.0364  0.0469  76 SER A CA  
573 C C   . SER A 76 ? 0.2587 0.3409 0.2723 -0.0039 0.0352  0.0559  76 SER A C   
574 O O   . SER A 76 ? 0.2439 0.3380 0.2610 -0.0065 0.0418  0.0645  76 SER A O   
575 C CB  . SER A 76 ? 0.2587 0.3516 0.2772 0.0094  0.0368  0.0449  76 SER A CB  
576 O OG  . SER A 76 ? 0.3448 0.4362 0.3552 0.0202  0.0403  0.0382  76 SER A OG  
577 N N   . LEU A 77 ? 0.2519 0.3210 0.2700 -0.0098 0.0276  0.0542  77 LEU A N   
578 C CA  . LEU A 77 ? 0.2550 0.3222 0.2846 -0.0202 0.0265  0.0611  77 LEU A CA  
579 C C   . LEU A 77 ? 0.3054 0.3550 0.3269 -0.0225 0.0245  0.0650  77 LEU A C   
580 O O   . LEU A 77 ? 0.2829 0.3266 0.3125 -0.0306 0.0248  0.0714  77 LEU A O   
581 C CB  . LEU A 77 ? 0.2206 0.2866 0.2630 -0.0259 0.0201  0.0560  77 LEU A CB  
582 C CG  . LEU A 77 ? 0.1778 0.2632 0.2302 -0.0230 0.0204  0.0534  77 LEU A CG  
583 C CD1 . LEU A 77 ? 0.2399 0.3225 0.2992 -0.0270 0.0121  0.0470  77 LEU A CD1 
584 C CD2 . LEU A 77 ? 0.1867 0.2941 0.2535 -0.0276 0.0267  0.0620  77 LEU A CD2 
585 N N   . GLY A 78 ? 0.2203 0.2614 0.2270 -0.0158 0.0225  0.0618  78 GLY A N   
586 C CA  . GLY A 78 ? 0.2605 0.2875 0.2609 -0.0163 0.0200  0.0663  78 GLY A CA  
587 C C   . GLY A 78 ? 0.2706 0.2831 0.2709 -0.0150 0.0132  0.0587  78 GLY A C   
588 O O   . GLY A 78 ? 0.2480 0.2582 0.2556 -0.0172 0.0103  0.0519  78 GLY A O   
589 N N   . GLY A 79 ? 0.2464 0.2510 0.2381 -0.0111 0.0106  0.0607  79 GLY A N   
590 C CA  . GLY A 79 ? 0.2882 0.2815 0.2797 -0.0086 0.0054  0.0547  79 GLY A CA  
591 C C   . GLY A 79 ? 0.2836 0.2807 0.2663 -0.0034 0.0022  0.0476  79 GLY A C   
592 O O   . GLY A 79 ? 0.2509 0.2409 0.2346 -0.0015 -0.0016 0.0428  79 GLY A O   
593 N N   . PHE A 80 ? 0.2751 0.2821 0.2488 -0.0011 0.0043  0.0466  80 PHE A N   
594 C CA  . PHE A 80 ? 0.2578 0.2656 0.2228 0.0024  0.0016  0.0384  80 PHE A CA  
595 C C   . PHE A 80 ? 0.2400 0.2445 0.2002 0.0037  -0.0038 0.0396  80 PHE A C   
596 O O   . PHE A 80 ? 0.2394 0.2403 0.2005 0.0045  -0.0075 0.0335  80 PHE A O   
597 C CB  . PHE A 80 ? 0.2285 0.2451 0.1827 0.0046  0.0057  0.0365  80 PHE A CB  
598 C CG  . PHE A 80 ? 0.3129 0.3269 0.2570 0.0072  0.0034  0.0270  80 PHE A CG  
599 C CD1 . PHE A 80 ? 0.2826 0.2928 0.2300 0.0093  0.0044  0.0191  80 PHE A CD1 
600 C CD2 . PHE A 80 ? 0.3043 0.3196 0.2358 0.0071  -0.0002 0.0264  80 PHE A CD2 
601 C CE1 . PHE A 80 ? 0.3369 0.3413 0.2755 0.0108  0.0028  0.0107  80 PHE A CE1 
602 C CE2 . PHE A 80 ? 0.3303 0.3416 0.2527 0.0073  -0.0029 0.0167  80 PHE A CE2 
603 C CZ  . PHE A 80 ? 0.3611 0.3653 0.2872 0.0091  -0.0009 0.0087  80 PHE A CZ  
604 N N   . ASP A 81 ? 0.2210 0.2293 0.1768 0.0040  -0.0041 0.0486  81 ASP A N   
605 C CA  . ASP A 81 ? 0.2816 0.2918 0.2333 0.0057  -0.0097 0.0510  81 ASP A CA  
606 C C   . ASP A 81 ? 0.2596 0.2619 0.2230 0.0069  -0.0126 0.0507  81 ASP A C   
607 O O   . ASP A 81 ? 0.2271 0.2318 0.1909 0.0079  -0.0171 0.0476  81 ASP A O   
608 C CB  . ASP A 81 ? 0.2446 0.2613 0.1905 0.0069  -0.0095 0.0632  81 ASP A CB  
609 C CG  . ASP A 81 ? 0.3332 0.3607 0.2625 0.0066  -0.0080 0.0627  81 ASP A CG  
610 O OD1 . ASP A 81 ? 0.3119 0.3397 0.2360 0.0059  -0.0050 0.0531  81 ASP A OD1 
611 O OD2 . ASP A 81 ? 0.3342 0.3698 0.2550 0.0078  -0.0094 0.0721  81 ASP A OD2 
612 N N   . LEU A 82 ? 0.2445 0.2374 0.2175 0.0063  -0.0094 0.0536  82 LEU A N   
613 C CA  . LEU A 82 ? 0.2177 0.2017 0.1998 0.0082  -0.0105 0.0519  82 LEU A CA  
614 C C   . LEU A 82 ? 0.2037 0.1868 0.1869 0.0075  -0.0119 0.0412  82 LEU A C   
615 O O   . LEU A 82 ? 0.2216 0.2043 0.2078 0.0097  -0.0142 0.0392  82 LEU A O   
616 C CB  . LEU A 82 ? 0.2493 0.2209 0.2389 0.0067  -0.0067 0.0555  82 LEU A CB  
617 C CG  . LEU A 82 ? 0.3258 0.2940 0.3163 0.0080  -0.0045 0.0682  82 LEU A CG  
618 C CD1 . LEU A 82 ? 0.3250 0.2784 0.3231 0.0039  -0.0002 0.0699  82 LEU A CD1 
619 C CD2 . LEU A 82 ? 0.3361 0.3048 0.3290 0.0148  -0.0070 0.0747  82 LEU A CD2 
620 N N   . ALA A 83 ? 0.2115 0.1953 0.1929 0.0049  -0.0100 0.0357  83 ALA A N   
621 C CA  . ALA A 83 ? 0.2161 0.1988 0.1983 0.0051  -0.0108 0.0272  83 ALA A CA  
622 C C   . ALA A 83 ? 0.2416 0.2285 0.2184 0.0059  -0.0138 0.0239  83 ALA A C   
623 O O   . ALA A 83 ? 0.2276 0.2123 0.2070 0.0064  -0.0152 0.0200  83 ALA A O   
624 C CB  . ALA A 83 ? 0.2034 0.1884 0.1859 0.0034  -0.0082 0.0239  83 ALA A CB  
625 N N   . LYS A 84 ? 0.2511 0.2442 0.2196 0.0055  -0.0145 0.0252  84 LYS A N   
626 C CA  . LYS A 84 ? 0.2894 0.2856 0.2515 0.0043  -0.0181 0.0207  84 LYS A CA  
627 C C   . LYS A 84 ? 0.2676 0.2673 0.2353 0.0044  -0.0226 0.0240  84 LYS A C   
628 O O   . LYS A 84 ? 0.2349 0.2351 0.2043 0.0025  -0.0252 0.0196  84 LYS A O   
629 C CB  . LYS A 84 ? 0.2459 0.2484 0.1953 0.0035  -0.0183 0.0208  84 LYS A CB  
630 C CG  . LYS A 84 ? 0.2685 0.2736 0.2092 0.0007  -0.0230 0.0150  84 LYS A CG  
631 C CD  . LYS A 84 ? 0.3729 0.3832 0.2972 0.0000  -0.0225 0.0132  84 LYS A CD  
632 C CE  . LYS A 84 ? 0.4032 0.4153 0.3168 -0.0046 -0.0283 0.0056  84 LYS A CE  
633 N NZ  . LYS A 84 ? 0.4240 0.4484 0.3401 -0.0071 -0.0363 0.0121  84 LYS A NZ  
634 N N   . ARG A 85 ? 0.2078 0.2105 0.1799 0.0067  -0.0232 0.0325  85 ARG A N   
635 C CA  . ARG A 85 ? 0.2019 0.2103 0.1819 0.0086  -0.0266 0.0371  85 ARG A CA  
636 C C   . ARG A 85 ? 0.2408 0.2425 0.2303 0.0103  -0.0243 0.0342  85 ARG A C   
637 O O   . ARG A 85 ? 0.1924 0.2002 0.1882 0.0103  -0.0265 0.0341  85 ARG A O   
638 C CB  . ARG A 85 ? 0.2377 0.2491 0.2202 0.0126  -0.0267 0.0483  85 ARG A CB  
639 C CG  . ARG A 85 ? 0.3045 0.3244 0.2970 0.0166  -0.0299 0.0550  85 ARG A CG  
640 C CD  . ARG A 85 ? 0.3746 0.4112 0.3644 0.0131  -0.0373 0.0546  85 ARG A CD  
641 N NE  . ARG A 85 ? 0.5572 0.6014 0.5337 0.0108  -0.0408 0.0573  85 ARG A NE  
642 C CZ  . ARG A 85 ? 0.6226 0.6761 0.5980 0.0147  -0.0430 0.0689  85 ARG A CZ  
643 N NH1 . ARG A 85 ? 0.5706 0.6250 0.5588 0.0217  -0.0419 0.0793  85 ARG A NH1 
644 N NH2 . ARG A 85 ? 0.6403 0.7017 0.6010 0.0122  -0.0459 0.0708  85 ARG A NH2 
645 N N   . ILE A 86 ? 0.2013 0.1924 0.1921 0.0111  -0.0198 0.0317  86 ILE A N   
646 C CA  . ILE A 86 ? 0.1994 0.1846 0.1957 0.0126  -0.0175 0.0278  86 ILE A CA  
647 C C   . ILE A 86 ? 0.1993 0.1868 0.1942 0.0099  -0.0187 0.0221  86 ILE A C   
648 O O   . ILE A 86 ? 0.1980 0.1875 0.1984 0.0109  -0.0184 0.0219  86 ILE A O   
649 C CB  . ILE A 86 ? 0.1978 0.1727 0.1934 0.0123  -0.0139 0.0252  86 ILE A CB  
650 C CG1 . ILE A 86 ? 0.2296 0.1978 0.2286 0.0146  -0.0118 0.0308  86 ILE A CG1 
651 C CG2 . ILE A 86 ? 0.2294 0.1998 0.2262 0.0129  -0.0122 0.0195  86 ILE A CG2 
652 C CD1 . ILE A 86 ? 0.2186 0.1779 0.2166 0.0111  -0.0095 0.0288  86 ILE A CD1 
653 N N   . ILE A 87 ? 0.1944 0.1812 0.1821 0.0070  -0.0193 0.0179  87 ILE A N   
654 C CA  . ILE A 87 ? 0.2303 0.2158 0.2164 0.0045  -0.0199 0.0129  87 ILE A CA  
655 C C   . ILE A 87 ? 0.2176 0.2107 0.2070 0.0016  -0.0238 0.0141  87 ILE A C   
656 O O   . ILE A 87 ? 0.2075 0.2006 0.2016 -0.0001 -0.0237 0.0130  87 ILE A O   
657 C CB  . ILE A 87 ? 0.2318 0.2140 0.2093 0.0033  -0.0190 0.0083  87 ILE A CB  
658 C CG1 . ILE A 87 ? 0.2152 0.1937 0.1932 0.0058  -0.0154 0.0078  87 ILE A CG1 
659 C CG2 . ILE A 87 ? 0.2591 0.2368 0.2341 0.0006  -0.0196 0.0032  87 ILE A CG2 
660 C CD1 . ILE A 87 ? 0.2121 0.1909 0.1837 0.0065  -0.0132 0.0056  87 ILE A CD1 
661 N N   . GLU A 88 ? 0.2353 0.2365 0.2223 0.0005  -0.0277 0.0172  88 GLU A N   
662 C CA  . GLU A 88 ? 0.2278 0.2401 0.2190 -0.0034 -0.0330 0.0187  88 GLU A CA  
663 C C   . GLU A 88 ? 0.2584 0.2777 0.2634 -0.0004 -0.0321 0.0244  88 GLU A C   
664 O O   . GLU A 88 ? 0.2204 0.2471 0.2328 -0.0043 -0.0342 0.0245  88 GLU A O   
665 C CB  . GLU A 88 ? 0.2671 0.2893 0.2518 -0.0045 -0.0380 0.0220  88 GLU A CB  
666 C CG  . GLU A 88 ? 0.3386 0.3557 0.3078 -0.0081 -0.0386 0.0149  88 GLU A CG  
667 C CD  . GLU A 88 ? 0.4133 0.4387 0.3728 -0.0072 -0.0412 0.0192  88 GLU A CD  
668 O OE1 . GLU A 88 ? 0.4099 0.4456 0.3755 -0.0041 -0.0437 0.0288  88 GLU A OE1 
669 O OE2 . GLU A 88 ? 0.4598 0.4813 0.4051 -0.0089 -0.0401 0.0136  88 GLU A OE2 
670 N N   . LEU A 89 ? 0.2211 0.2377 0.2301 0.0063  -0.0284 0.0290  89 LEU A N   
671 C CA  . LEU A 89 ? 0.1992 0.2205 0.2202 0.0112  -0.0257 0.0338  89 LEU A CA  
672 C C   . LEU A 89 ? 0.1995 0.2152 0.2226 0.0105  -0.0213 0.0294  89 LEU A C   
673 O O   . LEU A 89 ? 0.2170 0.2415 0.2497 0.0110  -0.0202 0.0321  89 LEU A O   
674 C CB  . LEU A 89 ? 0.1604 0.1754 0.1830 0.0186  -0.0218 0.0382  89 LEU A CB  
675 C CG  . LEU A 89 ? 0.2414 0.2639 0.2651 0.0214  -0.0252 0.0465  89 LEU A CG  
676 C CD1 . LEU A 89 ? 0.2690 0.2785 0.2926 0.0276  -0.0202 0.0499  89 LEU A CD1 
677 C CD2 . LEU A 89 ? 0.2717 0.3132 0.3074 0.0238  -0.0288 0.0540  89 LEU A CD2 
678 N N   . LEU A 90 ? 0.2173 0.2203 0.2318 0.0098  -0.0187 0.0238  90 LEU A N   
679 C CA  . LEU A 90 ? 0.1947 0.1930 0.2091 0.0093  -0.0152 0.0208  90 LEU A CA  
680 C C   . LEU A 90 ? 0.2404 0.2438 0.2582 0.0031  -0.0173 0.0204  90 LEU A C   
681 O O   . LEU A 90 ? 0.2208 0.2271 0.2444 0.0028  -0.0143 0.0223  90 LEU A O   
682 C CB  . LEU A 90 ? 0.1876 0.1746 0.1929 0.0095  -0.0135 0.0160  90 LEU A CB  
683 C CG  . LEU A 90 ? 0.2041 0.1848 0.2062 0.0132  -0.0113 0.0149  90 LEU A CG  
684 C CD1 . LEU A 90 ? 0.1948 0.1697 0.1898 0.0117  -0.0116 0.0111  90 LEU A CD1 
685 C CD2 . LEU A 90 ? 0.2470 0.2257 0.2508 0.0173  -0.0070 0.0148  90 LEU A CD2 
686 N N   . LYS A 91 ? 0.2316 0.2351 0.2450 -0.0023 -0.0220 0.0179  91 LYS A N   
687 C CA  . LYS A 91 ? 0.2277 0.2332 0.2436 -0.0100 -0.0245 0.0161  91 LYS A CA  
688 C C   . LYS A 91 ? 0.2612 0.2837 0.2905 -0.0127 -0.0271 0.0217  91 LYS A C   
689 O O   . LYS A 91 ? 0.2407 0.2664 0.2774 -0.0184 -0.0267 0.0226  91 LYS A O   
690 C CB  . LYS A 91 ? 0.2415 0.2417 0.2473 -0.0151 -0.0288 0.0103  91 LYS A CB  
691 C CG  . LYS A 91 ? 0.2707 0.2552 0.2659 -0.0129 -0.0253 0.0049  91 LYS A CG  
692 C CD  . LYS A 91 ? 0.3236 0.3033 0.3076 -0.0166 -0.0282 -0.0014 91 LYS A CD  
693 C CE  . LYS A 91 ? 0.4723 0.4361 0.4487 -0.0149 -0.0239 -0.0068 91 LYS A CE  
694 N NZ  . LYS A 91 ? 0.5571 0.5176 0.5215 -0.0127 -0.0234 -0.0115 91 LYS A NZ  
695 N N   . LYS A 92 ? 0.2030 0.2374 0.2371 -0.0087 -0.0295 0.0266  92 LYS A N   
696 C CA  . LYS A 92 ? 0.2293 0.2834 0.2788 -0.0093 -0.0316 0.0335  92 LYS A CA  
697 C C   . LYS A 92 ? 0.2448 0.3013 0.3041 -0.0040 -0.0240 0.0374  92 LYS A C   
698 O O   . LYS A 92 ? 0.2008 0.2709 0.2730 -0.0080 -0.0237 0.0415  92 LYS A O   
699 C CB  . LYS A 92 ? 0.3180 0.3837 0.3703 -0.0037 -0.0352 0.0395  92 LYS A CB  
700 C CG  . LYS A 92 ? 0.3529 0.4246 0.3973 -0.0102 -0.0440 0.0377  92 LYS A CG  
701 C CD  . LYS A 92 ? 0.4598 0.5393 0.5035 -0.0031 -0.0463 0.0450  92 LYS A CD  
702 C CE  . LYS A 92 ? 0.5756 0.6764 0.6217 -0.0086 -0.0563 0.0488  92 LYS A CE  
703 N NZ  . LYS A 92 ? 0.6559 0.7554 0.6880 -0.0066 -0.0599 0.0504  92 LYS A NZ  
704 N N   . MET A 93 ? 0.2143 0.2587 0.2674 0.0041  -0.0176 0.0361  93 MET A N   
705 C CA  . MET A 93 ? 0.2243 0.2693 0.2823 0.0093  -0.0098 0.0382  93 MET A CA  
706 C C   . MET A 93 ? 0.1946 0.2351 0.2509 0.0029  -0.0076 0.0364  93 MET A C   
707 O O   . MET A 93 ? 0.2045 0.2540 0.2698 0.0032  -0.0027 0.0408  93 MET A O   
708 C CB  . MET A 93 ? 0.2316 0.2628 0.2803 0.0178  -0.0047 0.0352  93 MET A CB  
709 C CG  . MET A 93 ? 0.2690 0.3042 0.3235 0.0264  -0.0030 0.0393  93 MET A CG  
710 S SD  . MET A 93 ? 0.2780 0.2923 0.3201 0.0334  0.0018  0.0338  93 MET A SD  
711 C CE  . MET A 93 ? 0.2720 0.2800 0.3071 0.0289  -0.0053 0.0329  93 MET A CE  
712 N N   . TYR A 94 ? 0.1764 0.2032 0.2218 -0.0021 -0.0104 0.0309  94 TYR A N   
713 C CA  . TYR A 94 ? 0.2266 0.2467 0.2706 -0.0079 -0.0084 0.0302  94 TYR A CA  
714 C C   . TYR A 94 ? 0.2491 0.2815 0.3066 -0.0167 -0.0104 0.0343  94 TYR A C   
715 O O   . TYR A 94 ? 0.2091 0.2441 0.2729 -0.0190 -0.0054 0.0386  94 TYR A O   
716 C CB  . TYR A 94 ? 0.2189 0.2225 0.2505 -0.0107 -0.0112 0.0239  94 TYR A CB  
717 C CG  . TYR A 94 ? 0.2240 0.2160 0.2526 -0.0147 -0.0086 0.0237  94 TYR A CG  
718 C CD1 . TYR A 94 ? 0.2097 0.2010 0.2447 -0.0244 -0.0103 0.0242  94 TYR A CD1 
719 C CD2 . TYR A 94 ? 0.2144 0.1958 0.2342 -0.0091 -0.0046 0.0233  94 TYR A CD2 
720 C CE1 . TYR A 94 ? 0.2768 0.2541 0.3093 -0.0276 -0.0071 0.0249  94 TYR A CE1 
721 C CE2 . TYR A 94 ? 0.2188 0.1892 0.2362 -0.0112 -0.0019 0.0249  94 TYR A CE2 
722 C CZ  . TYR A 94 ? 0.2792 0.2461 0.3030 -0.0202 -0.0026 0.0260  94 TYR A CZ  
723 O OH  . TYR A 94 ? 0.3100 0.2629 0.3318 -0.0221 0.0009  0.0286  94 TYR A OH  
724 N N   . GLU A 95 ? 0.2195 0.2611 0.2817 -0.0225 -0.0178 0.0334  95 GLU A N   
725 C CA  . GLU A 95 ? 0.2390 0.2946 0.3151 -0.0330 -0.0213 0.0367  95 GLU A CA  
726 C C   . GLU A 95 ? 0.2694 0.3461 0.3629 -0.0293 -0.0165 0.0458  95 GLU A C   
727 O O   . GLU A 95 ? 0.2695 0.3556 0.3757 -0.0371 -0.0148 0.0503  95 GLU A O   
728 C CB  . GLU A 95 ? 0.3387 0.4031 0.4145 -0.0396 -0.0314 0.0336  95 GLU A CB  
729 C CG  . GLU A 95 ? 0.5484 0.5937 0.6092 -0.0471 -0.0357 0.0239  95 GLU A CG  
730 C CD  . GLU A 95 ? 0.8537 0.8889 0.9174 -0.0585 -0.0349 0.0216  95 GLU A CD  
731 O OE1 . GLU A 95 ? 0.9445 0.9897 1.0164 -0.0708 -0.0413 0.0206  95 GLU A OE1 
732 O OE2 . GLU A 95 ? 0.9696 0.9872 1.0281 -0.0556 -0.0280 0.0213  95 GLU A OE2 
733 N N   . LEU A 96 ? 0.2064 0.2903 0.3016 -0.0175 -0.0132 0.0490  96 LEU A N   
734 C CA  . LEU A 96 ? 0.2288 0.3321 0.3399 -0.0112 -0.0070 0.0574  96 LEU A CA  
735 C C   . LEU A 96 ? 0.3222 0.4187 0.4300 -0.0066 0.0038  0.0589  96 LEU A C   
736 O O   . LEU A 96 ? 0.3517 0.4648 0.4727 -0.0024 0.0106  0.0659  96 LEU A O   
737 C CB  . LEU A 96 ? 0.2714 0.3812 0.3844 0.0010  -0.0064 0.0598  96 LEU A CB  
738 C CG  . LEU A 96 ? 0.2651 0.3882 0.3838 -0.0015 -0.0164 0.0619  96 LEU A CG  
739 C CD1 . LEU A 96 ? 0.3270 0.4452 0.4408 0.0112  -0.0149 0.0633  96 LEU A CD1 
740 C CD2 . LEU A 96 ? 0.3607 0.5144 0.5024 -0.0060 -0.0193 0.0707  96 LEU A CD2 
741 N N   . GLY A 97 ? 0.2718 0.3464 0.3628 -0.0066 0.0057  0.0532  97 GLY A N   
742 C CA  . GLY A 97 ? 0.4050 0.4744 0.4906 -0.0022 0.0150  0.0553  97 GLY A CA  
743 C C   . GLY A 97 ? 0.5431 0.6236 0.6415 -0.0100 0.0191  0.0628  97 GLY A C   
744 O O   . GLY A 97 ? 0.5448 0.6296 0.6431 -0.0052 0.0284  0.0678  97 GLY A O   
745 N N   . GLY A 98 ? 0.6171 0.7020 0.7256 -0.0226 0.0125  0.0638  98 GLY A N   
746 C CA  . GLY A 98 ? 0.5690 0.6624 0.6910 -0.0330 0.0156  0.0710  98 GLY A CA  
747 C C   . GLY A 98 ? 0.5105 0.6333 0.6542 -0.0321 0.0205  0.0806  98 GLY A C   
748 O O   . GLY A 98 ? 0.5443 0.6763 0.7008 -0.0408 0.0247  0.0881  98 GLY A O   
749 N N   . LEU A 99 ? 0.4046 0.5425 0.5541 -0.0216 0.0208  0.0814  99 LEU A N   
750 C CA  . LEU A 99 ? 0.4483 0.6158 0.6193 -0.0174 0.0273  0.0913  99 LEU A CA  
751 C C   . LEU A 99 ? 0.4592 0.6290 0.6298 -0.0138 0.0407  0.0976  99 LEU A C   
752 O O   . LEU A 99 ? 0.4378 0.6303 0.6284 -0.0188 0.0459  0.1075  99 LEU A O   
753 C CB  . LEU A 99 ? 0.4058 0.5813 0.5777 -0.0022 0.0286  0.0908  99 LEU A CB  
754 C CG  . LEU A 99 ? 0.4315 0.6249 0.6176 -0.0039 0.0183  0.0928  99 LEU A CG  
755 C CD1 . LEU A 99 ? 0.3827 0.5848 0.5729 0.0139  0.0237  0.0956  99 LEU A CD1 
756 C CD2 . LEU A 99 ? 0.4591 0.6818 0.6710 -0.0167 0.0147  0.1014  99 LEU A CD2 
# 
